data_3FYI
#
_entry.id   3FYI
#
_cell.length_a   124.344
_cell.length_b   131.877
_cell.length_c   176.160
_cell.angle_alpha   90.00
_cell.angle_beta   90.00
_cell.angle_gamma   90.00
#
_symmetry.space_group_name_H-M   'P 21 21 21'
#
loop_
_entity.id
_entity.type
_entity.pdbx_description
1 polymer 'Cytochrome c oxidase subunit 1'
2 polymer 'Cytochrome c oxidase subunit 2'
3 non-polymer HEME-A
4 non-polymer 'COPPER (I) ION'
5 non-polymer 'MAGNESIUM ION'
6 non-polymer 'CALCIUM ION'
7 non-polymer 'CYANIDE ION'
8 non-polymer DECYL-BETA-D-MALTOPYRANOSIDE
9 non-polymer TRIDECANE
10 non-polymer HEPTANE-1,2,3-TRIOL
11 non-polymer 'CADMIUM ION'
12 water water
#
loop_
_entity_poly.entity_id
_entity_poly.type
_entity_poly.pdbx_seq_one_letter_code
_entity_poly.pdbx_strand_id
1 'polypeptide(L)'
;MADAAIHGHEHDRRGFFTRWFMSTNHKDIGVLYLFTGGLVGLISVAFTVYMRMELMAPGVQFMCAEHLESGLVKGFFQSL
WPSAVENCTPNGHLWNVMITGHGILMMFFVVIPALFGGFGNYFMPLHIGAPDMAFPRMNNLSYWLYVAGTSLAVASLFAP
GGNGQLGSGIGWVLYPPLSTSESGYSTDLAIFAVHLSGASSILGAINMITTFLNMRAPGMTMHKVPLFAWSIFVTAWLIL
LALPVLAGAITMLLTDRNFGTTFFQPSGGGDPVLYQHILWFFGHPEVYIIVLPAFGIVSHVIATFAKKPIFGYLPMVYAM
VAIGVLGFVVWAHHMYTAGLSLTQQSYFMMATMVIAVPTGIKIFSWIATMWGGSIELKTPMLWALGFLFLFTVGGVTGIV
LSQASVDRYYHDTYYVVAHFHYVMSLGAVFGIFAGIYFWIGKMSGRQYPEWAGKLHFWMMFVGANLTFFPQHFLGRQGMP
RRYIDYPEAFATWNFVSSLGAFLSFASFLFFLGVIFYTLTRGARVTANNYWNEHADTLEWTLTSPPPEHTFEQLPKREDW
ERAPAH
;
A,C
2 'polypeptide(L)'
;QQQSLEIIGRPQPGGTGFQPSASPVATQIHWLDGFILVIIAAITIFVTLLILYAVWRFHEKRNKVPARFTHNSPLEIAWT
IVPIVILVAIGAFSLPVLFNQQEIPEADVTVKVTGYQWYWGYEYPDEEISFESYMIGSPATGGDNRMSPEVEQQLIEAGY
SRDEFLLATDTAMVVPVNKTVVVQVTGADVIHSWTVPAFGVKQDAVPGRLAQLWFRAEREGIFFGQCSELCGISHAYMPI
TVKVVSEEAYAAWLEQHHHHHH
;
B,D
#
loop_
_chem_comp.id
_chem_comp.type
_chem_comp.name
_chem_comp.formula
CA non-polymer 'CALCIUM ION' 'Ca 2'
CD non-polymer 'CADMIUM ION' 'Cd 2'
CU1 non-polymer 'COPPER (I) ION' 'Cu 1'
CYN non-polymer 'CYANIDE ION' 'C N -1'
DMU D-saccharide DECYL-BETA-D-MALTOPYRANOSIDE 'C22 H42 O11'
HEA non-polymer HEME-A 'C49 H56 Fe N4 O6'
HTO non-polymer HEPTANE-1,2,3-TRIOL 'C7 H16 O3'
MG non-polymer 'MAGNESIUM ION' 'Mg 2'
TRD non-polymer TRIDECANE 'C13 H28'
#
# COMPACT_ATOMS: atom_id res chain seq x y z
N PHE A 17 58.82 -26.76 -25.18
CA PHE A 17 57.38 -27.11 -24.97
C PHE A 17 56.68 -26.17 -23.97
N THR A 18 57.20 -24.94 -23.86
CA THR A 18 56.53 -23.85 -23.14
C THR A 18 56.24 -22.71 -24.13
N ARG A 19 56.54 -22.97 -25.41
CA ARG A 19 56.08 -22.14 -26.52
C ARG A 19 54.69 -22.65 -26.98
N TRP A 20 54.10 -23.53 -26.18
CA TRP A 20 52.72 -23.97 -26.34
C TRP A 20 51.77 -22.93 -25.78
N PHE A 21 52.14 -22.42 -24.60
CA PHE A 21 51.31 -21.51 -23.83
C PHE A 21 51.38 -20.07 -24.32
N MET A 22 52.42 -19.75 -25.08
CA MET A 22 52.59 -18.42 -25.65
C MET A 22 52.10 -18.34 -27.10
N SER A 23 51.52 -19.44 -27.60
CA SER A 23 51.03 -19.49 -28.97
C SER A 23 49.73 -18.72 -29.13
N THR A 24 49.54 -18.15 -30.32
CA THR A 24 48.38 -17.32 -30.60
C THR A 24 47.48 -17.98 -31.64
N ASN A 25 47.95 -19.08 -32.20
CA ASN A 25 47.18 -19.82 -33.20
C ASN A 25 45.95 -20.51 -32.60
N HIS A 26 44.80 -20.33 -33.25
CA HIS A 26 43.54 -20.86 -32.76
C HIS A 26 43.56 -22.36 -32.47
N LYS A 27 44.32 -23.11 -33.27
CA LYS A 27 44.44 -24.57 -33.11
C LYS A 27 45.19 -24.93 -31.83
N ASP A 28 46.28 -24.22 -31.55
CA ASP A 28 47.05 -24.43 -30.31
C ASP A 28 46.27 -24.01 -29.07
N ILE A 29 45.49 -22.93 -29.19
CA ILE A 29 44.67 -22.43 -28.09
C ILE A 29 43.52 -23.41 -27.83
N GLY A 30 42.85 -23.85 -28.89
CA GLY A 30 41.88 -24.94 -28.81
C GLY A 30 42.37 -26.14 -28.03
N VAL A 31 43.56 -26.62 -28.38
CA VAL A 31 44.16 -27.79 -27.72
C VAL A 31 44.43 -27.54 -26.22
N LEU A 32 44.94 -26.35 -25.89
CA LEU A 32 45.20 -25.99 -24.49
C LEU A 32 43.90 -25.99 -23.68
N TYR A 33 42.85 -25.39 -24.23
CA TYR A 33 41.55 -25.38 -23.59
C TYR A 33 40.99 -26.78 -23.33
N LEU A 34 41.15 -27.66 -24.31
CA LEU A 34 40.64 -29.04 -24.22
C LEU A 34 41.36 -29.82 -23.13
N PHE A 35 42.70 -29.76 -23.14
CA PHE A 35 43.49 -30.45 -22.13
C PHE A 35 43.22 -29.89 -20.73
N THR A 36 43.08 -28.56 -20.64
CA THR A 36 42.91 -27.90 -19.35
C THR A 36 41.52 -28.23 -18.80
N GLY A 37 40.51 -28.10 -19.66
CA GLY A 37 39.15 -28.51 -19.35
C GLY A 37 39.04 -29.94 -18.87
N GLY A 38 39.77 -30.84 -19.54
CA GLY A 38 39.81 -32.26 -19.13
C GLY A 38 40.45 -32.47 -17.76
N LEU A 39 41.49 -31.70 -17.46
CA LEU A 39 42.17 -31.85 -16.18
C LEU A 39 41.31 -31.29 -15.04
N VAL A 40 40.70 -30.13 -15.26
CA VAL A 40 39.79 -29.56 -14.27
C VAL A 40 38.58 -30.48 -14.12
N GLY A 41 38.12 -31.02 -15.25
CA GLY A 41 37.05 -32.00 -15.28
C GLY A 41 37.34 -33.19 -14.39
N LEU A 42 38.57 -33.72 -14.46
CA LEU A 42 39.01 -34.81 -13.58
C LEU A 42 38.94 -34.45 -12.08
N ILE A 43 39.37 -33.23 -11.73
CA ILE A 43 39.31 -32.76 -10.35
C ILE A 43 37.85 -32.70 -9.87
N SER A 44 36.98 -32.10 -10.68
CA SER A 44 35.58 -31.97 -10.34
C SER A 44 34.81 -33.32 -10.29
N VAL A 45 35.13 -34.22 -11.22
CA VAL A 45 34.60 -35.59 -11.17
C VAL A 45 35.07 -36.31 -9.88
N ALA A 46 36.33 -36.10 -9.50
CA ALA A 46 36.85 -36.68 -8.25
C ALA A 46 36.05 -36.23 -7.02
N PHE A 47 35.70 -34.94 -6.98
CA PHE A 47 34.78 -34.40 -5.97
C PHE A 47 33.47 -35.18 -5.94
N THR A 48 32.87 -35.43 -7.12
CA THR A 48 31.60 -36.19 -7.17
C THR A 48 31.75 -37.62 -6.65
N VAL A 49 32.90 -38.24 -6.84
CA VAL A 49 33.16 -39.56 -6.30
C VAL A 49 33.15 -39.53 -4.76
N TYR A 50 33.86 -38.55 -4.20
CA TYR A 50 33.88 -38.35 -2.75
C TYR A 50 32.49 -38.04 -2.23
N MET A 51 31.78 -37.15 -2.92
CA MET A 51 30.37 -36.87 -2.65
C MET A 51 29.53 -38.16 -2.64
N ARG A 52 29.70 -38.99 -3.67
CA ARG A 52 28.88 -40.22 -3.73
C ARG A 52 29.31 -41.31 -2.77
N MET A 53 30.55 -41.27 -2.32
CA MET A 53 31.00 -42.09 -1.20
C MET A 53 30.23 -41.76 0.07
N GLU A 54 30.12 -40.46 0.38
CA GLU A 54 29.36 -40.03 1.57
C GLU A 54 27.87 -40.30 1.41
N LEU A 55 27.33 -40.09 0.22
CA LEU A 55 25.91 -40.38 0.01
C LEU A 55 25.54 -41.87 -0.16
N MET A 56 26.54 -42.73 -0.32
CA MET A 56 26.26 -44.15 -0.56
C MET A 56 25.41 -44.79 0.56
N ALA A 57 25.62 -44.34 1.80
CA ALA A 57 24.87 -44.87 2.97
C ALA A 57 24.45 -43.76 3.96
N PRO A 58 23.29 -43.92 4.63
CA PRO A 58 22.86 -42.94 5.64
C PRO A 58 23.81 -42.94 6.84
N GLY A 59 23.87 -41.81 7.56
CA GLY A 59 24.88 -41.61 8.60
C GLY A 59 26.11 -41.05 7.91
N VAL A 60 26.88 -40.20 8.62
CA VAL A 60 28.10 -39.62 8.07
C VAL A 60 29.30 -40.48 8.46
N GLN A 61 30.09 -40.88 7.48
CA GLN A 61 31.21 -41.81 7.70
C GLN A 61 32.55 -41.25 7.25
N PHE A 62 32.53 -40.30 6.32
CA PHE A 62 33.78 -39.79 5.71
C PHE A 62 34.10 -38.36 6.12
N MET A 63 33.10 -37.48 6.11
CA MET A 63 33.30 -36.05 6.37
C MET A 63 33.14 -35.76 7.86
N CYS A 64 34.13 -36.23 8.62
CA CYS A 64 34.19 -36.16 10.08
C CYS A 64 34.97 -34.92 10.51
N ALA A 65 34.43 -34.19 11.49
CA ALA A 65 35.14 -33.05 12.09
C ALA A 65 36.52 -33.45 12.65
N GLU A 66 36.64 -34.67 13.14
CA GLU A 66 37.91 -35.21 13.65
C GLU A 66 39.09 -35.13 12.67
N HIS A 67 38.80 -35.23 11.37
CA HIS A 67 39.86 -35.16 10.35
C HIS A 67 40.51 -33.77 10.26
N LEU A 68 39.84 -32.76 10.81
CA LEU A 68 40.38 -31.39 10.80
C LEU A 68 41.59 -31.21 11.72
N GLU A 69 41.66 -32.01 12.79
CA GLU A 69 42.75 -31.92 13.78
C GLU A 69 44.10 -32.42 13.25
N SER A 70 44.08 -33.13 12.13
CA SER A 70 45.30 -33.62 11.48
C SER A 70 45.85 -32.51 10.56
N GLY A 71 46.87 -32.84 9.78
CA GLY A 71 47.36 -31.92 8.76
C GLY A 71 46.39 -31.80 7.59
N LEU A 72 46.75 -30.97 6.61
CA LEU A 72 46.00 -30.87 5.36
C LEU A 72 46.16 -32.17 4.56
N VAL A 73 47.40 -32.69 4.52
CA VAL A 73 47.68 -33.97 3.86
C VAL A 73 47.16 -35.17 4.65
N LYS A 74 47.48 -35.22 5.95
CA LYS A 74 47.03 -36.31 6.83
C LYS A 74 45.50 -36.35 6.93
N GLY A 75 44.88 -35.19 7.09
CA GLY A 75 43.42 -35.05 7.08
C GLY A 75 42.76 -35.54 5.79
N PHE A 76 43.38 -35.22 4.65
CA PHE A 76 42.95 -35.69 3.33
C PHE A 76 42.82 -37.22 3.26
N PHE A 77 43.90 -37.94 3.60
CA PHE A 77 43.92 -39.39 3.47
C PHE A 77 43.03 -40.13 4.48
N GLN A 78 42.84 -39.55 5.66
CA GLN A 78 41.96 -40.11 6.68
C GLN A 78 40.51 -40.02 6.24
N SER A 79 40.19 -38.95 5.51
CA SER A 79 38.85 -38.67 5.06
C SER A 79 38.36 -39.56 3.91
N LEU A 80 39.25 -40.41 3.39
CA LEU A 80 38.93 -41.33 2.29
C LEU A 80 38.59 -42.73 2.78
N TRP A 81 38.75 -42.95 4.07
CA TRP A 81 38.43 -44.23 4.70
C TRP A 81 37.26 -44.04 5.67
N PRO A 82 36.24 -44.92 5.61
CA PRO A 82 35.05 -44.70 6.43
C PRO A 82 35.28 -44.96 7.92
N SER A 83 34.66 -44.13 8.75
CA SER A 83 34.66 -44.30 10.21
C SER A 83 33.28 -44.75 10.68
N ALA A 84 33.24 -45.44 11.82
CA ALA A 84 31.98 -45.68 12.50
C ALA A 84 31.34 -44.33 12.83
N VAL A 85 30.01 -44.27 12.79
CA VAL A 85 29.23 -43.08 13.13
C VAL A 85 29.62 -42.49 14.50
N GLU A 86 29.82 -43.38 15.48
CA GLU A 86 30.24 -43.02 16.84
C GLU A 86 31.61 -42.33 16.91
N ASN A 87 32.41 -42.48 15.85
CA ASN A 87 33.73 -41.85 15.76
C ASN A 87 33.76 -40.71 14.74
N CYS A 88 32.62 -40.40 14.15
CA CYS A 88 32.55 -39.39 13.10
C CYS A 88 31.56 -38.27 13.43
N THR A 89 32.10 -37.14 13.89
CA THR A 89 31.31 -35.95 14.11
C THR A 89 31.02 -35.32 12.75
N PRO A 90 29.74 -35.29 12.34
CA PRO A 90 29.43 -34.83 11.00
C PRO A 90 29.91 -33.39 10.75
N ASN A 91 30.61 -33.19 9.62
CA ASN A 91 31.04 -31.86 9.19
C ASN A 91 30.29 -31.38 7.95
N GLY A 92 29.15 -30.76 8.17
CA GLY A 92 28.32 -30.23 7.08
C GLY A 92 29.04 -29.23 6.20
N HIS A 93 29.99 -28.49 6.78
CA HIS A 93 30.71 -27.49 6.04
C HIS A 93 31.47 -28.11 4.87
N LEU A 94 32.11 -29.26 5.12
CA LEU A 94 32.87 -29.94 4.07
C LEU A 94 31.97 -30.36 2.89
N TRP A 95 30.83 -30.96 3.20
CA TRP A 95 29.86 -31.28 2.17
C TRP A 95 29.57 -30.05 1.29
N ASN A 96 29.21 -28.95 1.95
CA ASN A 96 28.81 -27.71 1.26
C ASN A 96 29.92 -27.14 0.39
N VAL A 97 31.16 -27.18 0.89
CA VAL A 97 32.35 -26.80 0.14
C VAL A 97 32.57 -27.68 -1.11
N MET A 98 32.41 -29.00 -0.97
CA MET A 98 32.66 -29.93 -2.07
C MET A 98 31.66 -29.70 -3.20
N ILE A 99 30.38 -29.61 -2.85
CA ILE A 99 29.36 -29.48 -3.88
C ILE A 99 29.43 -28.11 -4.56
N THR A 100 29.79 -27.08 -3.80
CA THR A 100 30.00 -25.74 -4.35
C THR A 100 31.20 -25.79 -5.32
N GLY A 101 32.28 -26.43 -4.87
CA GLY A 101 33.46 -26.67 -5.72
C GLY A 101 33.13 -27.43 -6.98
N HIS A 102 32.39 -28.54 -6.84
CA HIS A 102 31.94 -29.33 -7.99
C HIS A 102 31.16 -28.47 -9.00
N GLY A 103 30.14 -27.76 -8.52
CA GLY A 103 29.29 -26.93 -9.40
C GLY A 103 30.02 -25.78 -10.10
N ILE A 104 30.80 -25.03 -9.35
CA ILE A 104 31.59 -23.93 -9.90
C ILE A 104 32.64 -24.37 -10.95
N LEU A 105 33.44 -25.38 -10.62
CA LEU A 105 34.36 -25.96 -11.60
C LEU A 105 33.66 -26.38 -12.89
N MET A 106 32.57 -27.13 -12.78
CA MET A 106 31.85 -27.59 -13.98
C MET A 106 31.28 -26.43 -14.81
N MET A 107 30.62 -25.49 -14.14
CA MET A 107 29.87 -24.45 -14.85
C MET A 107 30.76 -23.33 -15.39
N PHE A 108 31.91 -23.11 -14.79
CA PHE A 108 32.80 -22.02 -15.22
C PHE A 108 34.12 -22.51 -15.81
N PHE A 109 34.62 -23.64 -15.33
CA PHE A 109 36.01 -24.03 -15.63
C PHE A 109 36.21 -25.38 -16.31
N VAL A 110 35.12 -26.00 -16.78
CA VAL A 110 35.21 -27.31 -17.43
C VAL A 110 34.58 -27.37 -18.81
N VAL A 111 33.25 -27.38 -18.86
CA VAL A 111 32.56 -27.78 -20.08
C VAL A 111 32.52 -26.68 -21.16
N ILE A 112 32.38 -25.42 -20.75
CA ILE A 112 32.39 -24.30 -21.70
C ILE A 112 33.80 -24.12 -22.26
N PRO A 113 34.84 -24.09 -21.39
CA PRO A 113 36.20 -24.10 -21.90
C PRO A 113 36.51 -25.26 -22.85
N ALA A 114 35.96 -26.45 -22.61
CA ALA A 114 36.17 -27.58 -23.51
C ALA A 114 35.43 -27.42 -24.85
N LEU A 115 34.16 -27.06 -24.80
CA LEU A 115 33.32 -26.93 -25.99
C LEU A 115 33.55 -25.64 -26.79
N PHE A 116 33.48 -24.51 -26.10
CA PHE A 116 33.61 -23.18 -26.71
C PHE A 116 35.09 -22.82 -26.89
N GLY A 117 35.85 -22.82 -25.79
CA GLY A 117 37.28 -22.51 -25.86
C GLY A 117 38.12 -23.54 -26.61
N GLY A 118 37.71 -24.81 -26.55
CA GLY A 118 38.44 -25.91 -27.15
C GLY A 118 38.02 -26.16 -28.58
N PHE A 119 36.91 -26.87 -28.76
CA PHE A 119 36.42 -27.16 -30.11
C PHE A 119 36.02 -25.90 -30.90
N GLY A 120 35.45 -24.92 -30.19
CA GLY A 120 35.13 -23.63 -30.80
C GLY A 120 36.32 -22.94 -31.44
N ASN A 121 37.39 -22.73 -30.67
CA ASN A 121 38.61 -22.15 -31.18
C ASN A 121 39.28 -23.00 -32.27
N TYR A 122 39.33 -24.31 -32.08
CA TYR A 122 39.97 -25.20 -33.06
C TYR A 122 39.20 -25.22 -34.38
N PHE A 123 37.90 -25.50 -34.33
CA PHE A 123 37.15 -25.84 -35.52
C PHE A 123 36.32 -24.77 -36.22
N MET A 124 35.84 -23.77 -35.48
CA MET A 124 35.03 -22.73 -36.11
C MET A 124 35.78 -22.00 -37.25
N PRO A 125 37.04 -21.56 -37.02
CA PRO A 125 37.75 -20.92 -38.14
C PRO A 125 37.95 -21.87 -39.32
N LEU A 126 38.22 -23.14 -39.05
CA LEU A 126 38.34 -24.18 -40.08
C LEU A 126 37.04 -24.36 -40.86
N HIS A 127 35.91 -24.32 -40.17
CA HIS A 127 34.60 -24.51 -40.80
C HIS A 127 34.15 -23.36 -41.71
N ILE A 128 34.63 -22.15 -41.43
CA ILE A 128 34.27 -20.97 -42.21
C ILE A 128 35.39 -20.53 -43.16
N GLY A 129 36.51 -21.27 -43.18
CA GLY A 129 37.62 -20.98 -44.08
C GLY A 129 38.48 -19.81 -43.66
N ALA A 130 38.43 -19.46 -42.37
CA ALA A 130 39.26 -18.39 -41.83
C ALA A 130 40.63 -18.93 -41.47
N PRO A 131 41.71 -18.16 -41.75
CA PRO A 131 43.06 -18.62 -41.42
C PRO A 131 43.37 -18.65 -39.92
N ASP A 132 42.70 -17.77 -39.16
CA ASP A 132 42.87 -17.65 -37.71
C ASP A 132 41.74 -16.77 -37.17
N MET A 133 41.72 -16.56 -35.87
CA MET A 133 40.76 -15.66 -35.23
C MET A 133 41.18 -14.21 -35.52
N ALA A 134 40.20 -13.30 -35.52
CA ALA A 134 40.44 -11.87 -35.73
C ALA A 134 41.53 -11.29 -34.83
N PHE A 135 41.51 -11.65 -33.55
CA PHE A 135 42.46 -11.13 -32.57
C PHE A 135 43.20 -12.25 -31.83
N PRO A 136 44.22 -12.83 -32.48
CA PRO A 136 44.96 -13.98 -31.94
C PRO A 136 45.61 -13.75 -30.58
N ARG A 137 46.08 -12.52 -30.34
CA ARG A 137 46.70 -12.16 -29.07
C ARG A 137 45.68 -12.11 -27.93
N MET A 138 44.48 -11.63 -28.26
CA MET A 138 43.35 -11.61 -27.35
C MET A 138 42.90 -13.04 -27.03
N ASN A 139 42.98 -13.93 -28.02
CA ASN A 139 42.62 -15.35 -27.84
C ASN A 139 43.55 -16.00 -26.82
N ASN A 140 44.85 -15.73 -26.94
CA ASN A 140 45.82 -16.21 -25.97
C ASN A 140 45.58 -15.67 -24.56
N LEU A 141 45.21 -14.40 -24.45
CA LEU A 141 44.87 -13.79 -23.17
C LEU A 141 43.66 -14.47 -22.53
N SER A 142 42.62 -14.73 -23.33
CA SER A 142 41.41 -15.42 -22.86
C SER A 142 41.74 -16.73 -22.16
N TYR A 143 42.66 -17.51 -22.76
CA TYR A 143 43.16 -18.74 -22.14
C TYR A 143 43.79 -18.52 -20.78
N TRP A 144 44.69 -17.53 -20.68
CA TRP A 144 45.34 -17.26 -19.39
C TRP A 144 44.39 -16.74 -18.30
N LEU A 145 43.34 -16.05 -18.70
CA LEU A 145 42.30 -15.60 -17.77
C LEU A 145 41.52 -16.80 -17.22
N TYR A 146 41.23 -17.76 -18.10
CA TYR A 146 40.65 -19.04 -17.71
C TYR A 146 41.49 -19.73 -16.64
N VAL A 147 42.80 -19.87 -16.91
CA VAL A 147 43.74 -20.49 -15.96
C VAL A 147 43.85 -19.77 -14.62
N ALA A 148 43.95 -18.44 -14.65
CA ALA A 148 43.99 -17.64 -13.42
C ALA A 148 42.70 -17.78 -12.60
N GLY A 149 41.56 -17.76 -13.28
CA GLY A 149 40.26 -17.99 -12.65
C GLY A 149 40.16 -19.36 -11.99
N THR A 150 40.64 -20.39 -12.71
CA THR A 150 40.66 -21.75 -12.18
C THR A 150 41.50 -21.81 -10.91
N SER A 151 42.66 -21.16 -10.95
CA SER A 151 43.59 -21.18 -9.84
C SER A 151 42.98 -20.52 -8.60
N LEU A 152 42.24 -19.43 -8.82
CA LEU A 152 41.56 -18.72 -7.75
C LEU A 152 40.41 -19.55 -7.17
N ALA A 153 39.64 -20.21 -8.04
CA ALA A 153 38.58 -21.12 -7.61
C ALA A 153 39.15 -22.20 -6.70
N VAL A 154 40.28 -22.78 -7.11
CA VAL A 154 40.90 -23.86 -6.34
C VAL A 154 41.53 -23.35 -5.05
N ALA A 155 42.24 -22.22 -5.12
CA ALA A 155 42.78 -21.55 -3.94
C ALA A 155 41.69 -21.26 -2.89
N SER A 156 40.52 -20.81 -3.35
CA SER A 156 39.39 -20.52 -2.45
C SER A 156 39.03 -21.69 -1.55
N LEU A 157 39.27 -22.90 -2.04
CA LEU A 157 39.00 -24.14 -1.32
C LEU A 157 39.89 -24.31 -0.10
N PHE A 158 41.09 -23.73 -0.17
CA PHE A 158 42.09 -23.83 0.89
C PHE A 158 42.25 -22.51 1.67
N ALA A 159 41.33 -21.56 1.43
CA ALA A 159 41.35 -20.24 2.07
C ALA A 159 40.38 -20.17 3.26
N PRO A 160 40.73 -19.37 4.31
CA PRO A 160 39.78 -19.18 5.43
C PRO A 160 38.38 -18.92 4.91
N GLY A 161 37.44 -19.76 5.33
CA GLY A 161 36.06 -19.67 4.84
C GLY A 161 35.06 -19.75 5.97
N GLY A 162 33.87 -20.26 5.65
CA GLY A 162 32.77 -20.33 6.61
C GLY A 162 33.09 -21.17 7.82
N ASN A 163 32.44 -20.83 8.93
CA ASN A 163 32.41 -21.67 10.15
C ASN A 163 33.78 -21.93 10.76
N GLY A 164 34.73 -21.02 10.51
CA GLY A 164 36.10 -21.16 11.01
C GLY A 164 36.87 -22.30 10.37
N GLN A 165 36.42 -22.71 9.19
CA GLN A 165 37.12 -23.75 8.41
C GLN A 165 37.60 -23.13 7.10
N LEU A 166 38.09 -23.96 6.18
CA LEU A 166 38.48 -23.50 4.84
C LEU A 166 37.34 -23.67 3.83
N GLY A 167 37.30 -22.82 2.81
CA GLY A 167 36.39 -22.94 1.68
C GLY A 167 35.01 -22.34 1.87
N SER A 168 34.32 -22.10 0.76
CA SER A 168 32.98 -21.51 0.79
C SER A 168 31.89 -22.57 0.59
N GLY A 169 31.02 -22.72 1.59
CA GLY A 169 29.91 -23.69 1.53
C GLY A 169 28.61 -22.97 1.18
N ILE A 170 28.52 -22.49 -0.06
CA ILE A 170 27.49 -21.51 -0.38
C ILE A 170 26.66 -21.83 -1.63
N GLY A 171 26.94 -22.96 -2.29
CA GLY A 171 26.20 -23.33 -3.50
C GLY A 171 26.76 -22.58 -4.71
N TRP A 172 26.65 -23.16 -5.90
CA TRP A 172 27.34 -22.59 -7.07
C TRP A 172 26.76 -21.24 -7.51
N VAL A 173 25.53 -20.94 -7.07
CA VAL A 173 24.84 -19.70 -7.45
C VAL A 173 24.98 -18.56 -6.40
N LEU A 174 25.64 -18.84 -5.29
CA LEU A 174 26.06 -17.82 -4.30
C LEU A 174 24.94 -16.94 -3.69
N TYR A 175 23.78 -17.53 -3.38
CA TYR A 175 22.66 -16.76 -2.80
C TYR A 175 23.07 -16.01 -1.54
N PRO A 176 22.81 -14.68 -1.50
CA PRO A 176 22.91 -13.95 -0.24
C PRO A 176 21.60 -14.11 0.54
N PRO A 177 21.59 -13.78 1.84
CA PRO A 177 22.68 -13.34 2.71
C PRO A 177 23.71 -14.40 3.09
N LEU A 178 23.45 -15.68 2.79
CA LEU A 178 24.45 -16.72 3.09
C LEU A 178 25.81 -16.39 2.49
N SER A 179 25.85 -16.08 1.19
CA SER A 179 27.13 -15.80 0.54
C SER A 179 27.78 -14.52 1.08
N THR A 180 26.94 -13.53 1.42
CA THR A 180 27.50 -12.26 1.94
C THR A 180 27.94 -12.35 3.42
N SER A 181 27.42 -13.34 4.16
CA SER A 181 27.83 -13.48 5.55
C SER A 181 28.88 -14.56 5.81
N GLU A 182 29.23 -15.35 4.79
CA GLU A 182 30.27 -16.39 4.94
C GLU A 182 31.58 -15.75 5.40
N SER A 183 32.12 -16.24 6.50
CA SER A 183 33.33 -15.64 7.06
C SER A 183 34.60 -16.00 6.27
N GLY A 184 35.68 -15.29 6.57
CA GLY A 184 36.93 -15.43 5.85
C GLY A 184 36.85 -14.73 4.53
N TYR A 185 37.83 -15.01 3.67
CA TYR A 185 37.88 -14.40 2.34
C TYR A 185 37.85 -15.44 1.19
N SER A 186 37.62 -16.70 1.54
CA SER A 186 37.40 -17.76 0.53
C SER A 186 36.35 -17.34 -0.51
N THR A 187 35.25 -16.77 -0.05
CA THR A 187 34.15 -16.34 -0.94
C THR A 187 34.54 -15.19 -1.87
N ASP A 188 35.43 -14.31 -1.41
CA ASP A 188 35.91 -13.21 -2.24
C ASP A 188 36.83 -13.75 -3.35
N LEU A 189 37.68 -14.72 -3.02
CA LEU A 189 38.49 -15.44 -4.02
C LEU A 189 37.61 -16.12 -5.09
N ALA A 190 36.53 -16.78 -4.63
CA ALA A 190 35.57 -17.42 -5.55
C ALA A 190 34.94 -16.42 -6.51
N ILE A 191 34.58 -15.25 -5.97
CA ILE A 191 33.98 -14.18 -6.78
C ILE A 191 35.01 -13.66 -7.80
N PHE A 192 36.26 -13.48 -7.36
CA PHE A 192 37.32 -13.09 -8.29
C PHE A 192 37.50 -14.16 -9.40
N ALA A 193 37.48 -15.44 -9.03
CA ALA A 193 37.56 -16.55 -9.99
C ALA A 193 36.50 -16.44 -11.08
N VAL A 194 35.27 -16.18 -10.66
CA VAL A 194 34.16 -16.03 -11.59
C VAL A 194 34.27 -14.77 -12.47
N HIS A 195 34.78 -13.66 -11.92
CA HIS A 195 35.13 -12.47 -12.74
C HIS A 195 36.10 -12.84 -13.87
N LEU A 196 37.15 -13.60 -13.55
CA LEU A 196 38.17 -14.02 -14.52
C LEU A 196 37.63 -14.98 -15.58
N SER A 197 36.82 -15.95 -15.15
CA SER A 197 36.08 -16.78 -16.10
C SER A 197 35.26 -15.95 -17.08
N GLY A 198 34.40 -15.07 -16.55
CA GLY A 198 33.57 -14.20 -17.37
C GLY A 198 34.36 -13.38 -18.39
N ALA A 199 35.52 -12.88 -17.98
CA ALA A 199 36.39 -12.07 -18.83
C ALA A 199 36.97 -12.93 -19.97
N SER A 200 37.45 -14.13 -19.62
CA SER A 200 37.88 -15.14 -20.59
C SER A 200 36.79 -15.43 -21.63
N SER A 201 35.57 -15.69 -21.17
CA SER A 201 34.45 -15.98 -22.04
C SER A 201 34.08 -14.81 -22.94
N ILE A 202 34.09 -13.59 -22.40
CA ILE A 202 33.76 -12.38 -23.16
C ILE A 202 34.81 -12.12 -24.27
N LEU A 203 36.09 -12.22 -23.94
CA LEU A 203 37.15 -12.12 -24.94
C LEU A 203 36.99 -13.18 -26.05
N GLY A 204 36.70 -14.41 -25.64
CA GLY A 204 36.39 -15.48 -26.57
C GLY A 204 35.24 -15.12 -27.48
N ALA A 205 34.14 -14.65 -26.89
CA ALA A 205 32.96 -14.30 -27.68
C ALA A 205 33.21 -13.17 -28.67
N ILE A 206 34.01 -12.17 -28.27
CA ILE A 206 34.35 -11.05 -29.14
C ILE A 206 35.12 -11.58 -30.36
N ASN A 207 36.17 -12.37 -30.12
CA ASN A 207 36.87 -13.10 -31.18
C ASN A 207 35.95 -13.93 -32.08
N MET A 208 35.10 -14.77 -31.51
CA MET A 208 34.24 -15.65 -32.33
C MET A 208 33.32 -14.85 -33.25
N ILE A 209 32.73 -13.78 -32.72
CA ILE A 209 31.76 -12.97 -33.46
C ILE A 209 32.43 -12.20 -34.61
N THR A 210 33.57 -11.57 -34.31
CA THR A 210 34.34 -10.79 -35.30
C THR A 210 34.86 -11.67 -36.44
N THR A 211 35.39 -12.83 -36.09
CA THR A 211 35.89 -13.82 -37.05
C THR A 211 34.77 -14.31 -37.95
N PHE A 212 33.65 -14.69 -37.33
CA PHE A 212 32.50 -15.26 -38.04
C PHE A 212 31.91 -14.27 -39.04
N LEU A 213 31.90 -13.00 -38.68
CA LEU A 213 31.27 -11.97 -39.50
C LEU A 213 32.21 -11.41 -40.58
N ASN A 214 33.50 -11.32 -40.27
CA ASN A 214 34.46 -10.68 -41.16
C ASN A 214 35.31 -11.63 -41.99
N MET A 215 35.69 -12.77 -41.42
CA MET A 215 36.76 -13.60 -41.98
C MET A 215 36.32 -14.91 -42.63
N ARG A 216 35.06 -15.00 -43.07
CA ARG A 216 34.62 -16.15 -43.85
C ARG A 216 35.30 -16.20 -45.21
N ALA A 217 35.36 -17.39 -45.79
CA ALA A 217 35.92 -17.60 -47.12
C ALA A 217 34.99 -17.00 -48.19
N PRO A 218 35.57 -16.53 -49.32
CA PRO A 218 34.74 -16.09 -50.45
C PRO A 218 33.84 -17.24 -50.88
N GLY A 219 32.57 -16.95 -51.14
CA GLY A 219 31.60 -18.00 -51.45
C GLY A 219 30.85 -18.47 -50.22
N MET A 220 31.53 -18.46 -49.08
CA MET A 220 30.94 -18.87 -47.79
C MET A 220 29.89 -17.84 -47.38
N THR A 221 28.67 -18.03 -47.87
CA THR A 221 27.54 -17.21 -47.44
C THR A 221 27.05 -17.71 -46.08
N MET A 222 26.28 -16.89 -45.39
CA MET A 222 25.77 -17.21 -44.07
C MET A 222 24.89 -18.46 -44.07
N HIS A 223 24.21 -18.71 -45.19
CA HIS A 223 23.40 -19.92 -45.36
C HIS A 223 24.23 -21.13 -45.84
N LYS A 224 25.55 -20.99 -45.87
CA LYS A 224 26.45 -22.09 -46.24
C LYS A 224 27.40 -22.46 -45.08
N VAL A 225 27.36 -21.69 -44.02
CA VAL A 225 28.18 -21.93 -42.84
C VAL A 225 27.73 -23.23 -42.13
N PRO A 226 28.67 -24.11 -41.79
CA PRO A 226 28.30 -25.35 -41.07
C PRO A 226 27.62 -25.06 -39.72
N LEU A 227 26.72 -25.95 -39.31
CA LEU A 227 25.96 -25.84 -38.06
C LEU A 227 26.82 -25.66 -36.79
N PHE A 228 27.96 -26.35 -36.71
CA PHE A 228 28.82 -26.15 -35.56
C PHE A 228 29.28 -24.71 -35.42
N ALA A 229 29.64 -24.11 -36.55
CA ALA A 229 30.10 -22.71 -36.56
C ALA A 229 28.95 -21.77 -36.17
N TRP A 230 27.74 -22.08 -36.62
CA TRP A 230 26.54 -21.38 -36.18
C TRP A 230 26.30 -21.50 -34.66
N SER A 231 26.53 -22.70 -34.10
CA SER A 231 26.28 -22.98 -32.69
C SER A 231 27.24 -22.15 -31.82
N ILE A 232 28.48 -22.01 -32.28
CA ILE A 232 29.49 -21.21 -31.59
C ILE A 232 29.18 -19.71 -31.67
N PHE A 233 28.63 -19.29 -32.80
CA PHE A 233 28.26 -17.91 -33.07
C PHE A 233 27.11 -17.48 -32.16
N VAL A 234 26.01 -18.24 -32.17
CA VAL A 234 24.90 -18.01 -31.26
C VAL A 234 25.34 -18.02 -29.79
N THR A 235 26.15 -19.00 -29.39
CA THR A 235 26.72 -19.09 -28.04
C THR A 235 27.48 -17.82 -27.66
N ALA A 236 28.29 -17.32 -28.58
CA ALA A 236 29.07 -16.11 -28.37
C ALA A 236 28.20 -14.87 -28.07
N TRP A 237 27.05 -14.76 -28.74
CA TRP A 237 26.12 -13.66 -28.46
C TRP A 237 25.53 -13.80 -27.06
N LEU A 238 25.18 -15.02 -26.67
CA LEU A 238 24.62 -15.26 -25.34
C LEU A 238 25.61 -14.86 -24.26
N ILE A 239 26.90 -15.12 -24.49
CA ILE A 239 27.94 -14.77 -23.53
C ILE A 239 28.05 -13.25 -23.33
N LEU A 240 28.01 -12.50 -24.44
CA LEU A 240 28.15 -11.04 -24.39
C LEU A 240 27.02 -10.34 -23.65
N LEU A 241 25.81 -10.87 -23.72
CA LEU A 241 24.69 -10.34 -22.95
C LEU A 241 24.68 -10.86 -21.49
N ALA A 242 24.89 -12.16 -21.30
CA ALA A 242 24.74 -12.80 -19.98
C ALA A 242 25.89 -12.55 -19.00
N LEU A 243 27.14 -12.64 -19.46
CA LEU A 243 28.27 -12.53 -18.54
C LEU A 243 28.50 -11.16 -17.85
N PRO A 244 28.28 -10.03 -18.58
CA PRO A 244 28.29 -8.73 -17.89
C PRO A 244 27.23 -8.62 -16.78
N VAL A 245 26.05 -9.18 -17.00
CA VAL A 245 25.00 -9.19 -15.97
C VAL A 245 25.47 -9.94 -14.72
N LEU A 246 26.11 -11.11 -14.92
CA LEU A 246 26.69 -11.88 -13.82
C LEU A 246 27.75 -11.07 -13.11
N ALA A 247 28.58 -10.36 -13.88
CA ALA A 247 29.64 -9.52 -13.31
C ALA A 247 29.08 -8.46 -12.35
N GLY A 248 27.91 -7.92 -12.68
CA GLY A 248 27.25 -6.96 -11.79
C GLY A 248 26.75 -7.61 -10.51
N ALA A 249 25.98 -8.70 -10.67
CA ALA A 249 25.48 -9.50 -9.55
C ALA A 249 26.55 -9.81 -8.52
N ILE A 250 27.70 -10.30 -8.96
CA ILE A 250 28.72 -10.74 -8.03
C ILE A 250 29.60 -9.61 -7.49
N THR A 251 29.66 -8.49 -8.22
CA THR A 251 30.35 -7.31 -7.67
C THR A 251 29.52 -6.74 -6.51
N MET A 252 28.19 -6.79 -6.65
CA MET A 252 27.26 -6.35 -5.62
C MET A 252 27.37 -7.19 -4.35
N LEU A 253 27.69 -8.48 -4.51
CA LEU A 253 28.00 -9.37 -3.38
C LEU A 253 29.33 -8.99 -2.76
N LEU A 254 30.30 -8.66 -3.61
CA LEU A 254 31.63 -8.27 -3.14
C LEU A 254 31.60 -6.95 -2.33
N THR A 255 30.73 -6.03 -2.74
CA THR A 255 30.59 -4.74 -2.03
C THR A 255 29.76 -4.89 -0.74
N ASP A 256 28.72 -5.75 -0.76
CA ASP A 256 28.00 -6.08 0.47
C ASP A 256 28.95 -6.70 1.50
N ARG A 257 29.93 -7.47 1.03
CA ARG A 257 30.84 -8.17 1.93
C ARG A 257 31.95 -7.27 2.45
N ASN A 258 32.46 -6.37 1.60
CA ASN A 258 33.70 -5.64 1.90
C ASN A 258 33.59 -4.11 1.95
N PHE A 259 32.59 -3.53 1.27
CA PHE A 259 32.54 -2.08 1.07
C PHE A 259 31.24 -1.41 1.52
N GLY A 260 30.61 -1.97 2.56
CA GLY A 260 29.51 -1.32 3.24
C GLY A 260 28.16 -1.20 2.56
N THR A 261 28.04 -1.70 1.32
CA THR A 261 26.74 -1.65 0.64
C THR A 261 25.76 -2.64 1.28
N THR A 262 24.48 -2.48 0.94
CA THR A 262 23.43 -3.34 1.51
C THR A 262 22.40 -3.65 0.42
N PHE A 263 22.89 -3.99 -0.77
CA PHE A 263 22.04 -4.35 -1.90
C PHE A 263 21.11 -5.51 -1.57
N PHE A 264 21.58 -6.45 -0.76
CA PHE A 264 20.83 -7.67 -0.46
C PHE A 264 20.62 -7.87 1.05
N GLN A 265 20.82 -6.80 1.82
CA GLN A 265 20.67 -6.87 3.27
C GLN A 265 19.48 -6.03 3.69
N PRO A 266 18.42 -6.69 4.21
CA PRO A 266 17.16 -6.04 4.64
C PRO A 266 17.37 -4.93 5.68
N SER A 267 18.38 -5.08 6.55
CA SER A 267 18.67 -4.08 7.58
C SER A 267 19.02 -2.73 6.97
N GLY A 268 19.55 -2.76 5.75
CA GLY A 268 19.89 -1.55 5.04
C GLY A 268 18.87 -1.23 3.97
N GLY A 269 17.78 -2.00 3.93
CA GLY A 269 16.74 -1.81 2.91
C GLY A 269 16.91 -2.63 1.62
N GLY A 270 17.82 -3.61 1.63
CA GLY A 270 18.05 -4.46 0.47
C GLY A 270 17.08 -5.62 0.36
N ASP A 271 17.19 -6.39 -0.71
CA ASP A 271 16.32 -7.53 -0.96
C ASP A 271 17.16 -8.68 -1.54
N PRO A 272 17.32 -9.79 -0.78
CA PRO A 272 18.08 -10.94 -1.26
C PRO A 272 17.49 -11.51 -2.55
N VAL A 273 16.19 -11.37 -2.74
CA VAL A 273 15.53 -11.87 -3.94
C VAL A 273 15.95 -11.12 -5.23
N LEU A 274 16.42 -9.87 -5.07
CA LEU A 274 16.95 -9.09 -6.17
C LEU A 274 18.17 -9.77 -6.78
N TYR A 275 19.06 -10.28 -5.92
CA TYR A 275 20.22 -11.00 -6.40
C TYR A 275 19.84 -12.17 -7.26
N GLN A 276 18.79 -12.89 -6.85
CA GLN A 276 18.30 -14.05 -7.57
C GLN A 276 17.86 -13.70 -9.00
N HIS A 277 17.17 -12.56 -9.16
CA HIS A 277 16.73 -12.13 -10.49
C HIS A 277 17.93 -11.85 -11.39
N ILE A 278 18.93 -11.16 -10.84
CA ILE A 278 20.13 -10.81 -11.59
C ILE A 278 20.99 -12.04 -11.89
N LEU A 279 21.22 -12.88 -10.88
CA LEU A 279 21.95 -14.13 -11.05
C LEU A 279 21.28 -15.02 -12.10
N TRP A 280 19.98 -15.26 -11.98
CA TRP A 280 19.30 -16.15 -12.92
C TRP A 280 19.11 -15.56 -14.31
N PHE A 281 19.22 -14.23 -14.43
CA PHE A 281 19.19 -13.58 -15.72
C PHE A 281 20.44 -13.99 -16.52
N PHE A 282 21.57 -14.16 -15.83
CA PHE A 282 22.75 -14.81 -16.40
C PHE A 282 22.56 -16.33 -16.47
N GLY A 283 21.96 -16.89 -15.41
CA GLY A 283 21.97 -18.32 -15.13
C GLY A 283 21.22 -19.17 -16.11
N HIS A 284 20.05 -18.72 -16.58
CA HIS A 284 19.47 -19.45 -17.68
C HIS A 284 20.32 -19.45 -18.98
N PRO A 285 20.64 -18.27 -19.55
CA PRO A 285 21.55 -18.28 -20.71
C PRO A 285 22.74 -19.24 -20.55
N GLU A 286 23.37 -19.22 -19.37
CA GLU A 286 24.50 -20.10 -19.03
C GLU A 286 24.29 -21.56 -19.46
N VAL A 287 23.10 -22.11 -19.23
CA VAL A 287 22.87 -23.52 -19.57
C VAL A 287 22.74 -23.76 -21.08
N TYR A 288 22.23 -22.77 -21.81
CA TYR A 288 22.17 -22.85 -23.27
C TYR A 288 23.56 -22.61 -23.87
N ILE A 289 24.34 -21.74 -23.23
CA ILE A 289 25.75 -21.53 -23.57
C ILE A 289 26.58 -22.83 -23.50
N ILE A 290 26.28 -23.65 -22.50
CA ILE A 290 26.88 -24.96 -22.30
C ILE A 290 26.50 -25.93 -23.42
N VAL A 291 25.20 -26.05 -23.71
CA VAL A 291 24.73 -27.10 -24.59
C VAL A 291 24.72 -26.76 -26.09
N LEU A 292 24.68 -25.47 -26.46
CA LEU A 292 24.61 -25.11 -27.87
C LEU A 292 25.76 -25.68 -28.75
N PRO A 293 27.04 -25.53 -28.32
CA PRO A 293 28.12 -26.18 -29.09
C PRO A 293 28.00 -27.71 -29.23
N ALA A 294 27.45 -28.38 -28.21
CA ALA A 294 27.15 -29.81 -28.28
C ALA A 294 26.11 -30.11 -29.35
N PHE A 295 25.12 -29.23 -29.50
CA PHE A 295 24.14 -29.31 -30.60
C PHE A 295 24.87 -29.31 -31.96
N GLY A 296 25.79 -28.36 -32.15
CA GLY A 296 26.61 -28.27 -33.37
C GLY A 296 27.34 -29.57 -33.65
N ILE A 297 28.05 -30.09 -32.65
CA ILE A 297 28.80 -31.34 -32.76
C ILE A 297 27.90 -32.52 -33.12
N VAL A 298 26.75 -32.64 -32.44
CA VAL A 298 25.81 -33.73 -32.70
C VAL A 298 25.35 -33.72 -34.18
N SER A 299 25.04 -32.54 -34.70
CA SER A 299 24.63 -32.39 -36.10
C SER A 299 25.69 -32.86 -37.11
N HIS A 300 26.95 -32.47 -36.90
CA HIS A 300 28.07 -32.90 -37.75
C HIS A 300 28.31 -34.42 -37.68
N VAL A 301 28.26 -34.97 -36.48
CA VAL A 301 28.54 -36.37 -36.25
C VAL A 301 27.45 -37.26 -36.86
N ILE A 302 26.19 -36.90 -36.61
CA ILE A 302 25.08 -37.70 -37.11
C ILE A 302 25.02 -37.68 -38.64
N ALA A 303 25.25 -36.52 -39.26
CA ALA A 303 25.29 -36.41 -40.72
C ALA A 303 26.40 -37.30 -41.31
N THR A 304 27.58 -37.27 -40.70
CA THR A 304 28.71 -38.08 -41.13
C THR A 304 28.42 -39.59 -41.09
N PHE A 305 27.93 -40.09 -39.95
CA PHE A 305 27.78 -41.53 -39.75
C PHE A 305 26.47 -42.13 -40.24
N ALA A 306 25.48 -41.26 -40.47
CA ALA A 306 24.26 -41.65 -41.19
C ALA A 306 24.46 -41.57 -42.71
N LYS A 307 25.58 -40.96 -43.13
CA LYS A 307 25.93 -40.77 -44.56
C LYS A 307 24.82 -40.01 -45.28
N LYS A 308 24.35 -38.95 -44.65
CA LYS A 308 23.14 -38.27 -45.11
C LYS A 308 23.22 -36.83 -44.64
N PRO A 309 22.83 -35.86 -45.50
CA PRO A 309 22.95 -34.48 -45.05
C PRO A 309 21.96 -34.17 -43.93
N ILE A 310 22.28 -33.16 -43.13
CA ILE A 310 21.42 -32.78 -41.99
C ILE A 310 20.01 -32.44 -42.47
N PHE A 311 19.02 -33.02 -41.81
CA PHE A 311 17.62 -32.69 -42.08
C PHE A 311 17.31 -31.27 -41.60
N GLY A 312 16.69 -30.48 -42.48
CA GLY A 312 16.32 -29.10 -42.17
C GLY A 312 17.45 -28.25 -41.63
N TYR A 313 18.43 -27.92 -42.48
CA TYR A 313 19.53 -27.04 -42.09
C TYR A 313 19.06 -25.67 -41.56
N LEU A 314 18.17 -25.01 -42.29
CA LEU A 314 17.69 -23.68 -41.89
C LEU A 314 16.84 -23.66 -40.63
N PRO A 315 15.87 -24.60 -40.49
CA PRO A 315 15.18 -24.77 -39.20
C PRO A 315 16.12 -25.00 -38.01
N MET A 316 17.21 -25.76 -38.21
CA MET A 316 18.21 -25.95 -37.16
C MET A 316 18.86 -24.64 -36.74
N VAL A 317 19.26 -23.84 -37.72
CA VAL A 317 19.84 -22.51 -37.46
C VAL A 317 18.84 -21.60 -36.73
N TYR A 318 17.59 -21.61 -37.21
CA TYR A 318 16.57 -20.72 -36.69
C TYR A 318 16.12 -21.15 -35.29
N ALA A 319 16.09 -22.45 -35.05
CA ALA A 319 15.78 -22.98 -33.72
C ALA A 319 16.81 -22.51 -32.72
N MET A 320 18.09 -22.60 -33.09
CA MET A 320 19.19 -22.15 -32.23
C MET A 320 19.12 -20.67 -31.93
N VAL A 321 18.76 -19.87 -32.95
CA VAL A 321 18.61 -18.43 -32.76
C VAL A 321 17.42 -18.13 -31.84
N ALA A 322 16.31 -18.85 -32.04
CA ALA A 322 15.09 -18.65 -31.25
C ALA A 322 15.29 -19.02 -29.78
N ILE A 323 15.92 -20.17 -29.54
CA ILE A 323 16.34 -20.65 -28.22
C ILE A 323 17.25 -19.62 -27.54
N GLY A 324 18.25 -19.14 -28.27
CA GLY A 324 19.15 -18.11 -27.79
C GLY A 324 18.44 -16.84 -27.34
N VAL A 325 17.43 -16.41 -28.10
CA VAL A 325 16.69 -15.19 -27.79
C VAL A 325 15.72 -15.42 -26.61
N LEU A 326 14.88 -16.45 -26.72
CA LEU A 326 13.93 -16.81 -25.68
C LEU A 326 14.58 -17.19 -24.33
N GLY A 327 15.82 -17.69 -24.38
CA GLY A 327 16.59 -18.01 -23.18
C GLY A 327 16.82 -16.84 -22.25
N PHE A 328 16.46 -15.63 -22.69
CA PHE A 328 16.64 -14.44 -21.85
C PHE A 328 15.37 -14.00 -21.11
N VAL A 329 14.28 -14.73 -21.32
CA VAL A 329 12.97 -14.34 -20.78
C VAL A 329 12.30 -15.45 -19.97
N VAL A 330 13.09 -16.42 -19.49
CA VAL A 330 12.56 -17.56 -18.73
C VAL A 330 13.17 -17.71 -17.32
N TRP A 331 14.08 -16.81 -16.93
CA TRP A 331 14.94 -17.03 -15.76
C TRP A 331 14.21 -17.38 -14.45
N ALA A 332 13.02 -16.81 -14.25
CA ALA A 332 12.38 -16.88 -12.93
C ALA A 332 11.70 -18.21 -12.63
N HIS A 333 11.72 -19.15 -13.58
CA HIS A 333 11.27 -20.50 -13.25
C HIS A 333 12.26 -21.21 -12.32
N HIS A 334 13.41 -20.59 -12.09
CA HIS A 334 14.32 -20.98 -11.04
C HIS A 334 13.97 -20.35 -9.70
N MET A 335 12.83 -19.65 -9.66
CA MET A 335 12.44 -18.86 -8.50
C MET A 335 10.98 -19.01 -8.12
N TYR A 336 10.32 -20.08 -8.60
CA TYR A 336 8.89 -20.29 -8.34
C TYR A 336 8.50 -20.29 -6.84
N THR A 337 9.43 -20.65 -5.94
CA THR A 337 9.14 -20.72 -4.50
C THR A 337 9.82 -19.60 -3.71
N ALA A 338 10.39 -18.63 -4.43
CA ALA A 338 11.16 -17.55 -3.80
C ALA A 338 10.28 -16.38 -3.36
N GLY A 339 9.01 -16.40 -3.77
CA GLY A 339 8.07 -15.36 -3.42
C GLY A 339 7.53 -14.57 -4.61
N LEU A 340 7.55 -15.17 -5.80
CA LEU A 340 6.97 -14.55 -6.98
C LEU A 340 5.46 -14.55 -6.88
N SER A 341 4.84 -13.47 -7.36
CA SER A 341 3.39 -13.35 -7.41
C SER A 341 2.82 -14.37 -8.37
N LEU A 342 1.52 -14.61 -8.26
CA LEU A 342 0.80 -15.53 -9.15
C LEU A 342 0.96 -15.15 -10.63
N THR A 343 1.02 -13.85 -10.90
CA THR A 343 1.10 -13.34 -12.28
C THR A 343 2.47 -13.62 -12.88
N GLN A 344 3.51 -13.34 -12.11
CA GLN A 344 4.88 -13.62 -12.50
C GLN A 344 5.10 -15.11 -12.74
N GLN A 345 4.65 -15.93 -11.80
CA GLN A 345 4.78 -17.38 -11.94
C GLN A 345 4.12 -17.89 -13.21
N SER A 346 2.91 -17.38 -13.49
CA SER A 346 2.15 -17.75 -14.68
C SER A 346 2.81 -17.33 -15.98
N TYR A 347 3.37 -16.12 -16.01
CA TYR A 347 4.08 -15.65 -17.21
C TYR A 347 5.29 -16.53 -17.49
N PHE A 348 6.15 -16.71 -16.50
CA PHE A 348 7.40 -17.45 -16.67
C PHE A 348 7.15 -18.90 -17.01
N MET A 349 6.03 -19.44 -16.51
CA MET A 349 5.56 -20.77 -16.89
C MET A 349 5.24 -20.85 -18.38
N MET A 350 4.49 -19.87 -18.89
CA MET A 350 4.15 -19.75 -20.32
C MET A 350 5.41 -19.68 -21.19
N ALA A 351 6.28 -18.72 -20.88
CA ALA A 351 7.53 -18.51 -21.62
C ALA A 351 8.40 -19.77 -21.65
N THR A 352 8.49 -20.47 -20.52
CA THR A 352 9.25 -21.70 -20.41
C THR A 352 8.70 -22.81 -21.31
N MET A 353 7.38 -22.94 -21.35
CA MET A 353 6.76 -23.93 -22.22
C MET A 353 7.00 -23.62 -23.71
N VAL A 354 7.09 -22.34 -24.04
CA VAL A 354 7.34 -21.89 -25.42
C VAL A 354 8.73 -22.33 -25.89
N ILE A 355 9.77 -21.95 -25.14
CA ILE A 355 11.15 -22.32 -25.48
C ILE A 355 11.34 -23.85 -25.58
N ALA A 356 10.52 -24.61 -24.87
CA ALA A 356 10.54 -26.08 -24.93
C ALA A 356 10.26 -26.65 -26.33
N VAL A 357 9.40 -25.97 -27.09
CA VAL A 357 9.04 -26.44 -28.43
C VAL A 357 10.25 -26.51 -29.39
N PRO A 358 10.91 -25.38 -29.71
CA PRO A 358 12.04 -25.49 -30.64
C PRO A 358 13.22 -26.33 -30.12
N THR A 359 13.32 -26.46 -28.78
CA THR A 359 14.35 -27.26 -28.14
C THR A 359 14.11 -28.74 -28.39
N GLY A 360 12.96 -29.23 -27.94
CA GLY A 360 12.59 -30.62 -28.08
C GLY A 360 12.47 -31.07 -29.53
N ILE A 361 12.09 -30.15 -30.41
CA ILE A 361 11.93 -30.43 -31.85
C ILE A 361 13.23 -30.92 -32.49
N LYS A 362 14.37 -30.33 -32.09
CA LYS A 362 15.67 -30.74 -32.64
C LYS A 362 15.94 -32.24 -32.59
N ILE A 363 15.39 -32.91 -31.57
CA ILE A 363 15.47 -34.37 -31.47
C ILE A 363 14.84 -35.05 -32.70
N PHE A 364 13.71 -34.53 -33.16
CA PHE A 364 13.04 -35.07 -34.34
C PHE A 364 13.89 -34.91 -35.61
N SER A 365 14.54 -33.75 -35.74
CA SER A 365 15.42 -33.46 -36.88
C SER A 365 16.64 -34.38 -36.96
N TRP A 366 17.20 -34.72 -35.81
CA TRP A 366 18.34 -35.62 -35.72
C TRP A 366 17.92 -37.06 -36.04
N ILE A 367 16.74 -37.46 -35.57
CA ILE A 367 16.19 -38.76 -35.97
C ILE A 367 15.90 -38.83 -37.49
N ALA A 368 15.37 -37.74 -38.04
CA ALA A 368 15.04 -37.66 -39.46
C ALA A 368 16.31 -37.72 -40.32
N THR A 369 17.40 -37.13 -39.80
CA THR A 369 18.71 -37.20 -40.43
C THR A 369 19.20 -38.65 -40.56
N MET A 370 18.95 -39.45 -39.52
CA MET A 370 19.32 -40.86 -39.53
C MET A 370 18.45 -41.65 -40.48
N TRP A 371 17.18 -41.23 -40.57
CA TRP A 371 16.15 -41.96 -41.27
C TRP A 371 16.48 -42.05 -42.76
N GLY A 372 16.46 -43.27 -43.30
CA GLY A 372 16.80 -43.51 -44.69
C GLY A 372 18.27 -43.46 -45.02
N GLY A 373 19.11 -43.29 -43.99
CA GLY A 373 20.55 -43.23 -44.20
C GLY A 373 21.20 -44.60 -44.28
N SER A 374 22.52 -44.61 -44.16
CA SER A 374 23.31 -45.83 -44.20
C SER A 374 24.22 -45.79 -42.96
N ILE A 375 23.70 -46.33 -41.86
CA ILE A 375 24.26 -46.03 -40.53
C ILE A 375 25.47 -46.87 -40.14
N GLU A 376 26.55 -46.18 -39.82
CA GLU A 376 27.75 -46.79 -39.30
C GLU A 376 27.85 -46.48 -37.80
N LEU A 377 27.89 -47.53 -36.98
CA LEU A 377 27.87 -47.37 -35.52
C LEU A 377 29.27 -47.23 -34.90
N LYS A 378 30.06 -46.30 -35.42
CA LYS A 378 31.37 -46.02 -34.85
C LYS A 378 31.21 -45.22 -33.54
N THR A 379 32.26 -45.22 -32.72
CA THR A 379 32.24 -44.54 -31.41
C THR A 379 31.58 -43.13 -31.40
N PRO A 380 31.98 -42.20 -32.31
CA PRO A 380 31.35 -40.86 -32.26
C PRO A 380 29.84 -40.89 -32.43
N MET A 381 29.36 -41.82 -33.26
CA MET A 381 27.93 -41.96 -33.53
C MET A 381 27.20 -42.49 -32.31
N LEU A 382 27.84 -43.40 -31.59
CA LEU A 382 27.34 -43.91 -30.31
C LEU A 382 27.13 -42.77 -29.28
N TRP A 383 28.12 -41.90 -29.10
CA TRP A 383 27.97 -40.73 -28.22
C TRP A 383 26.79 -39.86 -28.64
N ALA A 384 26.66 -39.61 -29.95
CA ALA A 384 25.56 -38.79 -30.47
C ALA A 384 24.17 -39.41 -30.24
N LEU A 385 24.05 -40.72 -30.41
CA LEU A 385 22.79 -41.41 -30.14
C LEU A 385 22.48 -41.46 -28.65
N GLY A 386 23.52 -41.68 -27.82
CA GLY A 386 23.39 -41.57 -26.37
C GLY A 386 22.89 -40.18 -26.00
N PHE A 387 23.48 -39.15 -26.60
CA PHE A 387 23.05 -37.77 -26.39
C PHE A 387 21.54 -37.60 -26.63
N LEU A 388 21.05 -38.16 -27.75
CA LEU A 388 19.62 -38.03 -28.09
C LEU A 388 18.70 -38.62 -27.03
N PHE A 389 19.09 -39.78 -26.52
CA PHE A 389 18.36 -40.44 -25.45
C PHE A 389 18.37 -39.63 -24.14
N LEU A 390 19.56 -39.22 -23.71
CA LEU A 390 19.73 -38.52 -22.43
C LEU A 390 19.10 -37.13 -22.43
N PHE A 391 19.25 -36.42 -23.55
CA PHE A 391 18.64 -35.11 -23.72
C PHE A 391 17.11 -35.18 -23.71
N THR A 392 16.57 -36.27 -24.26
CA THR A 392 15.13 -36.48 -24.20
C THR A 392 14.69 -36.75 -22.74
N VAL A 393 15.35 -37.67 -22.05
CA VAL A 393 15.01 -38.02 -20.66
C VAL A 393 15.11 -36.77 -19.76
N GLY A 394 16.17 -36.00 -19.90
CA GLY A 394 16.32 -34.74 -19.19
C GLY A 394 15.32 -33.68 -19.58
N GLY A 395 15.00 -33.61 -20.88
CA GLY A 395 14.08 -32.60 -21.36
C GLY A 395 12.66 -32.77 -20.82
N VAL A 396 12.18 -34.02 -20.81
CA VAL A 396 10.82 -34.30 -20.37
C VAL A 396 10.57 -33.96 -18.88
N THR A 397 11.57 -34.19 -18.02
CA THR A 397 11.47 -33.81 -16.60
C THR A 397 11.53 -32.29 -16.46
N GLY A 398 12.21 -31.62 -17.38
CA GLY A 398 12.08 -30.17 -17.47
C GLY A 398 10.63 -29.75 -17.67
N ILE A 399 9.93 -30.46 -18.55
CA ILE A 399 8.52 -30.17 -18.82
C ILE A 399 7.70 -30.23 -17.53
N VAL A 400 7.89 -31.28 -16.75
CA VAL A 400 7.28 -31.40 -15.43
C VAL A 400 7.56 -30.18 -14.54
N LEU A 401 8.83 -29.81 -14.47
CA LEU A 401 9.28 -28.72 -13.60
C LEU A 401 8.73 -27.35 -13.98
N SER A 402 8.49 -27.14 -15.28
CA SER A 402 7.95 -25.88 -15.80
C SER A 402 6.58 -25.54 -15.18
N GLN A 403 5.82 -26.56 -14.85
CA GLN A 403 4.52 -26.37 -14.22
C GLN A 403 4.72 -26.00 -12.76
N ALA A 404 4.59 -24.70 -12.47
CA ALA A 404 4.91 -24.12 -11.17
C ALA A 404 4.22 -24.80 -9.98
N SER A 405 3.04 -25.36 -10.22
CA SER A 405 2.29 -26.02 -9.13
C SER A 405 2.95 -27.34 -8.72
N VAL A 406 3.60 -27.99 -9.67
CA VAL A 406 4.29 -29.26 -9.41
C VAL A 406 5.73 -29.01 -8.94
N ASP A 407 6.35 -27.96 -9.47
CA ASP A 407 7.66 -27.51 -9.00
C ASP A 407 7.65 -27.17 -7.49
N ARG A 408 6.47 -26.84 -6.98
CA ARG A 408 6.29 -26.56 -5.56
C ARG A 408 6.84 -27.74 -4.77
N TYR A 409 6.51 -28.95 -5.22
CA TYR A 409 6.98 -30.18 -4.60
C TYR A 409 8.46 -30.48 -4.96
N TYR A 410 8.81 -30.33 -6.24
CA TYR A 410 10.14 -30.78 -6.70
C TYR A 410 11.27 -29.81 -6.44
N HIS A 411 10.95 -28.54 -6.25
CA HIS A 411 12.01 -27.53 -6.16
C HIS A 411 12.94 -27.82 -4.99
N ASP A 412 14.25 -27.69 -5.26
CA ASP A 412 15.27 -27.97 -4.26
C ASP A 412 15.25 -29.42 -3.76
N THR A 413 14.84 -30.33 -4.65
CA THR A 413 14.95 -31.77 -4.40
C THR A 413 15.86 -32.40 -5.45
N TYR A 414 16.22 -33.68 -5.22
CA TYR A 414 17.00 -34.45 -6.18
C TYR A 414 16.35 -34.71 -7.55
N TYR A 415 15.05 -34.47 -7.67
CA TYR A 415 14.40 -34.54 -8.97
C TYR A 415 14.94 -33.47 -9.93
N VAL A 416 15.26 -32.29 -9.39
CA VAL A 416 15.89 -31.23 -10.17
C VAL A 416 17.32 -31.63 -10.56
N VAL A 417 18.06 -32.18 -9.60
CA VAL A 417 19.41 -32.69 -9.84
C VAL A 417 19.44 -33.70 -11.00
N ALA A 418 18.48 -34.63 -11.01
CA ALA A 418 18.32 -35.61 -12.07
C ALA A 418 18.04 -34.94 -13.42
N HIS A 419 17.06 -34.02 -13.45
CA HIS A 419 16.79 -33.19 -14.63
C HIS A 419 18.04 -32.60 -15.28
N PHE A 420 18.82 -31.83 -14.53
CA PHE A 420 19.92 -31.12 -15.17
C PHE A 420 21.16 -31.96 -15.45
N HIS A 421 21.40 -32.99 -14.66
CA HIS A 421 22.44 -33.95 -15.02
C HIS A 421 22.13 -34.70 -16.32
N TYR A 422 20.86 -35.06 -16.54
CA TYR A 422 20.50 -35.69 -17.79
C TYR A 422 20.61 -34.73 -18.97
N VAL A 423 19.91 -33.60 -18.88
CA VAL A 423 19.72 -32.70 -20.00
C VAL A 423 20.94 -31.85 -20.29
N MET A 424 21.65 -31.45 -19.24
CA MET A 424 22.76 -30.52 -19.39
C MET A 424 24.13 -31.13 -19.15
N SER A 425 24.32 -31.72 -17.97
CA SER A 425 25.63 -32.24 -17.60
C SER A 425 26.06 -33.37 -18.56
N LEU A 426 25.21 -34.38 -18.71
CA LEU A 426 25.51 -35.50 -19.61
C LEU A 426 25.36 -35.10 -21.09
N GLY A 427 24.45 -34.19 -21.39
CA GLY A 427 24.35 -33.61 -22.72
C GLY A 427 25.66 -32.98 -23.16
N ALA A 428 26.20 -32.08 -22.34
CA ALA A 428 27.50 -31.48 -22.62
C ALA A 428 28.63 -32.52 -22.67
N VAL A 429 28.64 -33.44 -21.72
CA VAL A 429 29.65 -34.48 -21.68
C VAL A 429 29.61 -35.43 -22.89
N PHE A 430 28.41 -35.83 -23.32
CA PHE A 430 28.30 -36.71 -24.48
C PHE A 430 28.69 -35.99 -25.77
N GLY A 431 28.40 -34.69 -25.84
CA GLY A 431 28.88 -33.82 -26.91
C GLY A 431 30.38 -33.68 -26.92
N ILE A 432 30.97 -33.52 -25.74
CA ILE A 432 32.43 -33.47 -25.64
C ILE A 432 33.09 -34.77 -26.17
N PHE A 433 32.66 -35.92 -25.65
CA PHE A 433 33.19 -37.21 -26.09
C PHE A 433 32.93 -37.46 -27.58
N ALA A 434 31.76 -37.08 -28.07
CA ALA A 434 31.45 -37.21 -29.49
C ALA A 434 32.47 -36.45 -30.32
N GLY A 435 32.79 -35.22 -29.89
CA GLY A 435 33.79 -34.39 -30.55
C GLY A 435 35.19 -34.95 -30.48
N ILE A 436 35.59 -35.45 -29.31
CA ILE A 436 36.92 -35.98 -29.13
C ILE A 436 37.17 -37.20 -30.04
N TYR A 437 36.26 -38.17 -30.04
CA TYR A 437 36.44 -39.34 -30.91
C TYR A 437 36.36 -38.97 -32.41
N PHE A 438 35.42 -38.09 -32.75
CA PHE A 438 35.25 -37.56 -34.11
C PHE A 438 36.53 -36.92 -34.63
N TRP A 439 37.16 -36.11 -33.79
CA TRP A 439 38.19 -35.20 -34.22
C TRP A 439 39.61 -35.51 -33.77
N ILE A 440 39.78 -36.47 -32.86
CA ILE A 440 41.14 -36.72 -32.34
C ILE A 440 42.19 -37.07 -33.45
N GLY A 441 41.78 -37.81 -34.46
CA GLY A 441 42.65 -38.08 -35.61
C GLY A 441 43.07 -36.81 -36.35
N LYS A 442 42.10 -35.92 -36.57
CA LYS A 442 42.31 -34.64 -37.26
C LYS A 442 43.24 -33.73 -36.46
N MET A 443 43.07 -33.70 -35.15
CA MET A 443 43.88 -32.83 -34.29
C MET A 443 45.28 -33.36 -34.05
N SER A 444 45.43 -34.68 -33.96
CA SER A 444 46.70 -35.27 -33.48
C SER A 444 47.51 -36.05 -34.53
N GLY A 445 46.87 -36.50 -35.60
CA GLY A 445 47.52 -37.41 -36.55
C GLY A 445 47.55 -38.86 -36.07
N ARG A 446 46.86 -39.13 -34.96
CA ARG A 446 46.74 -40.48 -34.42
C ARG A 446 45.31 -40.83 -34.11
N GLN A 447 44.98 -42.10 -34.35
CA GLN A 447 43.62 -42.58 -34.27
C GLN A 447 43.41 -43.39 -32.98
N TYR A 448 42.22 -43.27 -32.41
CA TYR A 448 41.88 -44.02 -31.21
C TYR A 448 41.53 -45.46 -31.63
N PRO A 449 41.77 -46.46 -30.76
CA PRO A 449 41.35 -47.86 -31.02
C PRO A 449 39.86 -48.04 -30.82
N GLU A 450 39.19 -48.55 -31.87
CA GLU A 450 37.73 -48.55 -31.96
C GLU A 450 37.05 -49.34 -30.84
N TRP A 451 37.63 -50.48 -30.46
CA TRP A 451 37.00 -51.34 -29.44
C TRP A 451 36.96 -50.64 -28.08
N ALA A 452 38.00 -49.84 -27.80
CA ALA A 452 38.12 -49.11 -26.53
C ALA A 452 37.14 -47.95 -26.48
N GLY A 453 36.95 -47.26 -27.61
CA GLY A 453 35.98 -46.18 -27.72
C GLY A 453 34.58 -46.66 -27.38
N LYS A 454 34.22 -47.84 -27.92
CA LYS A 454 32.93 -48.45 -27.69
C LYS A 454 32.76 -48.92 -26.24
N LEU A 455 33.79 -49.55 -25.67
CA LEU A 455 33.78 -49.95 -24.28
C LEU A 455 33.58 -48.73 -23.35
N HIS A 456 34.29 -47.65 -23.67
CA HIS A 456 34.13 -46.38 -22.94
C HIS A 456 32.67 -45.94 -23.02
N PHE A 457 32.13 -45.87 -24.23
CA PHE A 457 30.73 -45.51 -24.38
C PHE A 457 29.79 -46.34 -23.50
N TRP A 458 29.89 -47.67 -23.56
CA TRP A 458 28.93 -48.50 -22.83
C TRP A 458 29.07 -48.41 -21.31
N MET A 459 30.30 -48.35 -20.80
CA MET A 459 30.52 -48.16 -19.36
C MET A 459 29.93 -46.82 -18.88
N MET A 460 30.16 -45.76 -19.65
CA MET A 460 29.67 -44.42 -19.34
C MET A 460 28.15 -44.37 -19.42
N PHE A 461 27.59 -44.93 -20.49
CA PHE A 461 26.16 -44.91 -20.70
C PHE A 461 25.39 -45.67 -19.62
N VAL A 462 25.89 -46.85 -19.25
CA VAL A 462 25.27 -47.62 -18.18
C VAL A 462 25.45 -46.90 -16.83
N GLY A 463 26.68 -46.48 -16.54
CA GLY A 463 27.03 -45.77 -15.31
C GLY A 463 26.25 -44.49 -15.09
N ALA A 464 26.08 -43.68 -16.15
CA ALA A 464 25.37 -42.39 -16.03
C ALA A 464 23.88 -42.58 -15.72
N ASN A 465 23.28 -43.57 -16.37
CA ASN A 465 21.89 -43.94 -16.10
C ASN A 465 21.65 -44.50 -14.70
N LEU A 466 22.55 -45.37 -14.24
CA LEU A 466 22.51 -45.85 -12.86
C LEU A 466 22.71 -44.71 -11.83
N THR A 467 23.59 -43.76 -12.13
CA THR A 467 23.82 -42.60 -11.26
C THR A 467 22.58 -41.73 -11.11
N PHE A 468 22.01 -41.32 -12.24
CA PHE A 468 21.02 -40.25 -12.22
C PHE A 468 19.55 -40.65 -12.27
N PHE A 469 19.22 -41.77 -12.90
CA PHE A 469 17.79 -42.16 -12.94
C PHE A 469 17.18 -42.35 -11.54
N PRO A 470 17.90 -43.00 -10.61
CA PRO A 470 17.33 -43.17 -9.26
C PRO A 470 17.13 -41.87 -8.49
N GLN A 471 17.79 -40.79 -8.91
CA GLN A 471 17.63 -39.50 -8.25
C GLN A 471 16.23 -38.89 -8.46
N HIS A 472 15.56 -39.30 -9.55
CA HIS A 472 14.15 -39.00 -9.77
C HIS A 472 13.30 -39.55 -8.62
N PHE A 473 13.55 -40.79 -8.22
CA PHE A 473 12.84 -41.44 -7.12
C PHE A 473 13.13 -40.74 -5.79
N LEU A 474 14.40 -40.40 -5.56
CA LEU A 474 14.79 -39.64 -4.37
C LEU A 474 14.04 -38.32 -4.29
N GLY A 475 13.96 -37.60 -5.41
CA GLY A 475 13.23 -36.33 -5.49
C GLY A 475 11.73 -36.44 -5.23
N ARG A 476 11.10 -37.44 -5.86
CA ARG A 476 9.68 -37.73 -5.65
C ARG A 476 9.39 -38.07 -4.19
N GLN A 477 10.34 -38.74 -3.53
CA GLN A 477 10.23 -39.09 -2.12
C GLN A 477 10.60 -37.92 -1.19
N GLY A 478 11.03 -36.81 -1.79
CA GLY A 478 11.22 -35.54 -1.09
C GLY A 478 12.61 -35.28 -0.54
N MET A 479 13.64 -35.93 -1.12
CA MET A 479 15.02 -35.72 -0.70
C MET A 479 15.55 -34.37 -1.16
N PRO A 480 15.92 -33.47 -0.21
CA PRO A 480 16.45 -32.16 -0.60
C PRO A 480 17.88 -32.16 -1.17
N ARG A 481 18.17 -31.12 -1.94
CA ARG A 481 19.48 -30.82 -2.47
C ARG A 481 20.38 -30.30 -1.36
N ARG A 482 21.68 -30.54 -1.52
CA ARG A 482 22.75 -29.94 -0.71
C ARG A 482 22.83 -30.50 0.72
N TYR A 483 22.52 -31.78 0.85
CA TYR A 483 22.47 -32.45 2.15
C TYR A 483 23.61 -33.44 2.31
N ILE A 484 24.35 -33.29 3.40
CA ILE A 484 25.43 -34.22 3.73
C ILE A 484 24.89 -35.62 4.11
N ASP A 485 23.67 -35.66 4.64
CA ASP A 485 23.12 -36.87 5.23
C ASP A 485 21.61 -36.83 5.07
N TYR A 486 20.96 -38.00 5.17
CA TYR A 486 19.57 -38.13 4.79
C TYR A 486 18.88 -39.22 5.65
N PRO A 487 17.57 -39.07 5.87
CA PRO A 487 16.76 -40.09 6.53
C PRO A 487 16.95 -41.47 5.88
N GLU A 488 17.01 -42.49 6.72
CA GLU A 488 17.30 -43.87 6.35
C GLU A 488 16.46 -44.40 5.18
N ALA A 489 15.20 -43.96 5.07
CA ALA A 489 14.35 -44.39 3.97
C ALA A 489 14.86 -44.03 2.56
N PHE A 490 15.83 -43.12 2.45
CA PHE A 490 16.38 -42.75 1.13
C PHE A 490 17.58 -43.61 0.77
N ALA A 491 17.88 -44.60 1.60
CA ALA A 491 19.10 -45.39 1.45
C ALA A 491 19.24 -46.17 0.13
N THR A 492 18.19 -46.86 -0.31
CA THR A 492 18.30 -47.78 -1.46
C THR A 492 18.77 -47.08 -2.72
N TRP A 493 18.08 -46.01 -3.09
CA TRP A 493 18.36 -45.32 -4.34
C TRP A 493 19.64 -44.46 -4.31
N ASN A 494 20.01 -43.97 -3.12
CA ASN A 494 21.32 -43.35 -2.92
C ASN A 494 22.47 -44.34 -3.15
N PHE A 495 22.28 -45.56 -2.65
CA PHE A 495 23.26 -46.62 -2.84
C PHE A 495 23.48 -46.96 -4.32
N VAL A 496 22.38 -47.11 -5.05
CA VAL A 496 22.41 -47.40 -6.47
C VAL A 496 23.06 -46.24 -7.22
N SER A 497 22.61 -45.01 -6.93
CA SER A 497 23.18 -43.81 -7.53
C SER A 497 24.70 -43.77 -7.37
N SER A 498 25.17 -44.06 -6.15
CA SER A 498 26.61 -44.09 -5.87
C SER A 498 27.38 -45.18 -6.64
N LEU A 499 26.80 -46.37 -6.77
CA LEU A 499 27.43 -47.42 -7.58
C LEU A 499 27.58 -46.99 -9.04
N GLY A 500 26.53 -46.36 -9.57
CA GLY A 500 26.58 -45.77 -10.90
C GLY A 500 27.70 -44.74 -11.07
N ALA A 501 27.86 -43.86 -10.07
CA ALA A 501 28.94 -42.89 -10.08
C ALA A 501 30.31 -43.54 -10.07
N PHE A 502 30.47 -44.63 -9.31
CA PHE A 502 31.76 -45.31 -9.27
C PHE A 502 32.08 -45.98 -10.62
N LEU A 503 31.05 -46.54 -11.28
CA LEU A 503 31.19 -47.14 -12.62
C LEU A 503 31.56 -46.06 -13.65
N SER A 504 30.82 -44.95 -13.65
CA SER A 504 31.13 -43.79 -14.50
C SER A 504 32.54 -43.31 -14.33
N PHE A 505 33.03 -43.26 -13.09
CA PHE A 505 34.39 -42.82 -12.80
C PHE A 505 35.45 -43.76 -13.36
N ALA A 506 35.22 -45.07 -13.17
CA ALA A 506 36.02 -46.11 -13.83
C ALA A 506 36.07 -45.92 -15.36
N SER A 507 34.93 -45.60 -15.99
CA SER A 507 34.89 -45.33 -17.43
C SER A 507 35.72 -44.13 -17.84
N PHE A 508 35.74 -43.10 -16.99
CA PHE A 508 36.50 -41.89 -17.26
C PHE A 508 38.00 -42.10 -17.09
N LEU A 509 38.41 -42.87 -16.09
CA LEU A 509 39.79 -43.29 -15.95
C LEU A 509 40.22 -44.15 -17.17
N PHE A 510 39.34 -45.03 -17.63
CA PHE A 510 39.60 -45.81 -18.85
C PHE A 510 39.76 -44.87 -20.05
N PHE A 511 38.84 -43.92 -20.19
CA PHE A 511 38.97 -42.86 -21.21
C PHE A 511 40.32 -42.17 -21.22
N LEU A 512 40.81 -41.77 -20.06
CA LEU A 512 42.09 -41.08 -19.98
C LEU A 512 43.24 -41.99 -20.44
N GLY A 513 43.12 -43.29 -20.12
CA GLY A 513 44.02 -44.33 -20.64
C GLY A 513 43.96 -44.43 -22.16
N VAL A 514 42.74 -44.40 -22.70
CA VAL A 514 42.53 -44.40 -24.15
C VAL A 514 43.17 -43.18 -24.82
N ILE A 515 43.00 -41.99 -24.24
CA ILE A 515 43.61 -40.79 -24.78
C ILE A 515 45.14 -40.86 -24.73
N PHE A 516 45.66 -41.33 -23.61
CA PHE A 516 47.10 -41.50 -23.46
C PHE A 516 47.67 -42.48 -24.51
N TYR A 517 47.01 -43.64 -24.63
CA TYR A 517 47.36 -44.63 -25.66
C TYR A 517 47.31 -44.01 -27.05
N THR A 518 46.19 -43.36 -27.37
CA THR A 518 46.01 -42.77 -28.70
C THR A 518 47.13 -41.78 -29.02
N LEU A 519 47.42 -40.87 -28.11
CA LEU A 519 48.37 -39.80 -28.38
C LEU A 519 49.83 -40.28 -28.42
N THR A 520 50.14 -41.38 -27.75
CA THR A 520 51.53 -41.89 -27.70
C THR A 520 51.81 -42.99 -28.74
N ARG A 521 50.83 -43.86 -28.98
CA ARG A 521 51.07 -44.99 -29.89
C ARG A 521 49.82 -45.41 -30.68
N GLY A 522 48.90 -44.49 -30.88
CA GLY A 522 47.71 -44.78 -31.70
C GLY A 522 48.07 -44.91 -33.17
N ALA A 523 47.23 -45.63 -33.92
CA ALA A 523 47.49 -45.84 -35.35
C ALA A 523 47.68 -44.50 -36.08
N ARG A 524 48.72 -44.42 -36.89
CA ARG A 524 49.00 -43.23 -37.65
C ARG A 524 47.83 -42.92 -38.57
N VAL A 525 47.37 -41.67 -38.54
CA VAL A 525 46.33 -41.21 -39.47
C VAL A 525 47.04 -40.81 -40.77
N THR A 526 46.53 -41.27 -41.91
CA THR A 526 47.17 -40.95 -43.20
C THR A 526 46.29 -40.09 -44.11
N ALA A 527 44.97 -40.18 -43.93
CA ALA A 527 44.02 -39.50 -44.77
C ALA A 527 43.63 -38.13 -44.21
N ASN A 528 43.36 -37.22 -45.14
CA ASN A 528 42.77 -35.90 -44.85
C ASN A 528 41.38 -36.10 -44.24
N ASN A 529 40.62 -36.99 -44.88
CA ASN A 529 39.31 -37.40 -44.43
C ASN A 529 39.33 -38.90 -44.15
N TYR A 530 39.45 -39.28 -42.88
CA TYR A 530 39.49 -40.69 -42.48
C TYR A 530 38.11 -41.25 -42.15
N TRP A 531 37.06 -40.45 -42.36
CA TRP A 531 35.71 -40.95 -42.16
C TRP A 531 35.08 -41.36 -43.49
N ASN A 532 34.33 -40.44 -44.09
CA ASN A 532 33.66 -40.70 -45.37
C ASN A 532 33.28 -39.38 -46.00
N GLU A 533 32.79 -39.46 -47.22
CA GLU A 533 32.48 -38.30 -48.06
C GLU A 533 31.48 -37.35 -47.43
N HIS A 534 30.65 -37.87 -46.52
CA HIS A 534 29.60 -37.10 -45.88
C HIS A 534 30.07 -36.28 -44.67
N ALA A 535 31.35 -36.43 -44.31
CA ALA A 535 32.05 -35.43 -43.50
C ALA A 535 32.59 -34.41 -44.51
N ASP A 536 31.80 -33.36 -44.74
CA ASP A 536 31.94 -32.54 -45.96
C ASP A 536 32.34 -31.09 -45.70
N THR A 537 32.73 -30.80 -44.47
CA THR A 537 33.18 -29.48 -44.08
C THR A 537 34.69 -29.39 -44.26
N LEU A 538 35.23 -28.18 -44.17
CA LEU A 538 36.57 -27.87 -44.67
C LEU A 538 37.76 -28.50 -43.93
N GLU A 539 37.58 -28.91 -42.67
CA GLU A 539 38.70 -29.50 -41.93
C GLU A 539 39.09 -30.85 -42.54
N TRP A 540 38.11 -31.47 -43.19
CA TRP A 540 38.31 -32.77 -43.83
C TRP A 540 39.01 -32.66 -45.22
N THR A 541 39.20 -31.43 -45.71
CA THR A 541 39.99 -31.18 -46.92
C THR A 541 41.43 -30.82 -46.55
N LEU A 542 41.71 -30.69 -45.25
CA LEU A 542 43.08 -30.38 -44.80
C LEU A 542 43.76 -31.66 -44.35
N THR A 543 45.07 -31.59 -44.13
CA THR A 543 45.83 -32.73 -43.64
C THR A 543 45.47 -33.06 -42.17
N SER A 544 45.97 -34.21 -41.68
CA SER A 544 45.77 -34.64 -40.30
C SER A 544 47.10 -34.88 -39.59
N PRO A 545 47.53 -33.92 -38.74
CA PRO A 545 46.90 -32.64 -38.41
C PRO A 545 46.99 -31.60 -39.54
N PRO A 546 46.16 -30.53 -39.47
CA PRO A 546 46.24 -29.48 -40.48
C PRO A 546 47.57 -28.71 -40.38
N PRO A 547 47.99 -28.05 -41.47
CA PRO A 547 49.26 -27.31 -41.42
C PRO A 547 49.22 -26.19 -40.39
N GLU A 548 50.39 -25.83 -39.85
CA GLU A 548 50.50 -24.74 -38.87
C GLU A 548 49.70 -23.51 -39.31
N HIS A 549 49.83 -23.16 -40.60
CA HIS A 549 49.05 -22.07 -41.21
C HIS A 549 48.10 -22.63 -42.25
N THR A 550 46.80 -22.50 -42.02
CA THR A 550 45.80 -23.04 -42.94
C THR A 550 45.22 -21.97 -43.85
N PHE A 551 44.57 -22.43 -44.93
CA PHE A 551 43.85 -21.58 -45.88
C PHE A 551 44.71 -20.45 -46.49
N LEU B 5 -0.52 -41.15 17.21
CA LEU B 5 -0.73 -40.60 15.84
C LEU B 5 0.05 -41.39 14.81
N GLU B 6 -0.56 -41.60 13.66
CA GLU B 6 0.10 -42.31 12.58
C GLU B 6 1.12 -41.42 11.86
N ILE B 7 2.34 -41.92 11.70
CA ILE B 7 3.35 -41.27 10.86
C ILE B 7 3.00 -41.48 9.39
N ILE B 8 2.57 -40.40 8.73
CA ILE B 8 2.12 -40.46 7.35
C ILE B 8 3.06 -39.74 6.37
N GLY B 9 3.41 -38.50 6.69
CA GLY B 9 4.26 -37.68 5.81
C GLY B 9 5.74 -37.96 6.02
N ARG B 10 6.21 -39.03 5.39
CA ARG B 10 7.60 -39.44 5.51
C ARG B 10 8.04 -40.19 4.25
N PRO B 11 9.35 -40.20 3.93
CA PRO B 11 9.78 -41.11 2.87
C PRO B 11 9.72 -42.55 3.36
N GLN B 12 9.48 -43.48 2.44
CA GLN B 12 9.44 -44.91 2.74
C GLN B 12 10.59 -45.63 2.02
N PRO B 13 11.16 -46.69 2.64
CA PRO B 13 12.33 -47.37 2.08
C PRO B 13 12.12 -47.85 0.63
N GLY B 14 13.05 -47.47 -0.25
CA GLY B 14 12.99 -47.85 -1.67
C GLY B 14 11.90 -47.16 -2.48
N GLY B 15 11.29 -46.13 -1.91
CA GLY B 15 10.17 -45.45 -2.55
C GLY B 15 10.55 -44.82 -3.88
N THR B 16 9.57 -44.77 -4.79
CA THR B 16 9.74 -44.25 -6.14
C THR B 16 8.62 -43.26 -6.47
N GLY B 17 7.60 -43.21 -5.62
CA GLY B 17 6.48 -42.30 -5.82
C GLY B 17 6.53 -41.12 -4.86
N PHE B 18 5.51 -40.27 -4.94
CA PHE B 18 5.33 -39.18 -3.99
C PHE B 18 5.09 -39.70 -2.58
N GLN B 19 5.30 -38.82 -1.60
CA GLN B 19 4.85 -39.09 -0.23
C GLN B 19 3.32 -39.06 -0.27
N PRO B 20 2.64 -39.75 0.67
CA PRO B 20 1.16 -39.71 0.68
C PRO B 20 0.60 -38.29 0.71
N SER B 21 -0.55 -38.10 0.07
CA SER B 21 -1.26 -36.84 0.11
C SER B 21 -2.05 -36.72 1.42
N ALA B 22 -2.03 -35.53 2.01
CA ALA B 22 -2.89 -35.23 3.17
C ALA B 22 -3.56 -33.87 3.05
N SER B 23 -3.55 -33.31 1.84
CA SER B 23 -4.25 -32.07 1.56
C SER B 23 -4.85 -32.14 0.15
N PRO B 24 -5.87 -31.29 -0.14
CA PRO B 24 -6.42 -31.26 -1.51
C PRO B 24 -5.40 -30.76 -2.54
N VAL B 25 -4.53 -29.84 -2.14
CA VAL B 25 -3.46 -29.34 -2.98
C VAL B 25 -2.46 -30.42 -3.35
N ALA B 26 -2.04 -31.24 -2.38
CA ALA B 26 -1.14 -32.36 -2.64
C ALA B 26 -1.76 -33.35 -3.63
N THR B 27 -3.05 -33.64 -3.42
CA THR B 27 -3.82 -34.49 -4.33
C THR B 27 -3.78 -34.00 -5.79
N GLN B 28 -3.96 -32.69 -5.97
CA GLN B 28 -3.89 -32.06 -7.30
C GLN B 28 -2.51 -32.16 -7.94
N ILE B 29 -1.46 -32.08 -7.12
CA ILE B 29 -0.09 -32.25 -7.57
C ILE B 29 0.16 -33.69 -8.03
N HIS B 30 -0.30 -34.67 -7.24
CA HIS B 30 -0.16 -36.08 -7.58
C HIS B 30 -0.85 -36.43 -8.91
N TRP B 31 -2.03 -35.84 -9.12
CA TRP B 31 -2.83 -36.09 -10.31
C TRP B 31 -2.23 -35.43 -11.55
N LEU B 32 -1.85 -34.17 -11.42
CA LEU B 32 -1.21 -33.42 -12.49
C LEU B 32 0.12 -34.05 -12.91
N ASP B 33 0.93 -34.45 -11.93
CA ASP B 33 2.19 -35.12 -12.21
C ASP B 33 1.96 -36.48 -12.89
N GLY B 34 0.97 -37.24 -12.41
CA GLY B 34 0.61 -38.54 -13.00
C GLY B 34 0.17 -38.40 -14.45
N PHE B 35 -0.51 -37.30 -14.74
CA PHE B 35 -1.00 -37.00 -16.08
C PHE B 35 0.20 -36.69 -16.99
N ILE B 36 1.05 -35.76 -16.57
CA ILE B 36 2.25 -35.42 -17.31
C ILE B 36 3.20 -36.64 -17.44
N LEU B 37 3.27 -37.46 -16.39
CA LEU B 37 4.12 -38.64 -16.45
C LEU B 37 3.73 -39.60 -17.60
N VAL B 38 2.44 -39.89 -17.73
CA VAL B 38 1.95 -40.73 -18.84
C VAL B 38 2.45 -40.18 -20.18
N ILE B 39 2.21 -38.88 -20.40
CA ILE B 39 2.63 -38.16 -21.61
C ILE B 39 4.15 -38.26 -21.87
N ILE B 40 4.96 -37.94 -20.85
CA ILE B 40 6.41 -37.94 -21.03
C ILE B 40 7.00 -39.36 -21.15
N ALA B 41 6.38 -40.34 -20.51
CA ALA B 41 6.80 -41.73 -20.71
C ALA B 41 6.53 -42.16 -22.16
N ALA B 42 5.37 -41.77 -22.69
CA ALA B 42 5.04 -41.96 -24.11
C ALA B 42 6.07 -41.30 -25.03
N ILE B 43 6.35 -40.01 -24.81
CA ILE B 43 7.36 -39.30 -25.59
C ILE B 43 8.72 -40.03 -25.56
N THR B 44 9.17 -40.40 -24.37
CA THR B 44 10.44 -41.06 -24.17
C THR B 44 10.51 -42.43 -24.84
N ILE B 45 9.48 -43.25 -24.66
CA ILE B 45 9.42 -44.56 -25.31
C ILE B 45 9.40 -44.40 -26.84
N PHE B 46 8.58 -43.46 -27.32
CA PHE B 46 8.48 -43.14 -28.74
C PHE B 46 9.84 -42.79 -29.34
N VAL B 47 10.51 -41.80 -28.75
CA VAL B 47 11.83 -41.37 -29.24
C VAL B 47 12.83 -42.52 -29.18
N THR B 48 12.81 -43.30 -28.09
CA THR B 48 13.73 -44.42 -27.95
C THR B 48 13.49 -45.50 -29.01
N LEU B 49 12.23 -45.88 -29.22
CA LEU B 49 11.90 -46.86 -30.26
C LEU B 49 12.27 -46.35 -31.65
N LEU B 50 12.05 -45.07 -31.92
CA LEU B 50 12.44 -44.49 -33.20
C LEU B 50 13.94 -44.58 -33.46
N ILE B 51 14.75 -44.25 -32.45
CA ILE B 51 16.20 -44.30 -32.58
C ILE B 51 16.63 -45.73 -32.86
N LEU B 52 16.11 -46.67 -32.06
CA LEU B 52 16.45 -48.08 -32.15
C LEU B 52 15.98 -48.72 -33.47
N TYR B 53 14.76 -48.38 -33.90
CA TYR B 53 14.28 -48.83 -35.20
C TYR B 53 15.18 -48.29 -36.33
N ALA B 54 15.38 -46.98 -36.35
CA ALA B 54 16.21 -46.32 -37.37
C ALA B 54 17.59 -46.97 -37.50
N VAL B 55 18.19 -47.31 -36.36
CA VAL B 55 19.52 -47.92 -36.32
C VAL B 55 19.50 -49.36 -36.87
N TRP B 56 18.42 -50.09 -36.60
CA TRP B 56 18.26 -51.43 -37.14
C TRP B 56 17.96 -51.40 -38.66
N ARG B 57 16.95 -50.62 -39.03
CA ARG B 57 16.46 -50.57 -40.40
C ARG B 57 17.44 -49.95 -41.40
N PHE B 58 18.18 -48.94 -40.94
CA PHE B 58 19.04 -48.16 -41.82
C PHE B 58 20.54 -48.36 -41.54
N HIS B 59 20.87 -49.41 -40.80
CA HIS B 59 22.26 -49.83 -40.65
C HIS B 59 22.89 -50.05 -42.03
N GLU B 60 24.18 -49.69 -42.15
CA GLU B 60 24.89 -49.74 -43.44
C GLU B 60 24.88 -51.12 -44.12
N LYS B 61 24.80 -52.20 -43.33
CA LYS B 61 24.75 -53.56 -43.89
C LYS B 61 23.37 -53.86 -44.52
N ARG B 62 22.34 -53.15 -44.07
CA ARG B 62 20.96 -53.37 -44.50
C ARG B 62 20.47 -52.33 -45.53
N ASN B 63 20.96 -51.10 -45.41
CA ASN B 63 20.67 -50.03 -46.35
C ASN B 63 21.97 -49.47 -46.86
N LYS B 64 22.43 -49.98 -48.00
CA LYS B 64 23.78 -49.68 -48.49
C LYS B 64 23.88 -48.32 -49.18
N VAL B 65 22.77 -47.83 -49.73
CA VAL B 65 22.77 -46.52 -50.38
C VAL B 65 21.87 -45.58 -49.60
N PRO B 66 22.45 -44.52 -49.02
CA PRO B 66 21.66 -43.58 -48.23
C PRO B 66 20.77 -42.67 -49.07
N ALA B 67 19.61 -42.31 -48.53
CA ALA B 67 18.76 -41.28 -49.11
C ALA B 67 19.40 -39.90 -48.96
N ARG B 68 18.77 -38.88 -49.54
CA ARG B 68 19.35 -37.54 -49.57
C ARG B 68 18.36 -36.45 -49.19
N PHE B 69 17.14 -36.83 -48.83
CA PHE B 69 16.13 -35.85 -48.42
C PHE B 69 16.54 -35.04 -47.18
N THR B 70 16.12 -33.78 -47.16
CA THR B 70 16.39 -32.86 -46.05
C THR B 70 15.12 -32.11 -45.63
N HIS B 71 13.97 -32.53 -46.17
CA HIS B 71 12.68 -31.86 -45.96
C HIS B 71 11.55 -32.88 -45.97
N ASN B 72 10.47 -32.55 -45.26
CA ASN B 72 9.20 -33.27 -45.32
C ASN B 72 8.14 -32.40 -44.64
N SER B 73 7.65 -31.41 -45.37
CA SER B 73 6.74 -30.37 -44.83
C SER B 73 5.56 -30.86 -43.98
N PRO B 74 4.77 -31.85 -44.46
CA PRO B 74 3.70 -32.44 -43.64
C PRO B 74 4.17 -32.98 -42.28
N LEU B 75 5.33 -33.63 -42.27
CA LEU B 75 5.89 -34.20 -41.04
C LEU B 75 6.39 -33.10 -40.11
N GLU B 76 7.03 -32.08 -40.68
CA GLU B 76 7.55 -30.96 -39.92
C GLU B 76 6.42 -30.12 -39.32
N ILE B 77 5.28 -30.11 -39.98
CA ILE B 77 4.10 -29.40 -39.51
C ILE B 77 3.46 -30.19 -38.37
N ALA B 78 3.28 -31.48 -38.60
CA ALA B 78 2.77 -32.39 -37.60
C ALA B 78 3.62 -32.37 -36.33
N TRP B 79 4.95 -32.45 -36.48
CA TRP B 79 5.81 -32.55 -35.31
C TRP B 79 6.06 -31.23 -34.59
N THR B 80 5.56 -30.13 -35.16
CA THR B 80 5.60 -28.84 -34.48
C THR B 80 4.28 -28.59 -33.72
N ILE B 81 3.15 -28.86 -34.38
CA ILE B 81 1.82 -28.65 -33.81
C ILE B 81 1.55 -29.58 -32.63
N VAL B 82 1.93 -30.85 -32.76
CA VAL B 82 1.67 -31.84 -31.72
C VAL B 82 2.29 -31.47 -30.34
N PRO B 83 3.60 -31.14 -30.28
CA PRO B 83 4.17 -30.55 -29.07
C PRO B 83 3.38 -29.35 -28.53
N ILE B 84 3.01 -28.41 -29.40
CA ILE B 84 2.19 -27.24 -28.98
C ILE B 84 0.86 -27.68 -28.35
N VAL B 85 0.19 -28.66 -28.96
CA VAL B 85 -1.08 -29.17 -28.45
C VAL B 85 -0.90 -29.79 -27.07
N ILE B 86 0.15 -30.58 -26.93
CA ILE B 86 0.48 -31.25 -25.67
C ILE B 86 0.67 -30.24 -24.52
N LEU B 87 1.39 -29.16 -24.79
CA LEU B 87 1.71 -28.16 -23.78
C LEU B 87 0.49 -27.31 -23.38
N VAL B 88 -0.34 -26.95 -24.37
CA VAL B 88 -1.57 -26.20 -24.12
C VAL B 88 -2.52 -27.02 -23.25
N ALA B 89 -2.60 -28.33 -23.53
CA ALA B 89 -3.41 -29.25 -22.76
C ALA B 89 -2.94 -29.37 -21.30
N ILE B 90 -1.63 -29.48 -21.11
CA ILE B 90 -1.03 -29.54 -19.78
C ILE B 90 -1.32 -28.25 -19.02
N GLY B 91 -1.05 -27.11 -19.67
CA GLY B 91 -1.33 -25.79 -19.12
C GLY B 91 -2.80 -25.56 -18.76
N ALA B 92 -3.71 -26.15 -19.54
CA ALA B 92 -5.15 -26.07 -19.27
C ALA B 92 -5.54 -26.72 -17.93
N PHE B 93 -4.95 -27.86 -17.62
CA PHE B 93 -5.14 -28.51 -16.31
C PHE B 93 -4.26 -27.88 -15.23
N SER B 94 -3.11 -27.35 -15.64
CA SER B 94 -2.07 -26.89 -14.72
C SER B 94 -2.33 -25.52 -14.10
N LEU B 95 -2.76 -24.56 -14.90
CA LEU B 95 -3.00 -23.18 -14.42
C LEU B 95 -4.06 -23.05 -13.30
N PRO B 96 -5.22 -23.74 -13.44
CA PRO B 96 -6.22 -23.69 -12.34
C PRO B 96 -5.64 -24.23 -11.04
N VAL B 97 -4.89 -25.32 -11.13
CA VAL B 97 -4.21 -25.90 -9.97
C VAL B 97 -3.24 -24.91 -9.34
N LEU B 98 -2.51 -24.16 -10.17
CA LEU B 98 -1.61 -23.13 -9.66
C LEU B 98 -2.37 -22.01 -8.94
N PHE B 99 -3.51 -21.63 -9.51
CA PHE B 99 -4.36 -20.59 -8.93
C PHE B 99 -4.89 -21.00 -7.56
N ASN B 100 -5.40 -22.23 -7.47
CA ASN B 100 -5.82 -22.83 -6.19
C ASN B 100 -4.70 -22.85 -5.14
N GLN B 101 -3.48 -23.10 -5.62
CA GLN B 101 -2.32 -23.23 -4.76
C GLN B 101 -1.90 -21.89 -4.18
N GLN B 102 -1.92 -20.86 -5.02
CA GLN B 102 -1.31 -19.57 -4.68
C GLN B 102 -2.30 -18.49 -4.24
N GLU B 103 -3.60 -18.74 -4.39
CA GLU B 103 -4.61 -17.80 -3.86
C GLU B 103 -4.89 -18.16 -2.41
N ILE B 104 -4.46 -17.27 -1.52
CA ILE B 104 -4.52 -17.50 -0.09
C ILE B 104 -5.93 -17.24 0.45
N PRO B 105 -6.61 -18.30 0.93
CA PRO B 105 -7.97 -18.14 1.44
C PRO B 105 -7.99 -17.56 2.86
N GLU B 106 -9.19 -17.41 3.41
CA GLU B 106 -9.39 -16.97 4.80
C GLU B 106 -8.93 -18.07 5.77
N ALA B 107 -8.09 -17.69 6.72
CA ALA B 107 -7.48 -18.61 7.65
C ALA B 107 -8.42 -18.98 8.80
N ASP B 108 -8.49 -20.27 9.10
CA ASP B 108 -9.03 -20.75 10.38
C ASP B 108 -7.95 -20.67 11.46
N VAL B 109 -6.70 -20.98 11.08
CA VAL B 109 -5.56 -20.99 11.99
C VAL B 109 -4.41 -20.27 11.32
N THR B 110 -3.72 -19.40 12.06
CA THR B 110 -2.58 -18.65 11.53
C THR B 110 -1.30 -18.96 12.30
N VAL B 111 -0.28 -19.38 11.57
CA VAL B 111 1.02 -19.64 12.17
C VAL B 111 2.05 -18.78 11.44
N LYS B 112 2.87 -18.08 12.20
CA LYS B 112 4.00 -17.38 11.61
C LYS B 112 5.25 -18.21 11.87
N VAL B 113 5.97 -18.53 10.80
CA VAL B 113 7.17 -19.37 10.88
C VAL B 113 8.41 -18.56 10.53
N THR B 114 9.43 -18.64 11.38
CA THR B 114 10.68 -17.98 11.11
C THR B 114 11.83 -18.99 11.06
N GLY B 115 12.59 -19.00 9.96
CA GLY B 115 13.79 -19.81 9.84
C GLY B 115 15.03 -19.15 10.42
N TYR B 116 15.78 -19.90 11.23
CA TYR B 116 17.03 -19.45 11.79
C TYR B 116 18.08 -20.48 11.44
N GLN B 117 19.34 -20.08 11.56
CA GLN B 117 20.45 -21.01 11.55
C GLN B 117 20.65 -21.59 12.98
N TRP B 118 20.31 -22.86 13.25
CA TRP B 118 19.62 -23.83 12.37
C TRP B 118 18.44 -24.48 13.12
N TYR B 119 17.28 -23.84 13.00
CA TYR B 119 16.05 -24.28 13.67
C TYR B 119 14.90 -23.42 13.18
N TRP B 120 13.68 -23.80 13.53
CA TRP B 120 12.50 -23.04 13.15
C TRP B 120 11.83 -22.46 14.40
N GLY B 121 11.35 -21.23 14.29
CA GLY B 121 10.57 -20.61 15.35
C GLY B 121 9.14 -20.50 14.88
N TYR B 122 8.19 -20.85 15.75
CA TYR B 122 6.77 -20.83 15.43
C TYR B 122 6.04 -19.84 16.33
N GLU B 123 5.16 -19.04 15.74
CA GLU B 123 4.30 -18.12 16.47
CA GLU B 123 4.30 -18.14 16.49
C GLU B 123 2.85 -18.29 16.06
N TYR B 124 1.97 -18.41 17.04
CA TYR B 124 0.54 -18.44 16.77
C TYR B 124 0.00 -17.08 17.26
N PRO B 125 -0.10 -16.08 16.34
CA PRO B 125 -0.54 -14.74 16.79
C PRO B 125 -1.90 -14.65 17.48
N ASP B 126 -2.90 -15.43 17.05
CA ASP B 126 -4.22 -15.45 17.72
C ASP B 126 -4.17 -16.05 19.11
N GLU B 127 -3.12 -16.81 19.42
CA GLU B 127 -3.08 -17.61 20.63
C GLU B 127 -1.99 -17.17 21.58
N GLU B 128 -1.20 -16.19 21.14
CA GLU B 128 -0.02 -15.74 21.86
C GLU B 128 0.90 -16.91 22.27
N ILE B 129 1.01 -17.90 21.39
CA ILE B 129 1.95 -19.00 21.58
C ILE B 129 3.13 -18.80 20.64
N SER B 130 4.34 -18.98 21.18
CA SER B 130 5.53 -19.08 20.36
C SER B 130 6.48 -20.07 21.00
N PHE B 131 7.30 -20.72 20.17
CA PHE B 131 8.27 -21.72 20.61
C PHE B 131 9.26 -21.99 19.48
N GLU B 132 10.38 -22.63 19.81
CA GLU B 132 11.37 -23.05 18.81
C GLU B 132 11.40 -24.57 18.64
N SER B 133 11.83 -24.99 17.46
CA SER B 133 11.75 -26.38 17.09
C SER B 133 13.08 -26.83 16.50
N TYR B 134 13.73 -27.73 17.23
CA TYR B 134 15.05 -28.20 16.92
C TYR B 134 14.96 -29.66 16.55
N MET B 135 15.87 -30.10 15.67
CA MET B 135 16.04 -31.52 15.39
C MET B 135 16.39 -32.27 16.66
N ILE B 136 15.75 -33.42 16.86
CA ILE B 136 16.17 -34.33 17.92
C ILE B 136 17.53 -34.90 17.52
N GLY B 137 18.53 -34.62 18.35
CA GLY B 137 19.90 -34.93 18.00
C GLY B 137 20.75 -33.73 17.59
N SER B 138 20.15 -32.56 17.41
CA SER B 138 20.90 -31.30 17.25
C SER B 138 21.64 -30.94 18.55
N PRO B 139 22.65 -30.04 18.48
CA PRO B 139 23.25 -29.55 19.72
C PRO B 139 22.24 -29.04 20.79
N ALA B 140 21.09 -28.51 20.37
CA ALA B 140 20.07 -28.06 21.32
C ALA B 140 19.53 -29.15 22.26
N THR B 141 19.44 -30.38 21.74
CA THR B 141 18.92 -31.49 22.55
C THR B 141 20.07 -32.32 23.12
N GLY B 142 21.28 -31.77 23.04
CA GLY B 142 22.46 -32.44 23.60
C GLY B 142 23.26 -33.29 22.63
N GLY B 143 22.92 -33.30 21.35
CA GLY B 143 23.63 -34.17 20.41
C GLY B 143 24.59 -33.41 19.51
N ASP B 144 24.99 -34.04 18.42
CA ASP B 144 25.82 -33.37 17.42
C ASP B 144 25.50 -33.84 16.01
N ASN B 145 24.20 -33.98 15.77
CA ASN B 145 23.63 -34.23 14.44
C ASN B 145 23.88 -35.65 13.90
N ARG B 146 24.15 -36.59 14.81
CA ARG B 146 24.32 -38.01 14.44
C ARG B 146 23.49 -38.90 15.36
N MET B 147 23.22 -40.12 14.89
CA MET B 147 22.54 -41.12 15.71
C MET B 147 23.48 -41.54 16.85
N SER B 148 22.86 -41.84 17.98
CA SER B 148 23.57 -42.37 19.16
C SER B 148 22.49 -42.98 20.05
N PRO B 149 22.88 -43.81 21.05
CA PRO B 149 21.90 -44.33 22.02
C PRO B 149 21.06 -43.23 22.68
N GLU B 150 21.71 -42.14 23.11
CA GLU B 150 21.00 -40.99 23.68
C GLU B 150 19.96 -40.42 22.73
N VAL B 151 20.32 -40.25 21.45
CA VAL B 151 19.39 -39.76 20.43
C VAL B 151 18.22 -40.71 20.19
N GLU B 152 18.50 -42.03 20.12
CA GLU B 152 17.40 -42.99 19.94
C GLU B 152 16.45 -42.93 21.13
N GLN B 153 17.00 -42.81 22.32
CA GLN B 153 16.19 -42.68 23.54
C GLN B 153 15.29 -41.44 23.50
N GLN B 154 15.83 -40.32 23.03
CA GLN B 154 15.03 -39.10 22.90
C GLN B 154 13.96 -39.24 21.83
N LEU B 155 14.26 -39.91 20.73
CA LEU B 155 13.25 -40.14 19.69
C LEU B 155 12.08 -40.95 20.25
N ILE B 156 12.41 -42.06 20.92
CA ILE B 156 11.40 -42.89 21.60
C ILE B 156 10.56 -42.09 22.61
N GLU B 157 11.22 -41.35 23.51
CA GLU B 157 10.50 -40.51 24.48
C GLU B 157 9.53 -39.51 23.87
N ALA B 158 9.85 -39.03 22.65
CA ALA B 158 9.03 -38.02 21.98
C ALA B 158 7.90 -38.65 21.16
N GLY B 159 7.83 -39.99 21.16
CA GLY B 159 6.78 -40.70 20.43
C GLY B 159 7.20 -41.19 19.05
N TYR B 160 8.51 -41.27 18.79
CA TYR B 160 9.04 -41.71 17.50
C TYR B 160 9.93 -42.96 17.67
N SER B 161 10.70 -43.26 16.63
CA SER B 161 11.65 -44.36 16.69
C SER B 161 12.92 -43.92 16.01
N ARG B 162 13.92 -44.80 16.04
CA ARG B 162 15.19 -44.57 15.37
C ARG B 162 15.03 -44.17 13.89
N ASP B 163 13.98 -44.68 13.23
CA ASP B 163 13.73 -44.43 11.80
C ASP B 163 13.36 -42.98 11.42
N GLU B 164 12.89 -42.21 12.41
CA GLU B 164 12.53 -40.81 12.20
C GLU B 164 13.70 -39.85 12.46
N PHE B 165 14.88 -40.39 12.70
CA PHE B 165 16.04 -39.51 12.90
C PHE B 165 16.26 -38.67 11.63
N LEU B 166 16.50 -37.37 11.85
CA LEU B 166 16.70 -36.32 10.83
C LEU B 166 15.42 -35.66 10.40
N LEU B 167 14.31 -36.25 10.82
CA LEU B 167 12.98 -35.75 10.49
C LEU B 167 12.28 -35.19 11.72
N ALA B 168 12.34 -35.93 12.83
CA ALA B 168 11.64 -35.57 14.05
C ALA B 168 12.32 -34.43 14.79
N THR B 169 11.50 -33.51 15.29
CA THR B 169 11.95 -32.36 16.07
C THR B 169 11.43 -32.44 17.52
N ASP B 170 12.07 -31.71 18.45
CA ASP B 170 11.70 -31.72 19.85
C ASP B 170 10.28 -31.18 20.12
N THR B 171 9.85 -30.22 19.32
CA THR B 171 8.48 -29.69 19.39
C THR B 171 7.90 -29.73 18.00
N ALA B 172 6.58 -29.89 17.92
CA ALA B 172 5.90 -29.94 16.63
C ALA B 172 4.97 -28.74 16.45
N MET B 173 4.73 -28.37 15.20
CA MET B 173 3.68 -27.42 14.88
C MET B 173 2.36 -28.19 14.87
N VAL B 174 1.46 -27.85 15.79
CA VAL B 174 0.21 -28.61 15.97
C VAL B 174 -0.92 -27.83 15.36
N VAL B 175 -1.79 -28.50 14.60
CA VAL B 175 -2.92 -27.86 13.93
C VAL B 175 -4.15 -28.81 13.94
N PRO B 176 -5.36 -28.24 13.84
CA PRO B 176 -6.55 -29.10 13.77
C PRO B 176 -6.85 -29.58 12.35
N VAL B 177 -7.33 -30.82 12.25
CA VAL B 177 -7.73 -31.44 10.99
C VAL B 177 -8.90 -30.70 10.33
N ASN B 178 -8.94 -30.73 8.99
CA ASN B 178 -10.04 -30.13 8.20
C ASN B 178 -10.25 -28.65 8.44
N LYS B 179 -9.16 -27.94 8.74
CA LYS B 179 -9.21 -26.51 8.94
C LYS B 179 -8.19 -25.86 8.02
N THR B 180 -8.49 -24.64 7.58
CA THR B 180 -7.63 -23.88 6.70
C THR B 180 -6.50 -23.22 7.51
N VAL B 181 -5.29 -23.74 7.32
CA VAL B 181 -4.10 -23.19 7.96
C VAL B 181 -3.35 -22.30 6.98
N VAL B 182 -3.12 -21.05 7.39
CA VAL B 182 -2.28 -20.13 6.65
C VAL B 182 -0.99 -19.96 7.43
N VAL B 183 0.12 -20.22 6.75
CA VAL B 183 1.44 -20.12 7.34
C VAL B 183 2.14 -18.91 6.73
N GLN B 184 2.63 -18.01 7.58
CA GLN B 184 3.41 -16.87 7.11
C GLN B 184 4.88 -17.17 7.35
N VAL B 185 5.69 -17.13 6.28
CA VAL B 185 7.08 -17.62 6.34
C VAL B 185 8.11 -16.49 6.10
N THR B 186 9.08 -16.37 7.00
CA THR B 186 10.17 -15.45 6.80
C THR B 186 11.47 -16.04 7.33
N GLY B 187 12.59 -15.42 7.01
CA GLY B 187 13.88 -15.86 7.54
C GLY B 187 14.51 -14.78 8.39
N ALA B 188 15.27 -15.20 9.40
CA ALA B 188 15.84 -14.29 10.38
C ALA B 188 17.26 -13.88 10.02
N ASP B 189 17.97 -14.72 9.30
CA ASP B 189 19.41 -14.50 9.11
C ASP B 189 19.83 -14.77 7.67
N VAL B 190 19.58 -15.99 7.19
CA VAL B 190 19.76 -16.32 5.78
C VAL B 190 18.44 -16.86 5.22
N ILE B 191 18.42 -17.17 3.93
CA ILE B 191 17.26 -17.81 3.34
C ILE B 191 17.24 -19.29 3.75
N HIS B 192 16.08 -19.72 4.26
CA HIS B 192 15.75 -21.13 4.51
C HIS B 192 14.55 -21.44 3.62
N SER B 193 14.03 -22.65 3.71
CA SER B 193 12.78 -22.93 3.02
C SER B 193 11.95 -23.95 3.75
N TRP B 194 10.69 -23.59 3.99
CA TRP B 194 9.79 -24.39 4.82
C TRP B 194 8.87 -25.20 3.93
N THR B 195 8.78 -26.49 4.19
CA THR B 195 8.02 -27.37 3.32
C THR B 195 7.44 -28.55 4.06
N VAL B 196 6.31 -29.03 3.57
CA VAL B 196 5.79 -30.35 3.99
C VAL B 196 5.29 -31.04 2.74
N PRO B 197 6.06 -32.03 2.23
CA PRO B 197 5.66 -32.79 1.03
C PRO B 197 4.21 -33.32 1.04
N ALA B 198 3.76 -33.84 2.19
CA ALA B 198 2.39 -34.38 2.31
C ALA B 198 1.31 -33.32 2.09
N PHE B 199 1.66 -32.05 2.30
CA PHE B 199 0.69 -30.96 2.11
C PHE B 199 0.81 -30.29 0.74
N GLY B 200 1.90 -30.57 0.03
CA GLY B 200 2.15 -29.95 -1.28
C GLY B 200 2.52 -28.48 -1.15
N VAL B 201 3.22 -28.14 -0.08
CA VAL B 201 3.62 -26.77 0.16
C VAL B 201 5.12 -26.59 0.34
N LYS B 202 5.61 -25.44 -0.11
CA LYS B 202 6.99 -25.03 0.02
C LYS B 202 7.07 -23.54 -0.17
N GLN B 203 7.79 -22.87 0.71
CA GLN B 203 7.95 -21.44 0.59
C GLN B 203 9.27 -21.03 1.19
N ASP B 204 10.10 -20.37 0.40
CA ASP B 204 11.35 -19.85 0.90
C ASP B 204 11.11 -18.85 2.04
N ALA B 205 12.01 -18.89 3.00
CA ALA B 205 11.96 -18.03 4.17
C ALA B 205 13.01 -16.98 3.97
N VAL B 206 12.64 -15.90 3.30
CA VAL B 206 13.59 -14.85 2.93
C VAL B 206 13.62 -13.73 3.98
N PRO B 207 14.79 -13.43 4.54
CA PRO B 207 14.93 -12.26 5.42
C PRO B 207 14.39 -11.00 4.77
N GLY B 208 13.54 -10.28 5.50
CA GLY B 208 12.96 -9.01 5.03
C GLY B 208 11.67 -9.16 4.27
N ARG B 209 11.25 -10.40 4.02
CA ARG B 209 9.99 -10.68 3.34
C ARG B 209 9.11 -11.65 4.14
N LEU B 210 7.80 -11.42 4.10
CA LEU B 210 6.84 -12.33 4.69
C LEU B 210 5.99 -12.92 3.58
N ALA B 211 6.09 -14.23 3.39
CA ALA B 211 5.36 -14.89 2.30
C ALA B 211 4.37 -15.87 2.88
N GLN B 212 3.29 -16.13 2.16
CA GLN B 212 2.21 -16.92 2.70
C GLN B 212 1.99 -18.18 1.90
N LEU B 213 1.64 -19.25 2.59
CA LEU B 213 1.18 -20.48 1.98
C LEU B 213 -0.05 -20.93 2.75
N TRP B 214 -0.82 -21.85 2.17
CA TRP B 214 -1.96 -22.41 2.88
C TRP B 214 -2.03 -23.91 2.68
N PHE B 215 -2.61 -24.59 3.66
CA PHE B 215 -3.02 -25.98 3.50
C PHE B 215 -4.25 -26.27 4.34
N ARG B 216 -4.96 -27.33 3.98
CA ARG B 216 -6.00 -27.88 4.82
C ARG B 216 -5.74 -29.36 4.88
N ALA B 217 -5.36 -29.87 6.07
CA ALA B 217 -5.08 -31.28 6.26
C ALA B 217 -6.38 -32.08 6.36
N GLU B 218 -6.42 -33.21 5.66
CA GLU B 218 -7.64 -34.00 5.49
C GLU B 218 -7.64 -35.24 6.36
N ARG B 219 -6.52 -35.48 7.03
CA ARG B 219 -6.45 -36.55 8.00
C ARG B 219 -5.42 -36.24 9.07
N GLU B 220 -5.62 -36.86 10.24
CA GLU B 220 -4.77 -36.68 11.38
C GLU B 220 -3.49 -37.47 11.19
N GLY B 221 -2.42 -37.02 11.81
CA GLY B 221 -1.18 -37.76 11.82
C GLY B 221 0.03 -36.86 11.95
N ILE B 222 1.19 -37.44 11.67
CA ILE B 222 2.48 -36.79 11.77
C ILE B 222 3.06 -36.69 10.35
N PHE B 223 3.56 -35.49 10.01
CA PHE B 223 4.02 -35.16 8.67
C PHE B 223 5.31 -34.36 8.80
N PHE B 224 6.33 -34.78 8.07
CA PHE B 224 7.65 -34.17 8.14
C PHE B 224 8.03 -33.40 6.89
N GLY B 225 8.80 -32.35 7.08
CA GLY B 225 9.51 -31.66 6.00
C GLY B 225 10.95 -31.43 6.43
N GLN B 226 11.76 -30.90 5.51
CA GLN B 226 13.16 -30.63 5.75
C GLN B 226 13.55 -29.30 5.08
N CYS B 227 14.46 -28.54 5.68
CA CYS B 227 14.81 -27.21 5.19
C CYS B 227 15.29 -27.30 3.74
N SER B 228 14.68 -26.51 2.86
CA SER B 228 14.86 -26.66 1.42
C SER B 228 15.52 -25.47 0.71
N GLU B 229 16.36 -24.75 1.44
CA GLU B 229 17.29 -23.81 0.80
C GLU B 229 18.57 -23.84 1.59
N LEU B 230 19.69 -24.11 0.92
CA LEU B 230 20.99 -24.19 1.58
C LEU B 230 21.27 -22.92 2.39
N CYS B 231 21.56 -23.11 3.68
CA CYS B 231 21.58 -22.05 4.67
C CYS B 231 22.77 -22.19 5.59
N GLY B 232 23.74 -23.02 5.18
CA GLY B 232 24.95 -23.18 5.98
C GLY B 232 25.15 -24.57 6.52
N ILE B 233 25.96 -24.68 7.58
CA ILE B 233 26.52 -25.96 8.02
C ILE B 233 25.48 -27.01 8.45
N SER B 234 24.34 -26.59 8.99
CA SER B 234 23.34 -27.52 9.51
C SER B 234 21.99 -27.45 8.76
N HIS B 235 22.08 -27.05 7.48
CA HIS B 235 21.04 -27.17 6.48
C HIS B 235 20.35 -28.56 6.51
N ALA B 236 21.15 -29.62 6.59
CA ALA B 236 20.66 -31.01 6.63
C ALA B 236 20.00 -31.36 7.95
N TYR B 237 20.10 -30.44 8.93
CA TYR B 237 19.73 -30.73 10.33
C TYR B 237 18.72 -29.79 11.00
N MET B 238 17.73 -29.30 10.23
CA MET B 238 16.69 -28.43 10.77
C MET B 238 15.32 -28.72 10.15
N PRO B 239 14.75 -29.91 10.49
CA PRO B 239 13.52 -30.34 9.87
C PRO B 239 12.28 -29.75 10.52
N ILE B 240 11.14 -30.20 10.00
CA ILE B 240 9.83 -29.66 10.30
C ILE B 240 8.96 -30.84 10.65
N THR B 241 8.30 -30.77 11.80
CA THR B 241 7.29 -31.73 12.19
C THR B 241 5.95 -30.99 12.36
N VAL B 242 4.92 -31.47 11.65
CA VAL B 242 3.56 -30.99 11.80
C VAL B 242 2.69 -32.16 12.31
N LYS B 243 1.94 -31.89 13.38
CA LYS B 243 0.99 -32.87 13.91
C LYS B 243 -0.40 -32.33 13.65
N VAL B 244 -1.18 -33.10 12.90
CA VAL B 244 -2.57 -32.76 12.63
C VAL B 244 -3.42 -33.60 13.57
N VAL B 245 -4.25 -32.93 14.37
CA VAL B 245 -5.04 -33.58 15.42
C VAL B 245 -6.51 -33.15 15.36
N SER B 246 -7.36 -33.78 16.17
CA SER B 246 -8.75 -33.35 16.29
C SER B 246 -8.81 -31.92 16.81
N GLU B 247 -9.94 -31.24 16.56
CA GLU B 247 -10.19 -29.92 17.12
C GLU B 247 -10.04 -29.85 18.64
N GLU B 248 -10.45 -30.91 19.32
CA GLU B 248 -10.40 -30.95 20.79
C GLU B 248 -8.97 -31.14 21.28
N ALA B 249 -8.24 -32.06 20.66
CA ALA B 249 -6.81 -32.26 20.96
C ALA B 249 -6.00 -31.00 20.69
N TYR B 250 -6.33 -30.28 19.61
CA TYR B 250 -5.70 -29.00 19.30
C TYR B 250 -5.98 -27.98 20.40
N ALA B 251 -7.24 -27.87 20.80
CA ALA B 251 -7.64 -27.04 21.95
C ALA B 251 -6.88 -27.40 23.21
N ALA B 252 -6.77 -28.70 23.49
CA ALA B 252 -6.07 -29.18 24.67
C ALA B 252 -4.61 -28.75 24.68
N TRP B 253 -3.97 -28.88 23.52
CA TRP B 253 -2.60 -28.43 23.30
C TRP B 253 -2.49 -26.92 23.49
N LEU B 254 -3.45 -26.17 22.93
CA LEU B 254 -3.49 -24.72 23.15
C LEU B 254 -3.55 -24.36 24.64
N GLU B 255 -4.45 -25.01 25.38
CA GLU B 255 -4.60 -24.77 26.83
C GLU B 255 -3.35 -25.13 27.62
N GLN B 256 -2.68 -26.22 27.23
CA GLN B 256 -1.39 -26.57 27.84
C GLN B 256 -0.36 -25.45 27.77
N HIS B 257 -0.47 -24.59 26.75
CA HIS B 257 0.46 -23.47 26.58
C HIS B 257 0.01 -22.19 27.27
N HIS B 258 -1.24 -22.16 27.73
CA HIS B 258 -1.81 -20.95 28.33
C HIS B 258 -1.28 -20.73 29.74
N HIS B 259 -0.71 -19.55 29.96
CA HIS B 259 -0.16 -19.22 31.28
C HIS B 259 -1.14 -18.35 32.05
N HIS B 260 -1.50 -18.81 33.25
CA HIS B 260 -2.50 -18.13 34.07
C HIS B 260 -1.85 -17.22 35.10
N TRP C 20 -15.21 -5.06 5.31
CA TRP C 20 -15.66 -3.68 5.70
C TRP C 20 -14.97 -2.59 4.89
N PHE C 21 -13.70 -2.33 5.20
CA PHE C 21 -12.92 -1.24 4.59
C PHE C 21 -12.57 -1.49 3.13
N MET C 22 -12.67 -2.75 2.70
CA MET C 22 -12.38 -3.15 1.32
C MET C 22 -13.63 -3.13 0.44
N SER C 23 -14.79 -3.13 1.08
CA SER C 23 -16.08 -3.21 0.37
C SER C 23 -16.37 -1.97 -0.47
N THR C 24 -16.81 -2.20 -1.69
CA THR C 24 -17.19 -1.13 -2.62
C THR C 24 -18.71 -1.01 -2.70
N ASN C 25 -19.40 -1.77 -1.87
CA ASN C 25 -20.86 -1.74 -1.82
C ASN C 25 -21.38 -0.52 -1.06
N HIS C 26 -22.30 0.21 -1.70
CA HIS C 26 -22.85 1.47 -1.17
C HIS C 26 -23.37 1.39 0.28
N LYS C 27 -23.86 0.23 0.68
CA LYS C 27 -24.37 0.04 2.04
C LYS C 27 -23.25 0.01 3.07
N ASP C 28 -22.17 -0.72 2.76
CA ASP C 28 -21.02 -0.83 3.64
C ASP C 28 -20.27 0.49 3.73
N ILE C 29 -20.14 1.18 2.60
CA ILE C 29 -19.50 2.49 2.52
C ILE C 29 -20.26 3.53 3.35
N GLY C 30 -21.60 3.57 3.18
CA GLY C 30 -22.48 4.39 3.99
C GLY C 30 -22.32 4.18 5.49
N VAL C 31 -22.20 2.91 5.89
CA VAL C 31 -21.99 2.54 7.30
C VAL C 31 -20.62 2.99 7.81
N LEU C 32 -19.61 2.94 6.95
CA LEU C 32 -18.27 3.40 7.30
C LEU C 32 -18.26 4.91 7.60
N TYR C 33 -18.77 5.70 6.66
CA TYR C 33 -19.00 7.14 6.84
C TYR C 33 -19.77 7.48 8.12
N LEU C 34 -20.84 6.73 8.42
CA LEU C 34 -21.67 6.98 9.59
C LEU C 34 -20.94 6.77 10.91
N PHE C 35 -20.23 5.64 11.02
CA PHE C 35 -19.44 5.33 12.21
C PHE C 35 -18.24 6.28 12.41
N THR C 36 -17.56 6.60 11.30
CA THR C 36 -16.38 7.48 11.31
C THR C 36 -16.80 8.92 11.65
N GLY C 37 -17.78 9.44 10.91
CA GLY C 37 -18.39 10.74 11.19
C GLY C 37 -18.83 10.90 12.63
N GLY C 38 -19.33 9.81 13.21
CA GLY C 38 -19.73 9.78 14.62
C GLY C 38 -18.55 9.84 15.58
N LEU C 39 -17.43 9.21 15.18
CA LEU C 39 -16.23 9.24 16.00
C LEU C 39 -15.55 10.63 15.97
N VAL C 40 -15.43 11.20 14.78
CA VAL C 40 -14.91 12.56 14.62
C VAL C 40 -15.82 13.53 15.39
N GLY C 41 -17.13 13.38 15.22
CA GLY C 41 -18.13 14.14 15.95
C GLY C 41 -17.89 14.14 17.45
N LEU C 42 -17.50 12.99 17.99
CA LEU C 42 -17.22 12.87 19.42
C LEU C 42 -15.98 13.66 19.83
N ILE C 43 -14.96 13.64 18.97
CA ILE C 43 -13.71 14.38 19.18
C ILE C 43 -14.02 15.88 19.16
N SER C 44 -14.70 16.32 18.09
CA SER C 44 -15.11 17.71 17.98
C SER C 44 -16.02 18.19 19.11
N VAL C 45 -16.90 17.31 19.62
CA VAL C 45 -17.78 17.67 20.74
C VAL C 45 -17.00 17.76 22.06
N ALA C 46 -15.98 16.91 22.20
CA ALA C 46 -15.07 17.00 23.33
C ALA C 46 -14.38 18.37 23.39
N PHE C 47 -13.96 18.91 22.23
CA PHE C 47 -13.44 20.29 22.13
C PHE C 47 -14.43 21.29 22.71
N THR C 48 -15.68 21.24 22.24
CA THR C 48 -16.71 22.17 22.71
C THR C 48 -16.93 22.09 24.22
N VAL C 49 -16.73 20.91 24.79
CA VAL C 49 -16.88 20.73 26.24
C VAL C 49 -15.76 21.48 26.96
N TYR C 50 -14.54 21.33 26.44
CA TYR C 50 -13.37 22.03 26.97
C TYR C 50 -13.50 23.54 26.74
N MET C 51 -13.96 23.91 25.56
CA MET C 51 -14.32 25.30 25.24
C MET C 51 -15.29 25.87 26.26
N ARG C 52 -16.36 25.13 26.57
CA ARG C 52 -17.36 25.60 27.52
C ARG C 52 -16.91 25.55 28.97
N MET C 53 -15.93 24.70 29.27
CA MET C 53 -15.31 24.74 30.59
C MET C 53 -14.61 26.09 30.81
N GLU C 54 -13.82 26.52 29.84
CA GLU C 54 -13.14 27.81 29.91
C GLU C 54 -14.08 29.02 29.87
N LEU C 55 -15.20 28.91 29.15
CA LEU C 55 -16.13 30.04 29.04
C LEU C 55 -17.17 30.08 30.15
N MET C 56 -17.12 29.08 31.01
CA MET C 56 -18.06 28.98 32.14
C MET C 56 -17.87 30.12 33.13
N ALA C 57 -16.62 30.53 33.34
CA ALA C 57 -16.33 31.64 34.26
C ALA C 57 -15.33 32.61 33.65
N PRO C 58 -15.52 33.93 33.90
CA PRO C 58 -14.55 34.94 33.47
C PRO C 58 -13.19 34.71 34.17
N GLY C 59 -12.12 35.16 33.55
CA GLY C 59 -10.76 34.79 33.96
C GLY C 59 -10.42 33.46 33.30
N VAL C 60 -9.15 33.26 32.98
CA VAL C 60 -8.68 32.00 32.42
C VAL C 60 -8.18 31.05 33.53
N GLN C 61 -8.75 29.85 33.58
CA GLN C 61 -8.47 28.88 34.63
C GLN C 61 -7.93 27.55 34.09
N PHE C 62 -8.16 27.30 32.81
CA PHE C 62 -7.79 26.02 32.19
C PHE C 62 -6.68 26.16 31.15
N MET C 63 -6.81 27.16 30.28
CA MET C 63 -5.88 27.27 29.16
C MET C 63 -4.64 28.08 29.55
N CYS C 64 -3.89 27.51 30.48
CA CYS C 64 -2.70 28.13 31.07
C CYS C 64 -1.44 27.84 30.25
N ALA C 65 -0.61 28.86 30.05
CA ALA C 65 0.71 28.70 29.45
C ALA C 65 1.63 27.76 30.26
N GLU C 66 1.40 27.69 31.57
CA GLU C 66 2.14 26.79 32.46
C GLU C 66 2.03 25.32 32.03
N HIS C 67 0.98 24.97 31.29
CA HIS C 67 0.77 23.60 30.81
C HIS C 67 1.60 23.26 29.57
N LEU C 68 2.33 24.23 29.04
CA LEU C 68 3.18 24.03 27.85
C LEU C 68 4.58 23.51 28.22
N GLU C 69 5.08 23.93 29.39
CA GLU C 69 6.39 23.51 29.88
C GLU C 69 6.36 22.04 30.37
N SER C 70 5.15 21.54 30.63
CA SER C 70 4.95 20.13 30.97
C SER C 70 4.97 19.25 29.73
N GLY C 71 4.66 17.98 29.91
CA GLY C 71 4.57 17.03 28.79
C GLY C 71 3.30 17.24 27.98
N LEU C 72 3.24 16.57 26.83
CA LEU C 72 2.06 16.62 25.95
C LEU C 72 0.90 15.83 26.55
N VAL C 73 1.22 14.67 27.14
CA VAL C 73 0.21 13.86 27.85
C VAL C 73 0.05 14.34 29.29
N LYS C 74 1.14 14.81 29.89
CA LYS C 74 1.12 15.35 31.26
C LYS C 74 0.33 16.66 31.34
N GLY C 75 0.55 17.55 30.38
CA GLY C 75 -0.14 18.85 30.31
C GLY C 75 -1.62 18.74 29.97
N PHE C 76 -2.00 17.64 29.32
CA PHE C 76 -3.39 17.33 28.97
C PHE C 76 -4.28 17.24 30.22
N PHE C 77 -3.88 16.40 31.18
CA PHE C 77 -4.67 16.18 32.39
C PHE C 77 -4.56 17.33 33.39
N GLN C 78 -3.49 18.11 33.26
CA GLN C 78 -3.32 19.38 33.97
C GLN C 78 -4.41 20.35 33.55
N SER C 79 -4.56 20.48 32.24
CA SER C 79 -5.45 21.46 31.63
C SER C 79 -6.94 21.19 31.86
N LEU C 80 -7.26 19.98 32.33
CA LEU C 80 -8.65 19.61 32.63
C LEU C 80 -9.07 20.05 34.02
N TRP C 81 -8.10 20.46 34.83
CA TRP C 81 -8.35 20.95 36.18
C TRP C 81 -8.13 22.46 36.28
N PRO C 82 -9.07 23.18 36.91
CA PRO C 82 -8.99 24.63 37.01
C PRO C 82 -7.88 25.14 37.95
N SER C 83 -7.04 26.03 37.42
CA SER C 83 -6.07 26.76 38.23
C SER C 83 -6.67 28.07 38.71
N ALA C 84 -6.06 28.65 39.74
CA ALA C 84 -6.44 29.99 40.17
C ALA C 84 -5.84 30.97 39.17
N VAL C 85 -6.51 32.10 38.96
CA VAL C 85 -6.09 33.10 37.98
C VAL C 85 -4.61 33.51 38.19
N GLU C 86 -4.25 33.75 39.44
CA GLU C 86 -2.87 34.09 39.81
C GLU C 86 -1.82 33.04 39.42
N ASN C 87 -2.28 31.82 39.15
CA ASN C 87 -1.38 30.73 38.72
C ASN C 87 -1.55 30.33 37.26
N CYS C 88 -2.41 31.06 36.55
CA CYS C 88 -2.75 30.73 35.18
C CYS C 88 -2.44 31.87 34.23
N THR C 89 -1.35 31.71 33.47
CA THR C 89 -0.98 32.67 32.44
C THR C 89 -1.79 32.36 31.17
N PRO C 90 -2.71 33.27 30.79
CA PRO C 90 -3.63 33.01 29.68
C PRO C 90 -2.93 32.67 28.38
N ASN C 91 -3.34 31.58 27.75
CA ASN C 91 -2.84 31.17 26.45
C ASN C 91 -3.92 31.24 25.37
N GLY C 92 -4.06 32.42 24.77
CA GLY C 92 -5.02 32.65 23.70
C GLY C 92 -4.86 31.73 22.51
N HIS C 93 -3.64 31.25 22.25
CA HIS C 93 -3.41 30.42 21.08
C HIS C 93 -4.12 29.07 21.17
N LEU C 94 -4.12 28.47 22.35
CA LEU C 94 -4.80 27.18 22.54
C LEU C 94 -6.30 27.35 22.29
N TRP C 95 -6.88 28.42 22.80
CA TRP C 95 -8.27 28.74 22.52
C TRP C 95 -8.52 28.81 21.01
N ASN C 96 -7.69 29.58 20.32
CA ASN C 96 -7.85 29.78 18.88
C ASN C 96 -7.72 28.46 18.11
N VAL C 97 -6.84 27.58 18.59
CA VAL C 97 -6.63 26.24 18.01
C VAL C 97 -7.84 25.32 18.23
N MET C 98 -8.37 25.30 19.45
CA MET C 98 -9.56 24.50 19.77
C MET C 98 -10.77 24.83 18.89
N ILE C 99 -11.08 26.14 18.79
CA ILE C 99 -12.28 26.58 18.07
C ILE C 99 -12.13 26.37 16.57
N THR C 100 -10.90 26.53 16.08
CA THR C 100 -10.57 26.28 14.69
C THR C 100 -10.73 24.77 14.40
N GLY C 101 -10.19 23.93 15.29
CA GLY C 101 -10.33 22.48 15.19
C GLY C 101 -11.79 22.03 15.22
N HIS C 102 -12.52 22.51 16.22
CA HIS C 102 -13.96 22.30 16.33
C HIS C 102 -14.70 22.62 15.02
N GLY C 103 -14.45 23.81 14.48
CA GLY C 103 -15.10 24.27 13.27
C GLY C 103 -14.75 23.45 12.03
N ILE C 104 -13.46 23.19 11.82
CA ILE C 104 -13.02 22.44 10.62
C ILE C 104 -13.53 20.98 10.65
N LEU C 105 -13.44 20.35 11.81
CA LEU C 105 -13.95 18.98 11.98
C LEU C 105 -15.44 18.89 11.71
N MET C 106 -16.23 19.82 12.25
CA MET C 106 -17.67 19.81 12.02
C MET C 106 -18.03 20.02 10.55
N MET C 107 -17.43 21.03 9.92
CA MET C 107 -17.84 21.48 8.60
C MET C 107 -17.30 20.64 7.43
N PHE C 108 -16.22 19.91 7.69
CA PHE C 108 -15.58 19.09 6.65
C PHE C 108 -15.58 17.60 6.97
N PHE C 109 -15.54 17.25 8.25
CA PHE C 109 -15.23 15.88 8.64
C PHE C 109 -16.25 15.20 9.58
N VAL C 110 -17.42 15.83 9.77
CA VAL C 110 -18.47 15.23 10.60
C VAL C 110 -19.83 15.12 9.89
N VAL C 111 -20.53 16.25 9.73
CA VAL C 111 -21.95 16.21 9.36
C VAL C 111 -22.22 15.83 7.90
N ILE C 112 -21.42 16.36 6.98
CA ILE C 112 -21.56 16.02 5.56
C ILE C 112 -21.16 14.56 5.31
N PRO C 113 -19.99 14.11 5.81
CA PRO C 113 -19.73 12.66 5.77
C PRO C 113 -20.89 11.81 6.34
N ALA C 114 -21.53 12.27 7.40
CA ALA C 114 -22.61 11.51 8.05
C ALA C 114 -23.90 11.50 7.23
N LEU C 115 -24.31 12.66 6.73
CA LEU C 115 -25.57 12.79 6.01
C LEU C 115 -25.46 12.42 4.54
N PHE C 116 -24.41 12.92 3.88
CA PHE C 116 -24.21 12.72 2.45
C PHE C 116 -23.47 11.42 2.15
N GLY C 117 -22.35 11.20 2.83
CA GLY C 117 -21.57 9.97 2.66
C GLY C 117 -22.21 8.78 3.36
N GLY C 118 -22.91 9.03 4.45
CA GLY C 118 -23.52 7.98 5.27
C GLY C 118 -24.88 7.58 4.74
N PHE C 119 -25.91 8.32 5.14
CA PHE C 119 -27.29 8.05 4.70
C PHE C 119 -27.48 8.23 3.20
N GLY C 120 -26.70 9.12 2.59
CA GLY C 120 -26.76 9.34 1.15
C GLY C 120 -26.30 8.12 0.35
N ASN C 121 -25.15 7.57 0.74
CA ASN C 121 -24.64 6.33 0.12
C ASN C 121 -25.52 5.11 0.41
N TYR C 122 -25.94 4.94 1.66
CA TYR C 122 -26.76 3.80 2.05
C TYR C 122 -28.15 3.82 1.39
N PHE C 123 -28.81 4.98 1.40
CA PHE C 123 -30.24 5.03 1.07
C PHE C 123 -30.67 5.60 -0.27
N MET C 124 -29.82 6.39 -0.91
CA MET C 124 -30.19 6.95 -2.21
C MET C 124 -30.36 5.88 -3.30
N PRO C 125 -29.43 4.89 -3.39
CA PRO C 125 -29.63 3.81 -4.37
C PRO C 125 -30.90 3.02 -4.09
N LEU C 126 -31.13 2.66 -2.83
CA LEU C 126 -32.34 1.98 -2.40
C LEU C 126 -33.61 2.73 -2.83
N HIS C 127 -33.67 4.03 -2.53
CA HIS C 127 -34.84 4.85 -2.85
C HIS C 127 -35.16 4.92 -4.34
N ILE C 128 -34.13 4.81 -5.18
CA ILE C 128 -34.32 4.90 -6.63
C ILE C 128 -34.34 3.52 -7.31
N GLY C 129 -34.11 2.48 -6.51
CA GLY C 129 -34.08 1.09 -7.00
C GLY C 129 -32.85 0.75 -7.82
N ALA C 130 -31.71 1.35 -7.46
CA ALA C 130 -30.43 1.06 -8.10
C ALA C 130 -29.67 0.00 -7.30
N PRO C 131 -28.98 -0.94 -7.99
CA PRO C 131 -28.30 -2.03 -7.30
C PRO C 131 -27.08 -1.54 -6.51
N ASP C 132 -26.39 -0.54 -7.05
CA ASP C 132 -25.25 0.10 -6.39
C ASP C 132 -25.00 1.48 -7.02
N MET C 133 -23.92 2.13 -6.60
CA MET C 133 -23.49 3.39 -7.21
C MET C 133 -22.84 3.10 -8.57
N ALA C 134 -22.94 4.05 -9.49
CA ALA C 134 -22.38 3.92 -10.84
C ALA C 134 -20.89 3.53 -10.87
N PHE C 135 -20.12 4.04 -9.91
CA PHE C 135 -18.68 3.77 -9.87
C PHE C 135 -18.27 3.32 -8.46
N PRO C 136 -18.55 2.05 -8.12
CA PRO C 136 -18.30 1.53 -6.76
C PRO C 136 -16.86 1.67 -6.24
N ARG C 137 -15.87 1.65 -7.14
CA ARG C 137 -14.46 1.79 -6.73
C ARG C 137 -14.13 3.24 -6.38
N MET C 138 -14.73 4.17 -7.12
CA MET C 138 -14.65 5.62 -6.84
C MET C 138 -15.23 5.93 -5.46
N ASN C 139 -16.30 5.21 -5.10
CA ASN C 139 -16.99 5.36 -3.83
C ASN C 139 -16.15 4.88 -2.64
N ASN C 140 -15.39 3.81 -2.85
CA ASN C 140 -14.43 3.34 -1.85
C ASN C 140 -13.27 4.34 -1.69
N LEU C 141 -12.82 4.90 -2.82
CA LEU C 141 -11.72 5.88 -2.81
C LEU C 141 -12.11 7.12 -1.99
N SER C 142 -13.26 7.70 -2.34
CA SER C 142 -13.82 8.86 -1.64
C SER C 142 -13.79 8.69 -0.13
N TYR C 143 -14.13 7.51 0.36
CA TYR C 143 -14.07 7.27 1.81
C TYR C 143 -12.64 7.35 2.37
N TRP C 144 -11.66 6.85 1.61
CA TRP C 144 -10.28 6.87 2.09
C TRP C 144 -9.68 8.27 2.06
N LEU C 145 -10.07 9.06 1.06
CA LEU C 145 -9.73 10.47 0.98
C LEU C 145 -10.25 11.24 2.20
N TYR C 146 -11.46 10.88 2.65
CA TYR C 146 -12.06 11.46 3.84
C TYR C 146 -11.28 11.12 5.11
N VAL C 147 -10.88 9.85 5.25
CA VAL C 147 -10.05 9.41 6.37
C VAL C 147 -8.68 10.09 6.37
N ALA C 148 -8.09 10.22 5.18
CA ALA C 148 -6.78 10.85 5.02
C ALA C 148 -6.88 12.35 5.37
N GLY C 149 -7.87 13.02 4.79
CA GLY C 149 -8.23 14.39 5.14
C GLY C 149 -8.37 14.58 6.64
N THR C 150 -9.17 13.73 7.28
CA THR C 150 -9.39 13.78 8.72
C THR C 150 -8.09 13.65 9.51
N SER C 151 -7.23 12.75 9.04
CA SER C 151 -5.94 12.46 9.69
C SER C 151 -4.98 13.65 9.67
N LEU C 152 -4.95 14.37 8.55
CA LEU C 152 -4.12 15.57 8.41
C LEU C 152 -4.64 16.72 9.28
N ALA C 153 -5.96 16.89 9.33
CA ALA C 153 -6.60 17.89 10.18
C ALA C 153 -6.22 17.69 11.64
N VAL C 154 -6.25 16.44 12.10
CA VAL C 154 -5.87 16.09 13.46
C VAL C 154 -4.35 16.25 13.67
N ALA C 155 -3.57 15.96 12.63
CA ALA C 155 -2.12 16.12 12.67
C ALA C 155 -1.74 17.60 12.85
N SER C 156 -2.48 18.47 12.17
CA SER C 156 -2.25 19.92 12.24
C SER C 156 -2.34 20.46 13.67
N LEU C 157 -3.14 19.81 14.51
CA LEU C 157 -3.28 20.19 15.92
C LEU C 157 -2.01 19.96 16.72
N PHE C 158 -1.17 19.05 16.23
CA PHE C 158 0.07 18.67 16.91
C PHE C 158 1.33 19.08 16.13
N ALA C 159 1.13 19.70 14.97
CA ALA C 159 2.23 20.22 14.16
C ALA C 159 2.64 21.63 14.59
N PRO C 160 3.95 21.99 14.42
CA PRO C 160 4.43 23.35 14.69
C PRO C 160 3.57 24.42 14.00
N GLY C 161 3.06 25.36 14.79
CA GLY C 161 2.13 26.36 14.29
C GLY C 161 2.40 27.76 14.77
N GLY C 162 1.33 28.52 15.00
CA GLY C 162 1.43 29.93 15.38
C GLY C 162 2.06 30.17 16.73
N ASN C 163 2.73 31.32 16.85
CA ASN C 163 3.29 31.79 18.13
C ASN C 163 4.27 30.82 18.79
N GLY C 164 4.99 30.06 17.98
CA GLY C 164 5.90 29.02 18.48
C GLY C 164 5.22 27.92 19.27
N GLN C 165 3.97 27.65 18.95
CA GLN C 165 3.22 26.61 19.63
C GLN C 165 2.79 25.56 18.62
N LEU C 166 2.03 24.57 19.05
CA LEU C 166 1.43 23.64 18.10
C LEU C 166 0.03 24.12 17.67
N GLY C 167 -0.32 23.88 16.40
CA GLY C 167 -1.68 24.12 15.91
C GLY C 167 -1.91 25.47 15.26
N SER C 168 -2.94 25.55 14.42
CA SER C 168 -3.32 26.78 13.74
C SER C 168 -4.50 27.48 14.44
N GLY C 169 -4.25 28.70 14.93
CA GLY C 169 -5.30 29.48 15.59
C GLY C 169 -5.85 30.53 14.67
N ILE C 170 -6.56 30.08 13.63
CA ILE C 170 -6.86 30.95 12.49
C ILE C 170 -8.33 31.03 12.07
N GLY C 171 -9.22 30.36 12.81
CA GLY C 171 -10.65 30.34 12.46
C GLY C 171 -10.92 29.39 11.30
N TRP C 172 -12.10 28.77 11.29
CA TRP C 172 -12.39 27.68 10.33
C TRP C 172 -12.39 28.15 8.87
N VAL C 173 -12.50 29.47 8.66
CA VAL C 173 -12.54 30.05 7.32
C VAL C 173 -11.15 30.56 6.85
N LEU C 174 -10.16 30.50 7.75
CA LEU C 174 -8.73 30.78 7.43
C LEU C 174 -8.46 32.12 6.72
N TYR C 175 -9.03 33.21 7.23
CA TYR C 175 -8.80 34.54 6.63
C TYR C 175 -7.30 34.88 6.63
N PRO C 176 -6.79 35.38 5.48
CA PRO C 176 -5.46 35.99 5.42
C PRO C 176 -5.55 37.50 5.74
N PRO C 177 -4.41 38.17 6.05
CA PRO C 177 -3.04 37.67 6.20
C PRO C 177 -2.77 36.85 7.45
N LEU C 178 -3.72 36.74 8.37
CA LEU C 178 -3.53 35.89 9.54
C LEU C 178 -3.16 34.45 9.15
N SER C 179 -3.95 33.83 8.28
CA SER C 179 -3.72 32.42 7.91
C SER C 179 -2.40 32.23 7.15
N THR C 180 -2.06 33.21 6.32
CA THR C 180 -0.83 33.16 5.52
C THR C 180 0.44 33.55 6.29
N SER C 181 0.30 34.16 7.47
CA SER C 181 1.47 34.55 8.27
C SER C 181 1.64 33.66 9.50
N GLU C 182 0.64 32.82 9.76
CA GLU C 182 0.71 31.85 10.86
C GLU C 182 1.97 31.00 10.66
N SER C 183 2.86 31.05 11.64
CA SER C 183 4.15 30.37 11.52
C SER C 183 4.01 28.82 11.58
N GLY C 184 5.06 28.13 11.15
CA GLY C 184 5.07 26.66 11.11
C GLY C 184 4.39 26.13 9.88
N TYR C 185 4.07 24.83 9.90
CA TYR C 185 3.43 24.19 8.75
C TYR C 185 2.09 23.57 9.10
N SER C 186 1.69 23.71 10.35
CA SER C 186 0.36 23.30 10.82
C SER C 186 -0.75 23.74 9.87
N THR C 187 -0.70 24.99 9.42
CA THR C 187 -1.69 25.56 8.52
C THR C 187 -1.67 24.91 7.13
N ASP C 188 -0.48 24.51 6.69
CA ASP C 188 -0.32 23.82 5.40
C ASP C 188 -0.96 22.42 5.45
N LEU C 189 -0.79 21.74 6.58
CA LEU C 189 -1.42 20.44 6.82
C LEU C 189 -2.95 20.55 6.87
N ALA C 190 -3.45 21.63 7.48
CA ALA C 190 -4.88 21.92 7.50
C ALA C 190 -5.42 22.18 6.11
N ILE C 191 -4.65 22.86 5.27
CA ILE C 191 -5.04 23.16 3.89
C ILE C 191 -5.13 21.87 3.05
N PHE C 192 -4.16 20.97 3.23
CA PHE C 192 -4.17 19.68 2.55
C PHE C 192 -5.37 18.84 2.98
N ALA C 193 -5.61 18.80 4.30
CA ALA C 193 -6.80 18.14 4.87
C ALA C 193 -8.10 18.55 4.17
N VAL C 194 -8.26 19.87 3.97
CA VAL C 194 -9.44 20.42 3.30
C VAL C 194 -9.48 20.07 1.81
N HIS C 195 -8.31 20.02 1.17
CA HIS C 195 -8.19 19.52 -0.20
C HIS C 195 -8.71 18.09 -0.34
N LEU C 196 -8.31 17.22 0.59
CA LEU C 196 -8.71 15.82 0.56
C LEU C 196 -10.20 15.65 0.82
N SER C 197 -10.72 16.37 1.81
CA SER C 197 -12.16 16.44 2.08
C SER C 197 -12.93 16.82 0.82
N GLY C 198 -12.46 17.87 0.16
CA GLY C 198 -13.06 18.36 -1.08
C GLY C 198 -13.07 17.30 -2.18
N ALA C 199 -11.96 16.57 -2.30
CA ALA C 199 -11.84 15.49 -3.30
C ALA C 199 -12.83 14.37 -3.02
N SER C 200 -12.85 13.91 -1.77
CA SER C 200 -13.83 12.95 -1.28
C SER C 200 -15.25 13.36 -1.62
N SER C 201 -15.62 14.59 -1.28
CA SER C 201 -16.94 15.15 -1.57
C SER C 201 -17.25 15.18 -3.07
N ILE C 202 -16.28 15.62 -3.86
CA ILE C 202 -16.43 15.73 -5.32
C ILE C 202 -16.63 14.36 -5.98
N LEU C 203 -15.84 13.37 -5.55
CA LEU C 203 -16.01 12.00 -6.04
C LEU C 203 -17.40 11.48 -5.65
N GLY C 204 -17.76 11.67 -4.39
CA GLY C 204 -19.10 11.32 -3.90
C GLY C 204 -20.20 11.94 -4.73
N ALA C 205 -20.04 13.22 -5.07
CA ALA C 205 -21.02 13.97 -5.85
C ALA C 205 -21.15 13.48 -7.30
N ILE C 206 -20.03 13.05 -7.90
CA ILE C 206 -20.06 12.56 -9.27
C ILE C 206 -20.82 11.22 -9.31
N ASN C 207 -20.51 10.36 -8.35
CA ASN C 207 -21.24 9.10 -8.18
C ASN C 207 -22.74 9.28 -7.98
N MET C 208 -23.15 10.20 -7.08
CA MET C 208 -24.57 10.47 -6.81
C MET C 208 -25.32 10.93 -8.05
N ILE C 209 -24.72 11.85 -8.80
CA ILE C 209 -25.36 12.43 -9.98
C ILE C 209 -25.49 11.42 -11.13
N THR C 210 -24.52 10.53 -11.25
CA THR C 210 -24.53 9.50 -12.30
C THR C 210 -25.50 8.37 -11.96
N THR C 211 -25.47 7.90 -10.71
CA THR C 211 -26.38 6.87 -10.22
C THR C 211 -27.84 7.33 -10.31
N PHE C 212 -28.07 8.61 -10.01
CA PHE C 212 -29.41 9.20 -9.99
C PHE C 212 -29.99 9.36 -11.39
N LEU C 213 -29.17 9.78 -12.35
CA LEU C 213 -29.66 10.08 -13.70
C LEU C 213 -29.81 8.85 -14.60
N ASN C 214 -29.06 7.78 -14.30
CA ASN C 214 -28.91 6.66 -15.23
C ASN C 214 -29.34 5.29 -14.70
N MET C 215 -29.30 5.12 -13.38
CA MET C 215 -29.48 3.80 -12.77
C MET C 215 -30.76 3.66 -11.94
N ARG C 216 -31.73 4.53 -12.22
CA ARG C 216 -33.05 4.40 -11.62
C ARG C 216 -33.76 3.19 -12.22
N ALA C 217 -34.31 2.35 -11.37
CA ALA C 217 -35.12 1.20 -11.79
C ALA C 217 -36.17 1.62 -12.83
N PRO C 218 -36.46 0.74 -13.83
CA PRO C 218 -37.49 1.05 -14.83
C PRO C 218 -38.83 1.35 -14.17
N GLY C 219 -39.49 2.42 -14.61
CA GLY C 219 -40.76 2.85 -14.02
C GLY C 219 -40.61 3.86 -12.90
N MET C 220 -39.39 4.04 -12.40
CA MET C 220 -39.07 5.09 -11.44
C MET C 220 -38.86 6.39 -12.20
N THR C 221 -39.95 7.11 -12.45
CA THR C 221 -39.88 8.37 -13.16
C THR C 221 -39.34 9.46 -12.23
N MET C 222 -39.03 10.62 -12.78
CA MET C 222 -38.42 11.71 -12.02
C MET C 222 -39.36 12.28 -10.94
N HIS C 223 -40.67 12.23 -11.18
CA HIS C 223 -41.68 12.67 -10.19
C HIS C 223 -42.07 11.55 -9.21
N LYS C 224 -41.36 10.43 -9.27
CA LYS C 224 -41.61 9.30 -8.39
C LYS C 224 -40.52 9.12 -7.34
N VAL C 225 -39.36 9.71 -7.63
CA VAL C 225 -38.20 9.63 -6.75
C VAL C 225 -38.53 10.23 -5.38
N PRO C 226 -38.23 9.51 -4.29
CA PRO C 226 -38.47 10.02 -2.95
C PRO C 226 -37.67 11.31 -2.68
N LEU C 227 -38.17 12.13 -1.75
CA LEU C 227 -37.58 13.45 -1.48
C LEU C 227 -36.14 13.38 -0.96
N PHE C 228 -35.81 12.40 -0.13
CA PHE C 228 -34.44 12.24 0.34
C PHE C 228 -33.44 12.11 -0.80
N ALA C 229 -33.78 11.28 -1.80
CA ALA C 229 -32.94 11.06 -2.96
C ALA C 229 -32.77 12.33 -3.78
N TRP C 230 -33.84 13.10 -3.89
CA TRP C 230 -33.79 14.43 -4.50
C TRP C 230 -32.84 15.37 -3.72
N SER C 231 -32.92 15.34 -2.39
CA SER C 231 -32.11 16.22 -1.54
C SER C 231 -30.62 15.91 -1.70
N ILE C 232 -30.28 14.62 -1.78
CA ILE C 232 -28.92 14.14 -2.05
C ILE C 232 -28.46 14.54 -3.46
N PHE C 233 -29.39 14.53 -4.40
CA PHE C 233 -29.12 14.90 -5.78
C PHE C 233 -28.75 16.39 -5.89
N VAL C 234 -29.58 17.26 -5.30
CA VAL C 234 -29.32 18.71 -5.29
C VAL C 234 -27.99 19.05 -4.58
N THR C 235 -27.80 18.49 -3.39
CA THR C 235 -26.54 18.60 -2.63
C THR C 235 -25.29 18.30 -3.49
N ALA C 236 -25.39 17.28 -4.33
CA ALA C 236 -24.27 16.84 -5.16
C ALA C 236 -23.89 17.88 -6.22
N TRP C 237 -24.90 18.50 -6.83
CA TRP C 237 -24.66 19.60 -7.77
C TRP C 237 -24.03 20.83 -7.09
N LEU C 238 -24.44 21.12 -5.85
CA LEU C 238 -23.82 22.21 -5.08
C LEU C 238 -22.33 21.93 -4.84
N ILE C 239 -22.03 20.71 -4.40
CA ILE C 239 -20.65 20.27 -4.18
C ILE C 239 -19.77 20.48 -5.42
N LEU C 240 -20.28 20.07 -6.58
CA LEU C 240 -19.56 20.15 -7.85
C LEU C 240 -19.09 21.55 -8.22
N LEU C 241 -19.91 22.57 -7.95
CA LEU C 241 -19.52 23.96 -8.25
C LEU C 241 -18.74 24.61 -7.11
N ALA C 242 -19.16 24.35 -5.87
CA ALA C 242 -18.63 25.04 -4.69
C ALA C 242 -17.22 24.59 -4.31
N LEU C 243 -17.02 23.27 -4.21
CA LEU C 243 -15.75 22.74 -3.73
C LEU C 243 -14.51 23.02 -4.59
N PRO C 244 -14.66 23.06 -5.94
CA PRO C 244 -13.58 23.58 -6.80
C PRO C 244 -13.19 25.04 -6.52
N VAL C 245 -14.17 25.89 -6.21
CA VAL C 245 -13.89 27.28 -5.86
C VAL C 245 -13.06 27.33 -4.56
N LEU C 246 -13.45 26.53 -3.57
CA LEU C 246 -12.69 26.43 -2.33
C LEU C 246 -11.26 25.95 -2.60
N ALA C 247 -11.13 24.95 -3.48
CA ALA C 247 -9.83 24.43 -3.90
C ALA C 247 -8.91 25.55 -4.40
N GLY C 248 -9.44 26.43 -5.24
CA GLY C 248 -8.72 27.63 -5.67
C GLY C 248 -8.28 28.49 -4.50
N ALA C 249 -9.25 28.95 -3.70
CA ALA C 249 -9.03 29.79 -2.52
C ALA C 249 -7.89 29.31 -1.62
N ILE C 250 -7.93 28.04 -1.21
CA ILE C 250 -6.94 27.51 -0.26
C ILE C 250 -5.58 27.24 -0.90
N THR C 251 -5.54 27.09 -2.22
CA THR C 251 -4.28 26.90 -2.93
C THR C 251 -3.56 28.25 -3.07
N MET C 252 -4.34 29.30 -3.29
CA MET C 252 -3.83 30.67 -3.26
C MET C 252 -3.22 31.04 -1.90
N LEU C 253 -3.82 30.54 -0.81
CA LEU C 253 -3.26 30.65 0.52
C LEU C 253 -1.94 29.89 0.60
N LEU C 254 -1.93 28.68 0.03
CA LEU C 254 -0.76 27.80 0.09
C LEU C 254 0.43 28.41 -0.66
N THR C 255 0.15 29.03 -1.80
CA THR C 255 1.19 29.68 -2.61
C THR C 255 1.68 31.02 -2.02
N ASP C 256 0.78 31.78 -1.38
CA ASP C 256 1.17 32.97 -0.61
C ASP C 256 2.02 32.58 0.59
N ARG C 257 1.77 31.40 1.14
CA ARG C 257 2.55 30.88 2.26
C ARG C 257 3.93 30.33 1.85
N ASN C 258 3.98 29.64 0.70
CA ASN C 258 5.13 28.81 0.37
C ASN C 258 5.85 29.12 -0.96
N PHE C 259 5.12 29.66 -1.94
CA PHE C 259 5.66 29.82 -3.29
C PHE C 259 5.67 31.27 -3.78
N GLY C 260 5.85 32.19 -2.85
CA GLY C 260 6.11 33.60 -3.14
C GLY C 260 5.06 34.44 -3.86
N THR C 261 3.85 33.91 -4.01
CA THR C 261 2.74 34.71 -4.56
C THR C 261 2.26 35.73 -3.52
N THR C 262 1.54 36.75 -3.97
CA THR C 262 0.99 37.77 -3.09
C THR C 262 -0.46 38.10 -3.46
N PHE C 263 -1.27 37.05 -3.65
CA PHE C 263 -2.69 37.23 -3.99
C PHE C 263 -3.44 38.05 -2.93
N PHE C 264 -3.06 37.87 -1.67
CA PHE C 264 -3.77 38.49 -0.55
C PHE C 264 -2.89 39.41 0.31
N GLN C 265 -1.68 39.69 -0.17
CA GLN C 265 -0.73 40.55 0.53
C GLN C 265 -0.61 41.91 -0.16
N PRO C 266 -0.98 43.00 0.54
CA PRO C 266 -1.05 44.35 -0.06
C PRO C 266 0.30 44.88 -0.55
N SER C 267 1.39 44.40 0.04
CA SER C 267 2.75 44.79 -0.35
C SER C 267 3.09 44.35 -1.78
N GLY C 268 2.50 43.23 -2.21
CA GLY C 268 2.64 42.74 -3.57
C GLY C 268 1.46 43.10 -4.46
N GLY C 269 0.61 44.02 -4.00
CA GLY C 269 -0.58 44.42 -4.75
C GLY C 269 -1.83 43.58 -4.49
N GLY C 270 -1.76 42.67 -3.53
CA GLY C 270 -2.91 41.82 -3.18
C GLY C 270 -4.01 42.48 -2.37
N ASP C 271 -5.09 41.73 -2.14
CA ASP C 271 -6.24 42.20 -1.36
C ASP C 271 -6.80 41.05 -0.52
N PRO C 272 -6.69 41.14 0.82
CA PRO C 272 -7.23 40.10 1.72
C PRO C 272 -8.73 39.88 1.52
N VAL C 273 -9.45 40.94 1.13
CA VAL C 273 -10.88 40.87 0.87
C VAL C 273 -11.21 39.96 -0.32
N LEU C 274 -10.27 39.85 -1.28
CA LEU C 274 -10.46 38.95 -2.42
C LEU C 274 -10.68 37.51 -1.97
N TYR C 275 -9.84 37.04 -1.05
CA TYR C 275 -9.99 35.71 -0.47
C TYR C 275 -11.39 35.50 0.12
N GLN C 276 -11.92 36.53 0.79
CA GLN C 276 -13.22 36.41 1.45
C GLN C 276 -14.34 36.14 0.46
N HIS C 277 -14.32 36.86 -0.67
CA HIS C 277 -15.28 36.65 -1.74
C HIS C 277 -15.24 35.21 -2.28
N ILE C 278 -14.03 34.72 -2.58
CA ILE C 278 -13.82 33.36 -3.09
C ILE C 278 -14.21 32.31 -2.06
N LEU C 279 -13.69 32.46 -0.84
CA LEU C 279 -14.06 31.62 0.30
C LEU C 279 -15.58 31.54 0.48
N TRP C 280 -16.26 32.68 0.63
CA TRP C 280 -17.70 32.65 0.91
C TRP C 280 -18.54 32.27 -0.30
N PHE C 281 -17.92 32.27 -1.48
CA PHE C 281 -18.58 31.71 -2.66
C PHE C 281 -18.76 30.21 -2.47
N PHE C 282 -17.78 29.55 -1.85
CA PHE C 282 -17.92 28.18 -1.39
C PHE C 282 -18.74 28.12 -0.11
N GLY C 283 -18.52 29.09 0.78
CA GLY C 283 -18.98 29.05 2.16
C GLY C 283 -20.48 29.06 2.36
N HIS C 284 -21.20 29.86 1.57
CA HIS C 284 -22.63 29.72 1.68
C HIS C 284 -23.19 28.37 1.17
N PRO C 285 -22.94 28.01 -0.10
CA PRO C 285 -23.31 26.67 -0.59
C PRO C 285 -23.03 25.57 0.42
N GLU C 286 -21.85 25.60 1.05
CA GLU C 286 -21.50 24.67 2.12
C GLU C 286 -22.58 24.49 3.19
N VAL C 287 -23.26 25.57 3.57
CA VAL C 287 -24.26 25.48 4.64
C VAL C 287 -25.54 24.79 4.17
N TYR C 288 -25.89 25.00 2.89
CA TYR C 288 -27.00 24.27 2.26
C TYR C 288 -26.65 22.81 1.98
N ILE C 289 -25.39 22.56 1.62
CA ILE C 289 -24.88 21.20 1.47
C ILE C 289 -25.05 20.41 2.76
N ILE C 290 -24.82 21.09 3.89
CA ILE C 290 -25.01 20.50 5.20
C ILE C 290 -26.49 20.18 5.46
N VAL C 291 -27.37 21.13 5.21
CA VAL C 291 -28.76 21.00 5.69
C VAL C 291 -29.73 20.24 4.73
N LEU C 292 -29.47 20.28 3.42
CA LEU C 292 -30.34 19.64 2.41
C LEU C 292 -30.65 18.14 2.65
N PRO C 293 -29.62 17.29 2.85
CA PRO C 293 -29.94 15.91 3.23
C PRO C 293 -30.84 15.81 4.47
N ALA C 294 -30.70 16.75 5.40
CA ALA C 294 -31.55 16.77 6.58
C ALA C 294 -33.01 17.09 6.23
N PHE C 295 -33.22 17.97 5.25
CA PHE C 295 -34.55 18.27 4.72
C PHE C 295 -35.23 16.98 4.21
N GLY C 296 -34.45 16.15 3.51
CA GLY C 296 -34.91 14.85 2.99
C GLY C 296 -35.35 13.90 4.08
N ILE C 297 -34.50 13.72 5.10
CA ILE C 297 -34.81 12.84 6.21
C ILE C 297 -36.08 13.26 6.94
N VAL C 298 -36.17 14.54 7.28
CA VAL C 298 -37.33 15.14 7.93
C VAL C 298 -38.63 14.86 7.18
N SER C 299 -38.62 15.04 5.86
CA SER C 299 -39.79 14.75 5.03
C SER C 299 -40.22 13.28 5.12
N HIS C 300 -39.25 12.36 5.03
CA HIS C 300 -39.52 10.93 5.16
C HIS C 300 -40.03 10.55 6.54
N VAL C 301 -39.35 11.03 7.58
CA VAL C 301 -39.74 10.74 8.95
C VAL C 301 -41.13 11.30 9.27
N ILE C 302 -41.41 12.53 8.85
CA ILE C 302 -42.69 13.15 9.17
C ILE C 302 -43.84 12.48 8.41
N ALA C 303 -43.67 12.27 7.11
CA ALA C 303 -44.63 11.49 6.31
C ALA C 303 -44.98 10.15 6.96
N THR C 304 -43.97 9.43 7.45
CA THR C 304 -44.15 8.10 8.03
C THR C 304 -44.94 8.12 9.34
N PHE C 305 -44.57 9.03 10.25
CA PHE C 305 -45.15 9.03 11.60
C PHE C 305 -46.40 9.89 11.75
N ALA C 306 -46.70 10.69 10.73
CA ALA C 306 -48.01 11.33 10.62
C ALA C 306 -48.98 10.42 9.83
N LYS C 307 -48.45 9.30 9.33
CA LYS C 307 -49.20 8.33 8.49
C LYS C 307 -49.92 9.03 7.35
N LYS C 308 -49.20 9.93 6.68
CA LYS C 308 -49.79 10.84 5.71
C LYS C 308 -48.71 11.21 4.68
N PRO C 309 -49.10 11.35 3.40
CA PRO C 309 -48.07 11.65 2.41
C PRO C 309 -47.57 13.09 2.55
N ILE C 310 -46.34 13.34 2.12
CA ILE C 310 -45.74 14.66 2.20
C ILE C 310 -46.61 15.69 1.49
N PHE C 311 -46.89 16.79 2.18
CA PHE C 311 -47.65 17.88 1.59
C PHE C 311 -46.81 18.58 0.53
N GLY C 312 -47.36 18.67 -0.69
CA GLY C 312 -46.73 19.39 -1.79
C GLY C 312 -45.39 18.84 -2.22
N TYR C 313 -45.38 17.62 -2.73
CA TYR C 313 -44.16 16.95 -3.21
C TYR C 313 -43.33 17.80 -4.18
N LEU C 314 -43.98 18.40 -5.18
CA LEU C 314 -43.30 19.16 -6.21
C LEU C 314 -42.73 20.51 -5.74
N PRO C 315 -43.56 21.35 -5.08
CA PRO C 315 -42.99 22.56 -4.47
C PRO C 315 -41.77 22.27 -3.57
N MET C 316 -41.81 21.17 -2.83
CA MET C 316 -40.66 20.72 -2.02
C MET C 316 -39.42 20.45 -2.88
N VAL C 317 -39.61 19.78 -4.02
CA VAL C 317 -38.52 19.53 -4.96
C VAL C 317 -38.03 20.86 -5.55
N TYR C 318 -38.97 21.72 -5.94
CA TYR C 318 -38.65 23.01 -6.54
C TYR C 318 -37.99 24.00 -5.59
N ALA C 319 -38.41 24.00 -4.32
CA ALA C 319 -37.80 24.86 -3.30
C ALA C 319 -36.35 24.47 -3.07
N MET C 320 -36.08 23.16 -2.99
CA MET C 320 -34.70 22.68 -2.85
C MET C 320 -33.81 23.11 -4.02
N VAL C 321 -34.38 23.10 -5.23
CA VAL C 321 -33.65 23.46 -6.44
C VAL C 321 -33.40 24.97 -6.48
N ALA C 322 -34.42 25.76 -6.17
CA ALA C 322 -34.31 27.22 -6.12
C ALA C 322 -33.33 27.67 -5.04
N ILE C 323 -33.48 27.12 -3.84
CA ILE C 323 -32.53 27.31 -2.73
C ILE C 323 -31.11 26.93 -3.15
N GLY C 324 -30.99 25.84 -3.89
CA GLY C 324 -29.71 25.37 -4.41
C GLY C 324 -29.06 26.39 -5.33
N VAL C 325 -29.87 27.00 -6.20
CA VAL C 325 -29.38 28.00 -7.16
C VAL C 325 -29.14 29.36 -6.48
N LEU C 326 -30.14 29.84 -5.74
CA LEU C 326 -30.05 31.13 -5.05
C LEU C 326 -28.92 31.18 -4.01
N GLY C 327 -28.52 30.01 -3.53
CA GLY C 327 -27.44 29.89 -2.55
C GLY C 327 -26.06 30.28 -3.06
N PHE C 328 -25.96 30.53 -4.37
CA PHE C 328 -24.71 30.94 -5.02
C PHE C 328 -24.61 32.45 -5.26
N VAL C 329 -25.68 33.19 -4.93
CA VAL C 329 -25.70 34.64 -5.13
C VAL C 329 -25.92 35.45 -3.83
N VAL C 330 -25.59 34.87 -2.68
CA VAL C 330 -25.89 35.54 -1.40
C VAL C 330 -24.67 35.69 -0.49
N TRP C 331 -23.52 35.26 -0.98
CA TRP C 331 -22.33 35.03 -0.17
C TRP C 331 -21.81 36.24 0.66
N ALA C 332 -22.00 37.46 0.14
CA ALA C 332 -21.39 38.66 0.73
C ALA C 332 -22.12 39.23 1.97
N HIS C 333 -23.26 38.64 2.32
CA HIS C 333 -23.90 38.97 3.59
C HIS C 333 -23.03 38.46 4.76
N HIS C 334 -22.02 37.66 4.43
CA HIS C 334 -20.96 37.30 5.36
C HIS C 334 -19.83 38.35 5.41
N MET C 335 -19.98 39.43 4.64
CA MET C 335 -18.92 40.42 4.47
C MET C 335 -19.43 41.87 4.60
N TYR C 336 -20.56 42.06 5.30
CA TYR C 336 -21.15 43.38 5.43
C TYR C 336 -20.22 44.44 6.06
N THR C 337 -19.30 44.02 6.92
CA THR C 337 -18.38 44.93 7.61
C THR C 337 -16.97 44.87 7.04
N ALA C 338 -16.79 44.11 5.96
CA ALA C 338 -15.46 43.92 5.38
C ALA C 338 -15.04 45.07 4.47
N GLY C 339 -15.94 45.99 4.18
CA GLY C 339 -15.63 47.16 3.36
C GLY C 339 -16.41 47.23 2.06
N LEU C 340 -17.52 46.48 1.98
CA LEU C 340 -18.40 46.52 0.81
C LEU C 340 -19.06 47.87 0.68
N SER C 341 -19.30 48.29 -0.56
CA SER C 341 -20.01 49.52 -0.84
C SER C 341 -21.48 49.38 -0.45
N LEU C 342 -22.14 50.51 -0.27
CA LEU C 342 -23.56 50.56 0.05
C LEU C 342 -24.43 49.80 -0.97
N THR C 343 -24.05 49.88 -2.25
CA THR C 343 -24.76 49.21 -3.34
C THR C 343 -24.64 47.69 -3.23
N GLN C 344 -23.41 47.21 -3.06
CA GLN C 344 -23.15 45.78 -2.88
C GLN C 344 -23.87 45.22 -1.66
N GLN C 345 -23.79 45.94 -0.53
CA GLN C 345 -24.51 45.57 0.70
C GLN C 345 -26.01 45.47 0.47
N SER C 346 -26.55 46.43 -0.29
CA SER C 346 -27.98 46.49 -0.58
C SER C 346 -28.47 45.33 -1.44
N TYR C 347 -27.75 45.02 -2.52
CA TYR C 347 -28.13 43.90 -3.38
C TYR C 347 -28.16 42.59 -2.59
N PHE C 348 -27.06 42.31 -1.89
CA PHE C 348 -26.92 41.05 -1.19
C PHE C 348 -27.93 40.88 -0.07
N MET C 349 -28.34 42.01 0.52
CA MET C 349 -29.43 42.04 1.47
C MET C 349 -30.74 41.56 0.81
N MET C 350 -31.09 42.15 -0.33
CA MET C 350 -32.28 41.74 -1.10
C MET C 350 -32.25 40.25 -1.45
N ALA C 351 -31.15 39.81 -2.03
CA ALA C 351 -30.97 38.43 -2.47
C ALA C 351 -31.09 37.45 -1.29
N THR C 352 -30.51 37.83 -0.15
CA THR C 352 -30.60 37.03 1.06
C THR C 352 -32.06 36.91 1.52
N MET C 353 -32.79 38.01 1.45
CA MET C 353 -34.20 38.05 1.81
C MET C 353 -35.04 37.13 0.90
N VAL C 354 -34.68 37.09 -0.38
CA VAL C 354 -35.38 36.24 -1.36
C VAL C 354 -35.28 34.74 -1.01
N ILE C 355 -34.06 34.24 -0.84
CA ILE C 355 -33.82 32.82 -0.53
C ILE C 355 -34.48 32.37 0.78
N ALA C 356 -34.72 33.32 1.69
CA ALA C 356 -35.39 33.05 2.96
C ALA C 356 -36.82 32.53 2.77
N VAL C 357 -37.47 33.00 1.71
CA VAL C 357 -38.86 32.65 1.45
C VAL C 357 -39.08 31.14 1.17
N PRO C 358 -38.45 30.56 0.12
CA PRO C 358 -38.58 29.11 -0.05
C PRO C 358 -38.05 28.27 1.12
N THR C 359 -37.03 28.77 1.81
CA THR C 359 -36.46 28.08 2.98
C THR C 359 -37.49 28.03 4.13
N GLY C 360 -37.96 29.20 4.53
CA GLY C 360 -38.93 29.33 5.62
C GLY C 360 -40.22 28.58 5.35
N ILE C 361 -40.72 28.70 4.12
CA ILE C 361 -41.96 28.03 3.67
C ILE C 361 -42.01 26.52 3.97
N LYS C 362 -40.86 25.84 3.79
CA LYS C 362 -40.79 24.40 4.01
C LYS C 362 -41.27 23.96 5.40
N ILE C 363 -41.10 24.83 6.39
CA ILE C 363 -41.64 24.59 7.73
C ILE C 363 -43.17 24.36 7.66
N PHE C 364 -43.86 25.22 6.90
CA PHE C 364 -45.30 25.14 6.73
C PHE C 364 -45.75 23.81 6.09
N SER C 365 -45.04 23.38 5.04
CA SER C 365 -45.30 22.10 4.36
C SER C 365 -45.17 20.91 5.30
N TRP C 366 -44.18 20.95 6.18
CA TRP C 366 -43.97 19.91 7.16
C TRP C 366 -45.07 19.91 8.22
N ILE C 367 -45.55 21.10 8.61
CA ILE C 367 -46.68 21.22 9.54
C ILE C 367 -47.99 20.73 8.89
N ALA C 368 -48.16 21.06 7.61
CA ALA C 368 -49.32 20.65 6.82
C ALA C 368 -49.36 19.14 6.51
N THR C 369 -48.19 18.51 6.49
CA THR C 369 -48.09 17.05 6.38
C THR C 369 -48.65 16.38 7.64
N MET C 370 -48.31 16.94 8.81
CA MET C 370 -48.81 16.46 10.09
C MET C 370 -50.31 16.72 10.28
N TRP C 371 -50.78 17.80 9.68
CA TRP C 371 -52.15 18.25 9.85
C TRP C 371 -53.12 17.23 9.23
N GLY C 372 -54.04 16.73 10.05
CA GLY C 372 -55.01 15.73 9.61
C GLY C 372 -54.52 14.30 9.70
N GLY C 373 -53.26 14.12 10.10
CA GLY C 373 -52.65 12.80 10.17
C GLY C 373 -53.02 12.01 11.40
N SER C 374 -52.28 10.93 11.64
CA SER C 374 -52.50 10.08 12.79
C SER C 374 -51.14 9.88 13.45
N ILE C 375 -50.80 10.82 14.33
CA ILE C 375 -49.43 11.05 14.76
C ILE C 375 -48.96 10.11 15.88
N GLU C 376 -47.86 9.43 15.58
CA GLU C 376 -47.21 8.50 16.48
C GLU C 376 -45.91 9.16 16.94
N LEU C 377 -45.77 9.39 18.25
CA LEU C 377 -44.63 10.14 18.77
C LEU C 377 -43.44 9.25 19.16
N LYS C 378 -42.96 8.48 18.19
CA LYS C 378 -41.79 7.65 18.38
C LYS C 378 -40.54 8.53 18.28
N THR C 379 -39.43 8.05 18.82
CA THR C 379 -38.15 8.76 18.79
C THR C 379 -37.83 9.51 17.48
N PRO C 380 -37.93 8.83 16.31
CA PRO C 380 -37.56 9.56 15.09
C PRO C 380 -38.46 10.78 14.84
N MET C 381 -39.73 10.68 15.23
CA MET C 381 -40.67 11.79 15.06
C MET C 381 -40.32 12.95 16.02
N LEU C 382 -39.90 12.62 17.24
CA LEU C 382 -39.45 13.64 18.20
C LEU C 382 -38.31 14.48 17.61
N TRP C 383 -37.29 13.81 17.06
CA TRP C 383 -36.17 14.49 16.42
C TRP C 383 -36.59 15.42 15.30
N ALA C 384 -37.55 14.98 14.49
CA ALA C 384 -38.05 15.76 13.36
C ALA C 384 -38.85 16.99 13.81
N LEU C 385 -39.61 16.84 14.89
CA LEU C 385 -40.37 17.94 15.47
C LEU C 385 -39.46 18.97 16.16
N GLY C 386 -38.41 18.46 16.82
CA GLY C 386 -37.34 19.29 17.37
C GLY C 386 -36.67 20.10 16.28
N PHE C 387 -36.39 19.44 15.15
CA PHE C 387 -35.84 20.10 13.98
C PHE C 387 -36.68 21.29 13.55
N LEU C 388 -37.99 21.09 13.46
CA LEU C 388 -38.91 22.15 13.06
C LEU C 388 -38.80 23.40 13.94
N PHE C 389 -38.78 23.19 15.26
CA PHE C 389 -38.65 24.26 16.24
C PHE C 389 -37.29 24.97 16.10
N LEU C 390 -36.21 24.19 16.18
CA LEU C 390 -34.84 24.73 16.16
C LEU C 390 -34.51 25.45 14.85
N PHE C 391 -34.94 24.87 13.74
CA PHE C 391 -34.72 25.48 12.42
C PHE C 391 -35.45 26.82 12.27
N THR C 392 -36.61 26.93 12.89
CA THR C 392 -37.39 28.17 12.95
C THR C 392 -36.68 29.22 13.81
N VAL C 393 -36.29 28.85 15.03
CA VAL C 393 -35.54 29.75 15.92
C VAL C 393 -34.24 30.23 15.24
N GLY C 394 -33.52 29.30 14.64
CA GLY C 394 -32.31 29.64 13.89
C GLY C 394 -32.60 30.52 12.69
N GLY C 395 -33.66 30.18 11.96
CA GLY C 395 -34.00 30.92 10.74
C GLY C 395 -34.36 32.38 10.96
N VAL C 396 -35.14 32.66 12.01
CA VAL C 396 -35.62 34.01 12.26
C VAL C 396 -34.52 34.99 12.69
N THR C 397 -33.49 34.49 13.39
CA THR C 397 -32.36 35.35 13.73
C THR C 397 -31.50 35.59 12.49
N GLY C 398 -31.54 34.63 11.57
CA GLY C 398 -31.02 34.83 10.22
C GLY C 398 -31.68 36.03 9.55
N ILE C 399 -33.00 36.13 9.69
CA ILE C 399 -33.75 37.27 9.14
C ILE C 399 -33.22 38.59 9.69
N VAL C 400 -33.04 38.64 11.01
CA VAL C 400 -32.44 39.80 11.69
C VAL C 400 -31.08 40.21 11.09
N LEU C 401 -30.20 39.21 10.92
CA LEU C 401 -28.84 39.41 10.44
C LEU C 401 -28.72 39.84 8.98
N SER C 402 -29.76 39.55 8.19
CA SER C 402 -29.78 39.88 6.76
C SER C 402 -29.89 41.39 6.57
N GLN C 403 -30.49 42.06 7.54
CA GLN C 403 -30.56 43.51 7.57
C GLN C 403 -29.20 44.10 7.95
N ALA C 404 -28.45 44.53 6.94
CA ALA C 404 -27.06 44.95 7.12
C ALA C 404 -26.84 46.01 8.20
N SER C 405 -27.82 46.90 8.40
CA SER C 405 -27.68 47.94 9.42
C SER C 405 -27.71 47.40 10.86
N VAL C 406 -28.39 46.26 11.04
CA VAL C 406 -28.40 45.56 12.33
C VAL C 406 -27.22 44.58 12.47
N ASP C 407 -26.84 43.95 11.36
CA ASP C 407 -25.66 43.09 11.34
C ASP C 407 -24.39 43.87 11.72
N ARG C 408 -24.41 45.19 11.52
CA ARG C 408 -23.29 46.05 11.93
C ARG C 408 -22.96 45.81 13.41
N TYR C 409 -23.99 45.75 14.23
CA TYR C 409 -23.85 45.47 15.66
C TYR C 409 -23.54 43.98 15.95
N TYR C 410 -24.27 43.09 15.27
CA TYR C 410 -24.23 41.66 15.58
C TYR C 410 -23.05 40.91 14.96
N HIS C 411 -22.49 41.44 13.87
CA HIS C 411 -21.42 40.72 13.16
C HIS C 411 -20.24 40.44 14.06
N ASP C 412 -19.75 39.20 14.01
CA ASP C 412 -18.61 38.75 14.81
C ASP C 412 -18.88 38.81 16.31
N THR C 413 -20.14 38.58 16.68
CA THR C 413 -20.56 38.42 18.08
C THR C 413 -21.24 37.07 18.22
N TYR C 414 -21.59 36.71 19.46
CA TYR C 414 -22.24 35.45 19.77
C TYR C 414 -23.68 35.31 19.28
N TYR C 415 -24.30 36.42 18.85
CA TYR C 415 -25.61 36.36 18.21
C TYR C 415 -25.55 35.53 16.93
N VAL C 416 -24.45 35.69 16.18
CA VAL C 416 -24.22 34.94 14.95
C VAL C 416 -23.99 33.45 15.27
N VAL C 417 -23.23 33.20 16.33
CA VAL C 417 -22.98 31.85 16.85
C VAL C 417 -24.29 31.16 17.23
N ALA C 418 -25.18 31.88 17.92
CA ALA C 418 -26.50 31.36 18.27
C ALA C 418 -27.29 31.01 17.00
N HIS C 419 -27.33 31.94 16.03
CA HIS C 419 -28.03 31.73 14.76
C HIS C 419 -27.64 30.41 14.07
N PHE C 420 -26.34 30.21 13.87
CA PHE C 420 -25.94 29.08 13.06
C PHE C 420 -25.89 27.76 13.83
N HIS C 421 -25.69 27.82 15.14
CA HIS C 421 -25.87 26.61 15.94
C HIS C 421 -27.32 26.12 15.98
N TYR C 422 -28.29 27.04 16.00
CA TYR C 422 -29.70 26.64 15.90
C TYR C 422 -30.09 26.12 14.51
N VAL C 423 -29.84 26.94 13.49
CA VAL C 423 -30.35 26.68 12.16
C VAL C 423 -29.58 25.58 11.45
N MET C 424 -28.28 25.48 11.73
CA MET C 424 -27.42 24.59 10.95
C MET C 424 -26.84 23.44 11.76
N SER C 425 -26.15 23.79 12.85
CA SER C 425 -25.50 22.81 13.69
C SER C 425 -26.53 21.84 14.26
N LEU C 426 -27.51 22.35 15.00
CA LEU C 426 -28.57 21.52 15.58
C LEU C 426 -29.52 20.97 14.52
N GLY C 427 -29.74 21.71 13.45
CA GLY C 427 -30.51 21.24 12.30
C GLY C 427 -29.94 19.96 11.70
N ALA C 428 -28.63 19.98 11.45
CA ALA C 428 -27.93 18.81 10.91
C ALA C 428 -27.91 17.66 11.91
N VAL C 429 -27.61 17.98 13.16
CA VAL C 429 -27.55 16.97 14.23
C VAL C 429 -28.90 16.28 14.48
N PHE C 430 -29.97 17.08 14.54
CA PHE C 430 -31.33 16.54 14.71
C PHE C 430 -31.77 15.73 13.48
N GLY C 431 -31.36 16.17 12.29
CA GLY C 431 -31.53 15.39 11.07
C GLY C 431 -30.84 14.03 11.16
N ILE C 432 -29.58 14.03 11.57
CA ILE C 432 -28.78 12.82 11.75
C ILE C 432 -29.41 11.84 12.77
N PHE C 433 -29.79 12.37 13.94
CA PHE C 433 -30.44 11.55 14.95
C PHE C 433 -31.79 10.98 14.48
N ALA C 434 -32.55 11.79 13.72
CA ALA C 434 -33.79 11.33 13.13
C ALA C 434 -33.49 10.11 12.23
N GLY C 435 -32.53 10.29 11.32
CA GLY C 435 -32.05 9.22 10.44
C GLY C 435 -31.66 7.97 11.20
N ILE C 436 -30.75 8.13 12.17
CA ILE C 436 -30.23 7.00 12.95
C ILE C 436 -31.33 6.17 13.63
N TYR C 437 -32.30 6.83 14.24
CA TYR C 437 -33.41 6.15 14.89
C TYR C 437 -34.44 5.57 13.91
N PHE C 438 -34.63 6.26 12.79
CA PHE C 438 -35.50 5.82 11.70
C PHE C 438 -34.98 4.54 11.03
N TRP C 439 -33.66 4.41 10.98
CA TRP C 439 -33.03 3.48 10.06
C TRP C 439 -32.08 2.47 10.67
N ILE C 440 -31.87 2.51 12.00
CA ILE C 440 -30.93 1.58 12.62
C ILE C 440 -31.39 0.10 12.59
N GLY C 441 -32.71 -0.10 12.63
CA GLY C 441 -33.29 -1.44 12.48
C GLY C 441 -33.03 -1.97 11.09
N LYS C 442 -33.31 -1.14 10.09
CA LYS C 442 -33.12 -1.46 8.68
C LYS C 442 -31.66 -1.72 8.32
N MET C 443 -30.75 -0.99 8.94
CA MET C 443 -29.34 -1.09 8.62
C MET C 443 -28.65 -2.24 9.34
N SER C 444 -29.05 -2.51 10.58
CA SER C 444 -28.37 -3.47 11.44
C SER C 444 -29.12 -4.78 11.67
N GLY C 445 -30.45 -4.75 11.59
CA GLY C 445 -31.28 -5.89 11.96
C GLY C 445 -31.59 -5.94 13.46
N ARG C 446 -31.18 -4.90 14.19
CA ARG C 446 -31.53 -4.77 15.60
C ARG C 446 -32.24 -3.45 15.91
N GLN C 447 -32.91 -3.38 17.05
CA GLN C 447 -33.78 -2.24 17.36
C GLN C 447 -33.37 -1.56 18.66
N TYR C 448 -33.51 -0.23 18.68
CA TYR C 448 -33.16 0.57 19.86
C TYR C 448 -34.24 0.49 20.93
N PRO C 449 -33.85 0.49 22.22
CA PRO C 449 -34.85 0.61 23.28
C PRO C 449 -35.54 1.97 23.22
N GLU C 450 -36.87 1.95 23.12
CA GLU C 450 -37.66 3.16 22.88
C GLU C 450 -37.56 4.18 24.01
N TRP C 451 -37.65 3.73 25.26
CA TRP C 451 -37.53 4.61 26.41
C TRP C 451 -36.25 5.47 26.36
N ALA C 452 -35.19 4.91 25.76
CA ALA C 452 -33.86 5.52 25.75
C ALA C 452 -33.66 6.48 24.59
N GLY C 453 -34.35 6.24 23.48
CA GLY C 453 -34.39 7.17 22.37
C GLY C 453 -35.14 8.43 22.76
N LYS C 454 -36.14 8.28 23.61
CA LYS C 454 -36.93 9.39 24.12
C LYS C 454 -36.15 10.23 25.12
N LEU C 455 -35.47 9.56 26.04
CA LEU C 455 -34.67 10.24 27.07
C LEU C 455 -33.51 11.01 26.44
N HIS C 456 -32.83 10.38 25.48
CA HIS C 456 -31.80 11.02 24.69
C HIS C 456 -32.32 12.30 24.02
N PHE C 457 -33.46 12.21 23.34
CA PHE C 457 -34.10 13.38 22.75
C PHE C 457 -34.34 14.50 23.75
N TRP C 458 -34.94 14.19 24.89
CA TRP C 458 -35.31 15.23 25.85
C TRP C 458 -34.09 15.87 26.53
N MET C 459 -33.06 15.05 26.82
CA MET C 459 -31.80 15.56 27.36
C MET C 459 -31.10 16.49 26.37
N MET C 460 -31.11 16.08 25.09
CA MET C 460 -30.51 16.85 24.01
C MET C 460 -31.28 18.15 23.71
N PHE C 461 -32.60 18.05 23.62
CA PHE C 461 -33.44 19.23 23.36
C PHE C 461 -33.36 20.29 24.47
N VAL C 462 -33.39 19.85 25.72
CA VAL C 462 -33.21 20.75 26.86
C VAL C 462 -31.79 21.33 26.86
N GLY C 463 -30.79 20.45 26.78
CA GLY C 463 -29.38 20.84 26.73
C GLY C 463 -29.03 21.82 25.62
N ALA C 464 -29.49 21.53 24.41
CA ALA C 464 -29.20 22.37 23.24
C ALA C 464 -29.74 23.80 23.38
N ASN C 465 -30.98 23.92 23.86
CA ASN C 465 -31.58 25.22 24.07
C ASN C 465 -30.87 26.01 25.17
N LEU C 466 -30.47 25.32 26.24
CA LEU C 466 -29.75 25.95 27.34
C LEU C 466 -28.37 26.43 26.90
N THR C 467 -27.75 25.71 25.96
CA THR C 467 -26.46 26.08 25.44
C THR C 467 -26.55 27.34 24.58
N PHE C 468 -27.49 27.34 23.63
CA PHE C 468 -27.42 28.33 22.56
C PHE C 468 -28.35 29.53 22.66
N PHE C 469 -29.50 29.37 23.33
CA PHE C 469 -30.37 30.52 23.49
C PHE C 469 -29.73 31.69 24.26
N PRO C 470 -29.02 31.43 25.38
CA PRO C 470 -28.39 32.55 26.12
C PRO C 470 -27.31 33.28 25.34
N GLN C 471 -26.76 32.61 24.32
CA GLN C 471 -25.77 33.24 23.44
C GLN C 471 -26.35 34.40 22.60
N HIS C 472 -27.68 34.43 22.43
CA HIS C 472 -28.34 35.60 21.84
C HIS C 472 -28.14 36.82 22.74
N PHE C 473 -28.26 36.60 24.06
CA PHE C 473 -28.13 37.66 25.07
C PHE C 473 -26.73 38.23 25.06
N LEU C 474 -25.75 37.32 25.03
CA LEU C 474 -24.33 37.67 24.99
C LEU C 474 -23.99 38.50 23.76
N GLY C 475 -24.56 38.13 22.61
CA GLY C 475 -24.41 38.89 21.37
C GLY C 475 -25.04 40.28 21.45
N ARG C 476 -26.25 40.35 21.99
CA ARG C 476 -26.91 41.63 22.19
C ARG C 476 -26.12 42.54 23.14
N GLN C 477 -25.41 41.93 24.09
CA GLN C 477 -24.56 42.67 25.02
C GLN C 477 -23.15 42.96 24.48
N GLY C 478 -22.86 42.45 23.28
CA GLY C 478 -21.65 42.81 22.56
C GLY C 478 -20.46 41.87 22.69
N MET C 479 -20.71 40.62 23.09
CA MET C 479 -19.63 39.65 23.25
C MET C 479 -19.11 39.15 21.91
N PRO C 480 -17.82 39.39 21.62
CA PRO C 480 -17.26 38.98 20.33
C PRO C 480 -17.02 37.48 20.21
N ARG C 481 -16.93 37.02 18.97
CA ARG C 481 -16.53 35.65 18.68
C ARG C 481 -15.03 35.48 18.88
N ARG C 482 -14.65 34.23 19.14
CA ARG C 482 -13.26 33.79 19.13
C ARG C 482 -12.44 34.32 20.31
N TYR C 483 -13.11 34.51 21.45
CA TYR C 483 -12.49 35.01 22.69
C TYR C 483 -12.28 33.95 23.76
N ILE C 484 -11.02 33.81 24.20
CA ILE C 484 -10.66 32.95 25.33
C ILE C 484 -11.28 33.44 26.66
N ASP C 485 -11.44 34.76 26.77
CA ASP C 485 -11.86 35.38 28.03
C ASP C 485 -12.73 36.59 27.72
N TYR C 486 -13.47 37.05 28.71
CA TYR C 486 -14.51 38.06 28.51
C TYR C 486 -14.71 38.89 29.78
N PRO C 487 -15.11 40.17 29.60
CA PRO C 487 -15.52 41.03 30.71
C PRO C 487 -16.50 40.36 31.67
N GLU C 488 -16.31 40.61 32.97
CA GLU C 488 -17.09 40.05 34.08
C GLU C 488 -18.61 40.05 33.87
N ALA C 489 -19.13 41.11 33.25
CA ALA C 489 -20.57 41.27 33.00
C ALA C 489 -21.21 40.19 32.11
N PHE C 490 -20.39 39.47 31.33
CA PHE C 490 -20.89 38.40 30.46
C PHE C 490 -20.99 37.05 31.20
N ALA C 491 -20.71 37.06 32.51
CA ALA C 491 -20.63 35.81 33.32
C ALA C 491 -21.89 34.96 33.36
N THR C 492 -23.04 35.58 33.67
CA THR C 492 -24.29 34.83 33.90
C THR C 492 -24.67 33.92 32.73
N TRP C 493 -24.80 34.51 31.55
CA TRP C 493 -25.26 33.74 30.40
C TRP C 493 -24.19 32.79 29.86
N ASN C 494 -22.92 33.11 30.09
CA ASN C 494 -21.86 32.15 29.74
C ASN C 494 -21.88 30.91 30.62
N PHE C 495 -22.29 31.09 31.88
CA PHE C 495 -22.37 30.00 32.84
C PHE C 495 -23.52 29.05 32.47
N VAL C 496 -24.70 29.63 32.24
CA VAL C 496 -25.87 28.90 31.76
C VAL C 496 -25.55 28.14 30.47
N SER C 497 -24.97 28.83 29.48
CA SER C 497 -24.60 28.22 28.21
C SER C 497 -23.70 26.99 28.42
N SER C 498 -22.75 27.12 29.35
CA SER C 498 -21.82 26.04 29.68
C SER C 498 -22.51 24.83 30.30
N LEU C 499 -23.44 25.08 31.23
CA LEU C 499 -24.24 24.02 31.83
C LEU C 499 -25.06 23.30 30.78
N GLY C 500 -25.64 24.05 29.86
CA GLY C 500 -26.35 23.48 28.71
C GLY C 500 -25.49 22.53 27.90
N ALA C 501 -24.25 22.94 27.64
CA ALA C 501 -23.32 22.12 26.86
C ALA C 501 -22.86 20.86 27.59
N PHE C 502 -22.82 20.93 28.93
CA PHE C 502 -22.44 19.77 29.73
C PHE C 502 -23.56 18.72 29.74
N LEU C 503 -24.80 19.19 29.80
CA LEU C 503 -25.98 18.32 29.71
C LEU C 503 -26.11 17.68 28.32
N SER C 504 -25.91 18.47 27.28
CA SER C 504 -25.88 17.97 25.89
C SER C 504 -24.80 16.91 25.69
N PHE C 505 -23.67 17.05 26.38
CA PHE C 505 -22.58 16.09 26.26
C PHE C 505 -22.93 14.77 26.97
N ALA C 506 -23.54 14.87 28.15
CA ALA C 506 -24.05 13.72 28.88
C ALA C 506 -25.05 12.95 28.02
N SER C 507 -25.91 13.69 27.32
CA SER C 507 -26.90 13.11 26.41
C SER C 507 -26.25 12.35 25.25
N PHE C 508 -25.09 12.83 24.78
CA PHE C 508 -24.39 12.21 23.65
C PHE C 508 -23.64 10.95 24.05
N LEU C 509 -23.12 10.92 25.27
CA LEU C 509 -22.46 9.73 25.82
C LEU C 509 -23.51 8.64 26.03
N PHE C 510 -24.64 9.04 26.62
CA PHE C 510 -25.82 8.19 26.76
C PHE C 510 -26.21 7.60 25.40
N PHE C 511 -26.38 8.46 24.39
CA PHE C 511 -26.62 8.03 23.02
C PHE C 511 -25.63 6.97 22.55
N LEU C 512 -24.34 7.18 22.80
CA LEU C 512 -23.30 6.21 22.41
C LEU C 512 -23.52 4.88 23.15
N GLY C 513 -23.90 4.97 24.43
CA GLY C 513 -24.31 3.82 25.22
C GLY C 513 -25.52 3.12 24.63
N VAL C 514 -26.46 3.92 24.10
CA VAL C 514 -27.67 3.41 23.44
C VAL C 514 -27.35 2.69 22.14
N ILE C 515 -26.50 3.27 21.30
CA ILE C 515 -26.05 2.64 20.06
C ILE C 515 -25.32 1.32 20.34
N PHE C 516 -24.50 1.32 21.39
CA PHE C 516 -23.74 0.13 21.77
C PHE C 516 -24.64 -1.02 22.19
N TYR C 517 -25.61 -0.71 23.06
CA TYR C 517 -26.60 -1.69 23.51
C TYR C 517 -27.43 -2.23 22.34
N THR C 518 -27.85 -1.33 21.45
CA THR C 518 -28.69 -1.71 20.30
C THR C 518 -27.98 -2.72 19.39
N LEU C 519 -26.71 -2.46 19.10
CA LEU C 519 -25.98 -3.28 18.13
C LEU C 519 -25.48 -4.62 18.70
N THR C 520 -25.51 -4.75 20.03
CA THR C 520 -25.05 -5.96 20.69
C THR C 520 -26.21 -6.77 21.28
N ARG C 521 -26.99 -6.16 22.16
CA ARG C 521 -28.02 -6.85 22.93
C ARG C 521 -29.43 -6.27 22.69
N GLY C 522 -29.68 -5.80 21.48
CA GLY C 522 -30.95 -5.17 21.13
C GLY C 522 -31.90 -6.09 20.39
N ALA C 523 -33.17 -6.05 20.80
CA ALA C 523 -34.23 -6.85 20.17
C ALA C 523 -34.06 -6.90 18.66
N ARG C 524 -33.98 -8.13 18.12
CA ARG C 524 -33.76 -8.34 16.69
C ARG C 524 -34.98 -7.93 15.89
N VAL C 525 -34.73 -7.40 14.69
CA VAL C 525 -35.81 -7.00 13.79
C VAL C 525 -36.24 -8.23 12.99
N THR C 526 -37.55 -8.41 12.85
CA THR C 526 -38.10 -9.53 12.07
C THR C 526 -38.69 -9.02 10.75
N ALA C 527 -39.39 -7.90 10.81
CA ALA C 527 -40.11 -7.35 9.65
C ALA C 527 -39.22 -6.56 8.69
N ASN C 528 -39.62 -6.55 7.42
CA ASN C 528 -39.06 -5.66 6.42
C ASN C 528 -39.36 -4.20 6.78
N ASN C 529 -40.64 -3.91 7.00
CA ASN C 529 -41.09 -2.62 7.49
C ASN C 529 -41.61 -2.73 8.92
N TYR C 530 -40.82 -2.27 9.88
CA TYR C 530 -41.16 -2.36 11.29
C TYR C 530 -41.83 -1.08 11.81
N TRP C 531 -42.18 -0.18 10.90
CA TRP C 531 -42.89 1.04 11.28
C TRP C 531 -44.37 0.91 10.96
N ASN C 532 -44.75 1.35 9.76
CA ASN C 532 -46.11 1.24 9.25
C ASN C 532 -46.14 1.40 7.74
N GLU C 533 -47.34 1.22 7.17
CA GLU C 533 -47.58 1.21 5.72
C GLU C 533 -47.26 2.53 5.00
N HIS C 534 -47.09 3.60 5.78
CA HIS C 534 -46.83 4.93 5.23
C HIS C 534 -45.33 5.26 5.06
N ALA C 535 -44.48 4.36 5.54
CA ALA C 535 -43.09 4.30 5.11
C ALA C 535 -43.08 3.54 3.78
N ASP C 536 -43.39 4.26 2.70
CA ASP C 536 -43.73 3.67 1.40
C ASP C 536 -42.60 3.74 0.37
N THR C 537 -41.35 3.70 0.85
CA THR C 537 -40.19 3.74 -0.04
C THR C 537 -39.49 2.39 -0.08
N LEU C 538 -38.67 2.20 -1.13
CA LEU C 538 -38.18 0.87 -1.51
C LEU C 538 -37.38 0.07 -0.49
N GLU C 539 -36.70 0.76 0.44
CA GLU C 539 -35.90 0.07 1.45
C GLU C 539 -36.75 -0.75 2.43
N TRP C 540 -38.02 -0.37 2.54
CA TRP C 540 -38.94 -1.04 3.46
C TRP C 540 -39.60 -2.29 2.84
N THR C 541 -39.41 -2.46 1.52
CA THR C 541 -39.77 -3.69 0.82
C THR C 541 -38.69 -4.78 0.96
N LEU C 542 -37.48 -4.37 1.35
CA LEU C 542 -36.35 -5.28 1.50
C LEU C 542 -36.21 -5.76 2.94
N THR C 543 -35.35 -6.74 3.15
CA THR C 543 -35.11 -7.31 4.48
C THR C 543 -34.32 -6.36 5.40
N SER C 544 -34.18 -6.73 6.68
CA SER C 544 -33.47 -5.91 7.66
C SER C 544 -32.39 -6.72 8.38
N PRO C 545 -31.11 -6.55 7.99
CA PRO C 545 -30.58 -5.68 6.93
C PRO C 545 -30.88 -6.20 5.52
N PRO C 546 -30.78 -5.34 4.49
CA PRO C 546 -30.94 -5.78 3.10
C PRO C 546 -29.86 -6.79 2.69
N PRO C 547 -30.09 -7.58 1.62
CA PRO C 547 -29.09 -8.58 1.24
C PRO C 547 -27.85 -7.92 0.62
N GLU C 548 -26.72 -8.64 0.64
CA GLU C 548 -25.48 -8.17 0.02
C GLU C 548 -25.73 -7.50 -1.34
N HIS C 549 -26.47 -8.18 -2.21
CA HIS C 549 -26.83 -7.64 -3.53
C HIS C 549 -28.33 -7.36 -3.58
N THR C 550 -28.69 -6.18 -4.07
CA THR C 550 -30.09 -5.72 -4.08
C THR C 550 -30.59 -5.41 -5.49
N LEU D 5 -16.61 61.33 34.19
CA LEU D 5 -17.39 60.70 33.09
C LEU D 5 -18.06 59.41 33.55
N GLU D 6 -19.35 59.29 33.21
CA GLU D 6 -20.12 58.08 33.45
C GLU D 6 -19.72 56.97 32.46
N ILE D 7 -19.50 55.76 32.96
CA ILE D 7 -19.27 54.60 32.10
C ILE D 7 -20.63 54.12 31.57
N ILE D 8 -20.83 54.28 30.27
CA ILE D 8 -22.12 53.99 29.64
C ILE D 8 -22.08 52.83 28.66
N GLY D 9 -21.11 52.85 27.75
CA GLY D 9 -20.99 51.84 26.72
C GLY D 9 -20.25 50.64 27.25
N ARG D 10 -20.96 49.80 27.99
CA ARG D 10 -20.38 48.57 28.55
C ARG D 10 -21.45 47.49 28.72
N PRO D 11 -21.03 46.20 28.67
CA PRO D 11 -22.03 45.19 29.02
C PRO D 11 -22.39 45.31 30.51
N GLN D 12 -23.61 44.91 30.86
CA GLN D 12 -24.06 44.88 32.24
C GLN D 12 -24.36 43.44 32.69
N PRO D 13 -24.19 43.15 34.00
CA PRO D 13 -24.42 41.79 34.54
C PRO D 13 -25.83 41.28 34.23
N GLY D 14 -25.92 40.06 33.68
CA GLY D 14 -27.20 39.46 33.30
C GLY D 14 -27.93 40.08 32.12
N GLY D 15 -27.24 40.95 31.38
CA GLY D 15 -27.85 41.68 30.26
C GLY D 15 -28.43 40.77 29.19
N THR D 16 -29.63 41.12 28.73
CA THR D 16 -30.31 40.39 27.67
C THR D 16 -30.53 41.31 26.47
N GLY D 17 -30.34 42.61 26.69
CA GLY D 17 -30.57 43.62 25.67
C GLY D 17 -29.30 44.22 25.10
N PHE D 18 -29.48 45.17 24.20
CA PHE D 18 -28.38 45.96 23.66
C PHE D 18 -27.72 46.79 24.74
N GLN D 19 -26.45 47.11 24.55
CA GLN D 19 -25.79 48.14 25.32
C GLN D 19 -26.50 49.48 25.02
N PRO D 20 -26.47 50.43 25.97
CA PRO D 20 -27.22 51.68 25.75
C PRO D 20 -26.81 52.41 24.45
N SER D 21 -27.75 53.15 23.86
CA SER D 21 -27.47 53.98 22.68
C SER D 21 -26.86 55.33 23.09
N ALA D 22 -25.86 55.76 22.33
CA ALA D 22 -25.25 57.07 22.51
C ALA D 22 -25.08 57.79 21.18
N SER D 23 -25.69 57.25 20.13
CA SER D 23 -25.67 57.87 18.81
C SER D 23 -27.04 57.69 18.13
N PRO D 24 -27.36 58.54 17.14
CA PRO D 24 -28.62 58.37 16.43
C PRO D 24 -28.68 57.06 15.61
N VAL D 25 -27.54 56.60 15.14
CA VAL D 25 -27.44 55.32 14.42
C VAL D 25 -27.72 54.13 15.35
N ALA D 26 -27.15 54.15 16.55
CA ALA D 26 -27.42 53.12 17.55
C ALA D 26 -28.91 53.04 17.84
N THR D 27 -29.52 54.19 18.09
CA THR D 27 -30.97 54.30 18.30
C THR D 27 -31.77 53.65 17.14
N GLN D 28 -31.30 53.84 15.92
CA GLN D 28 -31.96 53.28 14.73
C GLN D 28 -31.82 51.76 14.68
N ILE D 29 -30.68 51.26 15.14
CA ILE D 29 -30.44 49.82 15.23
C ILE D 29 -31.38 49.21 16.26
N HIS D 30 -31.43 49.83 17.44
CA HIS D 30 -32.30 49.37 18.52
C HIS D 30 -33.75 49.30 18.05
N TRP D 31 -34.21 50.36 17.39
CA TRP D 31 -35.56 50.43 16.86
C TRP D 31 -35.84 49.30 15.86
N LEU D 32 -34.98 49.19 14.85
CA LEU D 32 -35.14 48.21 13.78
C LEU D 32 -35.13 46.77 14.30
N ASP D 33 -34.15 46.46 15.15
CA ASP D 33 -34.11 45.16 15.82
C ASP D 33 -35.38 44.90 16.65
N GLY D 34 -35.86 45.91 17.36
CA GLY D 34 -37.07 45.79 18.18
C GLY D 34 -38.33 45.55 17.35
N PHE D 35 -38.35 46.12 16.16
CA PHE D 35 -39.45 45.97 15.21
C PHE D 35 -39.45 44.55 14.61
N ILE D 36 -38.26 44.07 14.21
CA ILE D 36 -38.11 42.71 13.68
C ILE D 36 -38.36 41.67 14.78
N LEU D 37 -37.94 41.97 16.00
CA LEU D 37 -38.11 41.04 17.11
C LEU D 37 -39.57 40.71 17.41
N VAL D 38 -40.46 41.70 17.31
CA VAL D 38 -41.89 41.48 17.52
C VAL D 38 -42.41 40.50 16.45
N ILE D 39 -42.05 40.77 15.20
CA ILE D 39 -42.39 39.95 14.04
C ILE D 39 -41.88 38.50 14.17
N ILE D 40 -40.60 38.33 14.50
CA ILE D 40 -40.00 36.98 14.61
C ILE D 40 -40.43 36.21 15.88
N ALA D 41 -40.79 36.94 16.93
CA ALA D 41 -41.38 36.31 18.12
C ALA D 41 -42.77 35.77 17.78
N ALA D 42 -43.55 36.54 17.01
CA ALA D 42 -44.88 36.14 16.56
C ALA D 42 -44.80 34.87 15.72
N ILE D 43 -43.93 34.88 14.69
CA ILE D 43 -43.65 33.71 13.86
C ILE D 43 -43.27 32.47 14.67
N THR D 44 -42.31 32.63 15.58
CA THR D 44 -41.82 31.52 16.41
C THR D 44 -42.88 30.98 17.36
N ILE D 45 -43.68 31.88 17.94
CA ILE D 45 -44.80 31.47 18.78
C ILE D 45 -45.87 30.76 17.94
N PHE D 46 -46.19 31.36 16.79
CA PHE D 46 -47.15 30.82 15.84
C PHE D 46 -46.81 29.38 15.43
N VAL D 47 -45.58 29.17 14.97
CA VAL D 47 -45.08 27.86 14.56
C VAL D 47 -45.08 26.84 15.69
N THR D 48 -44.67 27.27 16.88
CA THR D 48 -44.60 26.40 18.05
C THR D 48 -46.00 25.93 18.47
N LEU D 49 -46.95 26.88 18.48
CA LEU D 49 -48.34 26.60 18.81
C LEU D 49 -49.01 25.67 17.79
N LEU D 50 -48.72 25.89 16.49
CA LEU D 50 -49.18 25.00 15.43
C LEU D 50 -48.68 23.58 15.62
N ILE D 51 -47.38 23.44 15.89
CA ILE D 51 -46.77 22.13 16.09
C ILE D 51 -47.36 21.41 17.30
N LEU D 52 -47.45 22.10 18.43
CA LEU D 52 -48.01 21.51 19.65
C LEU D 52 -49.49 21.18 19.49
N TYR D 53 -50.22 22.03 18.79
CA TYR D 53 -51.63 21.80 18.54
C TYR D 53 -51.84 20.58 17.63
N ALA D 54 -51.14 20.53 16.49
CA ALA D 54 -51.23 19.41 15.55
C ALA D 54 -50.90 18.08 16.22
N VAL D 55 -49.93 18.11 17.12
CA VAL D 55 -49.51 16.93 17.88
C VAL D 55 -50.58 16.51 18.90
N TRP D 56 -51.24 17.48 19.52
CA TRP D 56 -52.33 17.18 20.46
C TRP D 56 -53.57 16.65 19.72
N ARG D 57 -54.03 17.43 18.75
CA ARG D 57 -55.24 17.15 18.00
C ARG D 57 -55.16 15.87 17.15
N PHE D 58 -54.07 15.71 16.41
CA PHE D 58 -53.96 14.62 15.44
C PHE D 58 -53.09 13.47 15.92
N HIS D 59 -52.92 13.37 17.24
CA HIS D 59 -52.26 12.24 17.85
C HIS D 59 -53.05 10.97 17.50
N GLU D 60 -52.36 9.83 17.43
CA GLU D 60 -52.98 8.58 17.00
C GLU D 60 -54.16 8.11 17.88
N LYS D 61 -54.04 8.28 19.20
CA LYS D 61 -55.12 7.93 20.13
C LYS D 61 -56.40 8.75 19.85
N ARG D 62 -56.24 10.05 19.62
CA ARG D 62 -57.38 10.95 19.38
C ARG D 62 -57.87 10.90 17.92
N ASN D 63 -56.93 10.81 16.98
CA ASN D 63 -57.26 10.74 15.56
C ASN D 63 -56.66 9.47 14.96
N LYS D 64 -57.54 8.53 14.60
CA LYS D 64 -57.11 7.18 14.23
C LYS D 64 -57.02 6.98 12.71
N VAL D 65 -57.72 7.84 11.97
CA VAL D 65 -57.69 7.78 10.51
C VAL D 65 -57.07 9.04 9.93
N PRO D 66 -55.86 8.91 9.34
CA PRO D 66 -55.19 10.03 8.70
C PRO D 66 -55.85 10.48 7.40
N ALA D 67 -55.85 11.79 7.16
CA ALA D 67 -56.34 12.36 5.90
C ALA D 67 -55.34 12.09 4.77
N ARG D 68 -55.72 12.46 3.54
CA ARG D 68 -54.90 12.16 2.37
C ARG D 68 -54.57 13.37 1.51
N PHE D 69 -54.98 14.56 1.95
CA PHE D 69 -54.69 15.79 1.19
C PHE D 69 -53.19 16.07 1.12
N THR D 70 -52.75 16.57 -0.03
CA THR D 70 -51.36 16.96 -0.25
C THR D 70 -51.27 18.31 -0.96
N HIS D 71 -52.43 18.96 -1.14
CA HIS D 71 -52.53 20.29 -1.75
C HIS D 71 -53.57 21.14 -1.01
N ASN D 72 -53.51 22.45 -1.23
CA ASN D 72 -54.49 23.44 -0.74
C ASN D 72 -54.10 24.82 -1.29
N SER D 73 -54.48 25.07 -2.54
CA SER D 73 -54.07 26.28 -3.28
C SER D 73 -54.18 27.62 -2.53
N PRO D 74 -55.39 27.95 -2.00
CA PRO D 74 -55.54 29.19 -1.23
C PRO D 74 -54.53 29.36 -0.08
N LEU D 75 -54.22 28.26 0.60
CA LEU D 75 -53.28 28.26 1.72
C LEU D 75 -51.82 28.39 1.25
N GLU D 76 -51.46 27.63 0.22
CA GLU D 76 -50.11 27.65 -0.35
C GLU D 76 -49.76 29.01 -0.93
N ILE D 77 -50.75 29.69 -1.52
CA ILE D 77 -50.56 31.03 -2.06
C ILE D 77 -50.43 32.04 -0.92
N ALA D 78 -51.31 31.93 0.07
CA ALA D 78 -51.29 32.81 1.25
C ALA D 78 -49.98 32.70 2.04
N TRP D 79 -49.52 31.48 2.30
CA TRP D 79 -48.31 31.27 3.06
C TRP D 79 -47.03 31.55 2.26
N THR D 80 -47.21 31.97 1.00
CA THR D 80 -46.09 32.44 0.18
C THR D 80 -46.09 33.98 0.11
N ILE D 81 -47.28 34.57 0.09
CA ILE D 81 -47.42 36.02 0.03
C ILE D 81 -47.10 36.69 1.37
N VAL D 82 -47.67 36.17 2.45
CA VAL D 82 -47.46 36.74 3.79
C VAL D 82 -45.95 36.91 4.16
N PRO D 83 -45.13 35.85 3.97
CA PRO D 83 -43.68 36.01 4.15
C PRO D 83 -43.09 37.09 3.25
N ILE D 84 -43.47 37.11 1.97
CA ILE D 84 -42.94 38.11 1.03
C ILE D 84 -43.29 39.53 1.50
N VAL D 85 -44.54 39.73 1.90
CA VAL D 85 -45.01 41.03 2.39
C VAL D 85 -44.26 41.46 3.66
N ILE D 86 -44.08 40.52 4.58
CA ILE D 86 -43.33 40.76 5.82
C ILE D 86 -41.92 41.30 5.53
N LEU D 87 -41.22 40.64 4.61
CA LEU D 87 -39.87 41.03 4.23
C LEU D 87 -39.79 42.38 3.52
N VAL D 88 -40.86 42.73 2.80
CA VAL D 88 -40.94 44.03 2.13
C VAL D 88 -41.15 45.13 3.16
N ALA D 89 -42.00 44.87 4.16
CA ALA D 89 -42.22 45.82 5.25
C ALA D 89 -40.94 46.08 6.04
N ILE D 90 -40.19 45.03 6.33
CA ILE D 90 -38.90 45.15 7.03
C ILE D 90 -37.89 45.91 6.15
N GLY D 91 -37.79 45.52 4.89
CA GLY D 91 -36.87 46.15 3.93
C GLY D 91 -37.15 47.64 3.73
N ALA D 92 -38.43 48.00 3.84
CA ALA D 92 -38.87 49.39 3.69
C ALA D 92 -38.39 50.29 4.83
N PHE D 93 -38.26 49.71 6.02
CA PHE D 93 -37.75 50.41 7.19
C PHE D 93 -36.24 50.31 7.31
N SER D 94 -35.68 49.23 6.78
CA SER D 94 -34.27 48.88 6.97
C SER D 94 -33.33 49.58 5.97
N LEU D 95 -33.75 49.68 4.71
CA LEU D 95 -32.93 50.34 3.68
C LEU D 95 -32.59 51.83 3.94
N PRO D 96 -33.57 52.65 4.40
CA PRO D 96 -33.26 54.01 4.84
C PRO D 96 -32.22 54.05 5.96
N VAL D 97 -32.38 53.19 6.97
CA VAL D 97 -31.42 53.10 8.07
C VAL D 97 -30.03 52.70 7.57
N LEU D 98 -29.97 51.77 6.61
CA LEU D 98 -28.70 51.35 6.03
C LEU D 98 -27.99 52.49 5.29
N PHE D 99 -28.77 53.26 4.54
CA PHE D 99 -28.25 54.42 3.79
C PHE D 99 -27.71 55.49 4.75
N ASN D 100 -28.51 55.84 5.75
CA ASN D 100 -28.07 56.77 6.81
C ASN D 100 -26.75 56.34 7.46
N GLN D 101 -26.62 55.04 7.69
CA GLN D 101 -25.48 54.44 8.35
C GLN D 101 -24.22 54.53 7.50
N GLN D 102 -24.36 54.25 6.20
CA GLN D 102 -23.21 54.08 5.30
C GLN D 102 -22.77 55.31 4.51
N GLU D 103 -23.62 56.33 4.45
CA GLU D 103 -23.24 57.56 3.76
C GLU D 103 -22.49 58.47 4.72
N ILE D 104 -21.21 58.69 4.43
CA ILE D 104 -20.35 59.43 5.34
C ILE D 104 -20.65 60.93 5.22
N PRO D 105 -21.06 61.56 6.34
CA PRO D 105 -21.37 62.98 6.31
C PRO D 105 -20.09 63.81 6.45
N GLU D 106 -20.24 65.13 6.38
CA GLU D 106 -19.14 66.06 6.56
C GLU D 106 -18.61 65.88 7.97
N ALA D 107 -17.30 65.69 8.09
CA ALA D 107 -16.67 65.50 9.38
C ALA D 107 -16.46 66.82 10.14
N ASP D 108 -16.77 66.82 11.43
CA ASP D 108 -16.31 67.86 12.35
C ASP D 108 -14.94 67.46 12.90
N VAL D 109 -14.80 66.16 13.21
CA VAL D 109 -13.58 65.58 13.75
C VAL D 109 -13.25 64.33 12.93
N THR D 110 -11.97 64.20 12.61
CA THR D 110 -11.48 63.07 11.83
C THR D 110 -10.40 62.35 12.62
N VAL D 111 -10.56 61.03 12.74
CA VAL D 111 -9.57 60.18 13.39
C VAL D 111 -9.23 59.02 12.46
N LYS D 112 -7.95 58.76 12.29
CA LYS D 112 -7.49 57.61 11.55
C LYS D 112 -7.03 56.56 12.54
N VAL D 113 -7.64 55.38 12.44
CA VAL D 113 -7.39 54.27 13.37
C VAL D 113 -6.70 53.10 12.66
N THR D 114 -5.59 52.66 13.23
CA THR D 114 -4.86 51.51 12.71
C THR D 114 -4.87 50.35 13.71
N GLY D 115 -5.25 49.17 13.22
CA GLY D 115 -5.17 47.92 13.99
C GLY D 115 -3.82 47.24 13.88
N TYR D 116 -3.23 46.92 15.03
CA TYR D 116 -1.99 46.16 15.07
C TYR D 116 -2.15 44.94 15.98
N GLN D 117 -1.28 43.95 15.79
CA GLN D 117 -1.12 42.87 16.76
C GLN D 117 -0.22 43.35 17.94
N TRP D 118 -0.76 43.65 19.12
CA TRP D 118 -2.19 43.64 19.48
C TRP D 118 -2.58 44.92 20.27
N TYR D 119 -2.90 45.97 19.52
CA TYR D 119 -3.23 47.28 20.07
C TYR D 119 -3.73 48.14 18.93
N TRP D 120 -4.28 49.30 19.26
CA TRP D 120 -4.79 50.23 18.28
C TRP D 120 -3.95 51.51 18.28
N GLY D 121 -3.70 52.06 17.09
CA GLY D 121 -3.05 53.35 16.95
C GLY D 121 -4.08 54.37 16.51
N TYR D 122 -4.01 55.57 17.07
CA TYR D 122 -4.94 56.66 16.75
C TYR D 122 -4.16 57.86 16.24
N GLU D 123 -4.63 58.44 15.14
CA GLU D 123 -4.05 59.66 14.59
CA GLU D 123 -4.05 59.67 14.61
C GLU D 123 -5.17 60.67 14.34
N TYR D 124 -4.95 61.91 14.77
CA TYR D 124 -5.89 62.99 14.48
C TYR D 124 -5.17 63.88 13.46
N PRO D 125 -5.44 63.67 12.15
CA PRO D 125 -4.72 64.42 11.11
C PRO D 125 -4.85 65.95 11.18
N ASP D 126 -6.01 66.48 11.57
CA ASP D 126 -6.21 67.92 11.75
C ASP D 126 -5.41 68.51 12.92
N GLU D 127 -5.00 67.67 13.86
CA GLU D 127 -4.41 68.15 15.13
C GLU D 127 -2.97 67.72 15.31
N GLU D 128 -2.46 66.89 14.40
CA GLU D 128 -1.15 66.28 14.53
C GLU D 128 -0.91 65.56 15.86
N ILE D 129 -1.97 64.91 16.36
CA ILE D 129 -1.84 64.03 17.51
C ILE D 129 -1.82 62.58 17.01
N SER D 130 -0.93 61.78 17.59
CA SER D 130 -0.95 60.34 17.36
C SER D 130 -0.49 59.63 18.61
N PHE D 131 -1.15 58.51 18.93
CA PHE D 131 -0.82 57.72 20.11
C PHE D 131 -1.31 56.29 19.92
N GLU D 132 -0.79 55.38 20.75
CA GLU D 132 -1.20 53.98 20.70
C GLU D 132 -1.99 53.68 21.96
N SER D 133 -2.81 52.64 21.91
CA SER D 133 -3.73 52.33 22.99
C SER D 133 -3.69 50.84 23.28
N TYR D 134 -3.21 50.51 24.47
CA TYR D 134 -3.03 49.13 24.93
C TYR D 134 -4.00 48.83 26.05
N MET D 135 -4.51 47.60 26.07
CA MET D 135 -5.32 47.13 27.19
C MET D 135 -4.55 47.33 28.51
N ILE D 136 -5.24 47.80 29.54
CA ILE D 136 -4.63 47.79 30.87
C ILE D 136 -4.56 46.33 31.33
N GLY D 137 -3.35 45.84 31.52
CA GLY D 137 -3.12 44.43 31.78
C GLY D 137 -2.35 43.75 30.67
N SER D 138 -2.20 44.43 29.53
CA SER D 138 -1.40 43.91 28.42
C SER D 138 0.09 43.88 28.80
N PRO D 139 0.89 43.05 28.10
CA PRO D 139 2.37 43.05 28.24
C PRO D 139 3.02 44.44 28.17
N ALA D 140 2.54 45.30 27.27
CA ALA D 140 3.06 46.66 27.13
C ALA D 140 2.85 47.53 28.39
N THR D 141 1.81 47.24 29.16
CA THR D 141 1.57 47.90 30.45
C THR D 141 2.18 47.13 31.62
N GLY D 142 2.96 46.09 31.33
CA GLY D 142 3.60 45.29 32.36
C GLY D 142 2.86 44.04 32.79
N GLY D 143 1.65 43.82 32.26
CA GLY D 143 0.85 42.66 32.66
C GLY D 143 1.01 41.46 31.74
N ASP D 144 0.14 40.47 31.90
CA ASP D 144 0.13 39.33 30.98
C ASP D 144 -1.29 38.86 30.68
N ASN D 145 -2.18 39.83 30.51
CA ASN D 145 -3.55 39.64 30.02
C ASN D 145 -4.53 39.04 31.03
N ARG D 146 -4.19 39.19 32.31
CA ARG D 146 -5.06 38.73 33.41
C ARG D 146 -5.13 39.76 34.54
N MET D 147 -6.22 39.70 35.32
CA MET D 147 -6.36 40.49 36.54
C MET D 147 -5.25 40.14 37.52
N SER D 148 -4.77 41.16 38.23
CA SER D 148 -3.71 41.02 39.23
C SER D 148 -3.77 42.27 40.10
N PRO D 149 -3.11 42.24 41.29
CA PRO D 149 -3.01 43.43 42.14
C PRO D 149 -2.47 44.65 41.39
N GLU D 150 -1.41 44.48 40.61
CA GLU D 150 -0.82 45.55 39.82
C GLU D 150 -1.82 46.12 38.80
N VAL D 151 -2.54 45.23 38.11
CA VAL D 151 -3.53 45.61 37.11
C VAL D 151 -4.69 46.37 37.74
N GLU D 152 -5.20 45.85 38.86
CA GLU D 152 -6.25 46.54 39.61
C GLU D 152 -5.84 47.97 40.00
N GLN D 153 -4.61 48.12 40.49
CA GLN D 153 -4.08 49.45 40.83
C GLN D 153 -3.98 50.35 39.58
N GLN D 154 -3.46 49.79 38.48
CA GLN D 154 -3.43 50.53 37.22
C GLN D 154 -4.81 51.00 36.77
N LEU D 155 -5.82 50.13 36.93
CA LEU D 155 -7.20 50.46 36.55
C LEU D 155 -7.79 51.59 37.39
N ILE D 156 -7.51 51.55 38.70
CA ILE D 156 -8.01 52.58 39.63
C ILE D 156 -7.31 53.91 39.35
N GLU D 157 -6.01 53.85 39.12
CA GLU D 157 -5.22 55.03 38.79
C GLU D 157 -5.64 55.70 37.47
N ALA D 158 -6.11 54.89 36.51
CA ALA D 158 -6.60 55.41 35.23
C ALA D 158 -8.06 55.86 35.29
N GLY D 159 -8.69 55.74 36.46
CA GLY D 159 -10.06 56.21 36.64
C GLY D 159 -11.14 55.17 36.41
N TYR D 160 -10.75 53.91 36.42
CA TYR D 160 -11.69 52.79 36.26
C TYR D 160 -11.69 51.92 37.51
N SER D 161 -12.42 50.81 37.44
CA SER D 161 -12.42 49.83 38.50
C SER D 161 -12.04 48.49 37.89
N ARG D 162 -12.02 47.44 38.70
CA ARG D 162 -11.72 46.10 38.22
C ARG D 162 -12.82 45.53 37.34
N ASP D 163 -14.02 46.09 37.43
CA ASP D 163 -15.14 45.73 36.55
C ASP D 163 -14.86 46.06 35.06
N GLU D 164 -13.96 47.01 34.81
CA GLU D 164 -13.64 47.43 33.44
C GLU D 164 -12.43 46.70 32.87
N PHE D 165 -11.90 45.71 33.59
CA PHE D 165 -10.81 44.89 33.06
C PHE D 165 -11.23 44.18 31.77
N LEU D 166 -10.30 44.17 30.80
CA LEU D 166 -10.52 43.66 29.44
C LEU D 166 -11.15 44.69 28.51
N LEU D 167 -11.72 45.75 29.09
CA LEU D 167 -12.28 46.86 28.32
C LEU D 167 -11.41 48.13 28.33
N ALA D 168 -10.95 48.55 29.52
CA ALA D 168 -10.12 49.75 29.66
C ALA D 168 -8.74 49.67 29.01
N THR D 169 -8.34 50.75 28.36
CA THR D 169 -7.02 50.87 27.76
C THR D 169 -6.27 52.03 28.45
N ASP D 170 -4.94 52.06 28.28
CA ASP D 170 -4.12 53.10 28.93
C ASP D 170 -4.42 54.52 28.41
N THR D 171 -4.63 54.66 27.11
CA THR D 171 -5.02 55.91 26.48
C THR D 171 -6.39 55.73 25.83
N ALA D 172 -7.20 56.79 25.83
CA ALA D 172 -8.51 56.74 25.21
C ALA D 172 -8.56 57.62 23.96
N MET D 173 -9.49 57.31 23.06
CA MET D 173 -9.81 58.19 21.95
C MET D 173 -10.83 59.21 22.44
N VAL D 174 -10.42 60.48 22.48
CA VAL D 174 -11.24 61.54 23.04
C VAL D 174 -11.87 62.32 21.90
N VAL D 175 -13.18 62.56 22.01
CA VAL D 175 -13.96 63.30 21.01
C VAL D 175 -14.98 64.23 21.69
N PRO D 176 -15.35 65.35 21.03
CA PRO D 176 -16.42 66.18 21.60
C PRO D 176 -17.83 65.63 21.35
N VAL D 177 -18.70 65.86 22.33
CA VAL D 177 -20.11 65.51 22.24
C VAL D 177 -20.81 66.33 21.16
N ASN D 178 -21.82 65.72 20.53
CA ASN D 178 -22.66 66.37 19.52
C ASN D 178 -21.95 66.86 18.25
N LYS D 179 -20.81 66.26 17.94
CA LYS D 179 -20.08 66.55 16.72
C LYS D 179 -19.95 65.28 15.87
N THR D 180 -19.97 65.45 14.55
CA THR D 180 -19.85 64.34 13.63
C THR D 180 -18.41 63.88 13.58
N VAL D 181 -18.17 62.64 14.02
CA VAL D 181 -16.85 62.05 14.00
C VAL D 181 -16.73 61.06 12.83
N VAL D 182 -15.71 61.24 12.00
CA VAL D 182 -15.44 60.29 10.93
C VAL D 182 -14.16 59.56 11.26
N VAL D 183 -14.26 58.23 11.32
CA VAL D 183 -13.13 57.38 11.64
C VAL D 183 -12.69 56.68 10.36
N GLN D 184 -11.39 56.76 10.07
CA GLN D 184 -10.82 56.03 8.94
C GLN D 184 -10.06 54.82 9.47
N VAL D 185 -10.47 53.62 9.05
CA VAL D 185 -9.96 52.38 9.65
C VAL D 185 -9.10 51.53 8.69
N THR D 186 -7.95 51.08 9.16
CA THR D 186 -7.10 50.15 8.42
C THR D 186 -6.32 49.23 9.36
N GLY D 187 -5.83 48.12 8.81
CA GLY D 187 -5.00 47.20 9.57
C GLY D 187 -3.54 47.30 9.13
N ALA D 188 -2.64 47.14 10.08
CA ALA D 188 -1.20 47.23 9.78
C ALA D 188 -0.53 45.91 9.41
N ASP D 189 -1.11 44.79 9.84
CA ASP D 189 -0.48 43.48 9.71
C ASP D 189 -1.49 42.42 9.28
N VAL D 190 -2.48 42.14 10.15
CA VAL D 190 -3.59 41.27 9.80
C VAL D 190 -4.87 42.08 9.88
N ILE D 191 -6.00 41.47 9.55
CA ILE D 191 -7.31 42.10 9.72
C ILE D 191 -7.67 42.15 11.20
N HIS D 192 -8.06 43.34 11.65
CA HIS D 192 -8.70 43.53 12.95
C HIS D 192 -10.07 44.12 12.68
N SER D 193 -10.82 44.43 13.72
CA SER D 193 -12.11 45.09 13.51
C SER D 193 -12.43 46.04 14.64
N TRP D 194 -12.69 47.29 14.28
CA TRP D 194 -12.88 48.37 15.24
C TRP D 194 -14.35 48.62 15.43
N THR D 195 -14.78 48.65 16.69
CA THR D 195 -16.20 48.76 16.96
C THR D 195 -16.50 49.44 18.29
N VAL D 196 -17.65 50.11 18.36
CA VAL D 196 -18.21 50.60 19.60
C VAL D 196 -19.72 50.36 19.54
N PRO D 197 -20.21 49.32 20.26
CA PRO D 197 -21.63 48.98 20.34
C PRO D 197 -22.54 50.16 20.66
N ALA D 198 -22.12 51.00 21.62
CA ALA D 198 -22.91 52.16 22.00
C ALA D 198 -23.10 53.15 20.86
N PHE D 199 -22.18 53.19 19.90
CA PHE D 199 -22.35 54.08 18.73
C PHE D 199 -22.99 53.40 17.52
N GLY D 200 -23.15 52.08 17.57
CA GLY D 200 -23.70 51.31 16.44
C GLY D 200 -22.77 51.25 15.25
N VAL D 201 -21.46 51.19 15.54
CA VAL D 201 -20.45 51.17 14.48
C VAL D 201 -19.55 49.95 14.58
N LYS D 202 -19.14 49.46 13.41
CA LYS D 202 -18.17 48.37 13.29
C LYS D 202 -17.61 48.39 11.88
N GLN D 203 -16.29 48.35 11.75
CA GLN D 203 -15.66 48.36 10.45
C GLN D 203 -14.35 47.57 10.54
N ASP D 204 -14.22 46.56 9.67
CA ASP D 204 -12.99 45.77 9.64
C ASP D 204 -11.80 46.65 9.27
N ALA D 205 -10.65 46.31 9.84
CA ALA D 205 -9.40 47.05 9.68
C ALA D 205 -8.51 46.18 8.81
N VAL D 206 -8.67 46.33 7.50
CA VAL D 206 -8.06 45.43 6.54
C VAL D 206 -6.76 46.06 6.03
N PRO D 207 -5.64 45.34 6.15
CA PRO D 207 -4.39 45.82 5.52
C PRO D 207 -4.60 46.19 4.04
N GLY D 208 -4.10 47.36 3.67
CA GLY D 208 -4.17 47.83 2.28
C GLY D 208 -5.46 48.56 1.93
N ARG D 209 -6.41 48.60 2.86
CA ARG D 209 -7.67 49.33 2.63
C ARG D 209 -7.92 50.38 3.71
N LEU D 210 -8.42 51.54 3.31
CA LEU D 210 -8.84 52.54 4.27
C LEU D 210 -10.35 52.72 4.20
N ALA D 211 -11.05 52.17 5.18
CA ALA D 211 -12.51 52.24 5.20
C ALA D 211 -13.00 53.31 6.16
N GLN D 212 -14.18 53.86 5.92
CA GLN D 212 -14.69 54.96 6.76
C GLN D 212 -15.96 54.59 7.51
N LEU D 213 -16.17 55.24 8.66
CA LEU D 213 -17.42 55.12 9.41
C LEU D 213 -17.66 56.46 10.09
N TRP D 214 -18.88 56.70 10.53
CA TRP D 214 -19.16 57.90 11.27
C TRP D 214 -20.05 57.61 12.47
N PHE D 215 -19.93 58.46 13.49
CA PHE D 215 -20.89 58.51 14.59
C PHE D 215 -21.01 59.94 15.09
N ARG D 216 -22.14 60.25 15.71
CA ARG D 216 -22.29 61.49 16.45
C ARG D 216 -22.74 61.11 17.84
N ALA D 217 -21.85 61.26 18.83
CA ALA D 217 -22.20 60.93 20.20
C ALA D 217 -23.16 61.97 20.77
N GLU D 218 -24.26 61.49 21.36
CA GLU D 218 -25.34 62.34 21.83
C GLU D 218 -25.25 62.62 23.33
N ARG D 219 -24.29 61.99 23.99
CA ARG D 219 -24.04 62.26 25.41
C ARG D 219 -22.61 61.94 25.78
N GLU D 220 -22.16 62.54 26.87
CA GLU D 220 -20.80 62.38 27.36
C GLU D 220 -20.70 61.08 28.14
N GLY D 221 -19.49 60.53 28.20
CA GLY D 221 -19.23 59.34 28.99
C GLY D 221 -18.11 58.50 28.42
N ILE D 222 -17.97 57.30 28.95
CA ILE D 222 -16.97 56.35 28.49
C ILE D 222 -17.69 55.19 27.76
N PHE D 223 -17.17 54.80 26.60
CA PHE D 223 -17.77 53.78 25.74
C PHE D 223 -16.69 52.82 25.24
N PHE D 224 -16.92 51.52 25.42
CA PHE D 224 -15.92 50.51 25.11
C PHE D 224 -16.31 49.65 23.90
N GLY D 225 -15.31 49.21 23.18
CA GLY D 225 -15.46 48.19 22.15
C GLY D 225 -14.33 47.19 22.29
N GLN D 226 -14.46 46.07 21.58
CA GLN D 226 -13.43 45.02 21.60
C GLN D 226 -13.14 44.55 20.16
N CYS D 227 -11.88 44.25 19.87
CA CYS D 227 -11.48 43.82 18.52
C CYS D 227 -12.38 42.69 18.03
N SER D 228 -12.90 42.86 16.82
CA SER D 228 -13.98 42.02 16.32
C SER D 228 -13.68 41.25 15.03
N GLU D 229 -12.39 41.00 14.78
CA GLU D 229 -11.99 40.02 13.79
C GLU D 229 -10.76 39.30 14.33
N LEU D 230 -10.85 37.98 14.41
CA LEU D 230 -9.79 37.15 14.94
C LEU D 230 -8.47 37.47 14.27
N CYS D 231 -7.51 37.88 15.10
CA CYS D 231 -6.26 38.48 14.64
C CYS D 231 -5.06 37.82 15.30
N GLY D 232 -5.29 36.67 15.92
CA GLY D 232 -4.21 35.93 16.56
C GLY D 232 -4.34 35.82 18.07
N ILE D 233 -3.18 35.63 18.72
CA ILE D 233 -3.11 35.23 20.13
C ILE D 233 -3.76 36.18 21.16
N SER D 234 -3.73 37.48 20.91
CA SER D 234 -4.30 38.44 21.86
C SER D 234 -5.49 39.21 21.29
N HIS D 235 -6.23 38.53 20.40
CA HIS D 235 -7.51 38.97 19.87
C HIS D 235 -8.44 39.45 20.99
N ALA D 236 -8.51 38.67 22.07
CA ALA D 236 -9.38 38.95 23.21
C ALA D 236 -8.89 40.13 24.06
N TYR D 237 -7.71 40.64 23.73
CA TYR D 237 -6.98 41.55 24.61
C TYR D 237 -6.52 42.85 23.93
N MET D 238 -7.35 43.41 23.04
CA MET D 238 -7.00 44.70 22.40
C MET D 238 -8.23 45.58 22.19
N PRO D 239 -8.81 46.05 23.30
CA PRO D 239 -10.07 46.77 23.31
C PRO D 239 -9.95 48.25 22.90
N ILE D 240 -11.09 48.91 22.91
CA ILE D 240 -11.27 50.27 22.44
C ILE D 240 -11.95 51.06 23.57
N THR D 241 -11.38 52.22 23.89
CA THR D 241 -12.00 53.17 24.82
C THR D 241 -12.16 54.51 24.10
N VAL D 242 -13.40 54.98 24.03
CA VAL D 242 -13.71 56.31 23.52
C VAL D 242 -14.29 57.10 24.69
N LYS D 243 -13.75 58.31 24.90
CA LYS D 243 -14.29 59.24 25.89
C LYS D 243 -14.96 60.38 25.16
N VAL D 244 -16.25 60.57 25.44
CA VAL D 244 -16.98 61.67 24.86
C VAL D 244 -17.08 62.76 25.93
N VAL D 245 -16.61 63.95 25.57
CA VAL D 245 -16.52 65.07 26.53
C VAL D 245 -17.13 66.34 25.94
N SER D 246 -17.14 67.42 26.73
CA SER D 246 -17.64 68.71 26.25
C SER D 246 -16.69 69.24 25.18
N GLU D 247 -17.18 70.15 24.34
CA GLU D 247 -16.32 70.85 23.40
C GLU D 247 -15.09 71.48 24.07
N GLU D 248 -15.29 71.97 25.31
CA GLU D 248 -14.23 72.60 26.10
C GLU D 248 -13.20 71.59 26.58
N ALA D 249 -13.69 70.50 27.18
CA ALA D 249 -12.80 69.44 27.64
C ALA D 249 -12.00 68.82 26.50
N TYR D 250 -12.64 68.67 25.34
CA TYR D 250 -11.95 68.18 24.15
C TYR D 250 -10.79 69.10 23.73
N ALA D 251 -11.09 70.40 23.59
CA ALA D 251 -10.06 71.40 23.27
C ALA D 251 -8.96 71.40 24.33
N ALA D 252 -9.34 71.32 25.60
CA ALA D 252 -8.35 71.23 26.70
C ALA D 252 -7.38 70.08 26.49
N TRP D 253 -7.93 68.92 26.12
CA TRP D 253 -7.14 67.71 25.80
C TRP D 253 -6.25 67.94 24.58
N LEU D 254 -6.79 68.59 23.54
CA LEU D 254 -5.97 68.99 22.39
C LEU D 254 -4.78 69.89 22.77
N GLU D 255 -5.04 70.93 23.59
CA GLU D 255 -3.97 71.84 24.00
C GLU D 255 -2.92 71.14 24.87
N GLN D 256 -3.35 70.18 25.70
CA GLN D 256 -2.40 69.33 26.44
C GLN D 256 -1.41 68.61 25.54
N HIS D 257 -1.83 68.30 24.31
CA HIS D 257 -0.97 67.62 23.33
C HIS D 257 -0.11 68.56 22.51
N HIS D 258 -0.47 69.85 22.48
CA HIS D 258 0.20 70.83 21.62
C HIS D 258 1.59 71.23 22.16
N HIS D 259 2.60 71.10 21.31
CA HIS D 259 4.00 71.42 21.67
C HIS D 259 4.43 72.80 21.18
N HIS D 260 5.02 73.59 22.09
CA HIS D 260 5.47 74.94 21.79
C HIS D 260 6.99 75.02 21.75
FE HEA E . 27.05 -32.72 -10.74
CHA HEA E . 25.40 -31.15 -8.20
CHB HEA E . 26.83 -35.68 -9.02
CHC HEA E . 28.86 -34.25 -13.17
CHD HEA E . 26.98 -29.84 -12.58
NA HEA E . 26.35 -33.29 -8.98
C1A HEA E . 25.57 -32.52 -8.12
C2A HEA E . 24.96 -33.35 -7.10
C3A HEA E . 25.36 -34.59 -7.32
C4A HEA E . 26.22 -34.58 -8.49
CMA HEA E . 24.95 -35.77 -6.49
OMA HEA E . 25.36 -36.90 -6.68
CAA HEA E . 24.03 -32.89 -5.97
CBA HEA E . 24.82 -32.33 -4.79
CGA HEA E . 23.91 -31.89 -3.64
O1A HEA E . 24.33 -32.04 -2.48
O2A HEA E . 22.77 -31.42 -3.87
NB HEA E . 27.68 -34.56 -11.04
C1B HEA E . 27.54 -35.66 -10.20
C2B HEA E . 28.27 -36.77 -10.74
C3B HEA E . 28.84 -36.36 -11.86
C4B HEA E . 28.48 -34.99 -12.08
CMB HEA E . 28.37 -38.16 -10.08
NC HEA E . 27.78 -32.16 -12.48
C1C HEA E . 28.44 -32.95 -13.40
C2C HEA E . 28.67 -32.21 -14.64
C3C HEA E . 28.13 -31.00 -14.48
C4C HEA E . 27.57 -30.94 -13.13
CMC HEA E . 29.38 -32.76 -15.89
CAC HEA E . 28.07 -29.79 -15.47
CBC HEA E . 28.30 -29.87 -16.77
ND HEA E . 26.32 -30.91 -10.46
C1D HEA E . 26.48 -29.81 -11.30
C2D HEA E . 25.98 -28.63 -10.62
C3D HEA E . 25.54 -28.99 -9.42
C4D HEA E . 25.75 -30.41 -9.29
CMD HEA E . 25.96 -27.20 -11.24
CAD HEA E . 24.93 -28.08 -8.32
CBD HEA E . 25.96 -27.68 -7.28
CGD HEA E . 25.28 -26.92 -6.13
O1D HEA E . 24.49 -27.54 -5.40
O2D HEA E . 25.53 -25.71 -5.91
C11 HEA E . 29.76 -37.17 -12.81
O11 HEA E . 30.68 -37.94 -12.05
C12 HEA E . 28.90 -38.09 -13.72
C13 HEA E . 29.81 -39.01 -14.55
C14 HEA E . 30.46 -38.24 -15.69
C15 HEA E . 31.74 -38.39 -16.06
C16 HEA E . 32.21 -37.58 -17.25
C17 HEA E . 33.05 -36.37 -16.86
C18 HEA E . 33.59 -35.66 -18.10
C19 HEA E . 33.75 -34.33 -18.12
C20 HEA E . 34.31 -33.65 -19.36
C21 HEA E . 35.78 -33.29 -19.10
C22 HEA E . 36.38 -32.52 -20.28
C23 HEA E . 37.06 -33.11 -21.30
C24 HEA E . 37.62 -32.28 -22.41
C25 HEA E . 37.28 -34.60 -21.37
C26 HEA E . 32.68 -39.33 -15.36
C27 HEA E . 33.40 -33.48 -16.92
FE HEA F . 16.00 -27.00 -17.15
CHA HEA F . 16.31 -26.45 -13.78
CHB HEA F . 12.54 -26.51 -16.91
CHC HEA F . 15.62 -27.80 -20.50
CHD HEA F . 19.44 -27.05 -17.51
NA HEA F . 14.60 -26.60 -15.56
C1A HEA F . 15.03 -26.25 -14.29
C2A HEA F . 13.88 -25.66 -13.64
C3A HEA F . 12.84 -25.69 -14.49
C4A HEA F . 13.27 -26.29 -15.74
CMA HEA F . 11.45 -25.17 -14.25
OMA HEA F . 10.80 -24.72 -15.18
CAA HEA F . 13.86 -25.13 -12.20
CBA HEA F . 13.63 -26.36 -11.32
CGA HEA F . 13.81 -26.05 -9.84
O1A HEA F . 12.82 -26.24 -9.08
O2A HEA F . 14.92 -25.64 -9.41
NB HEA F . 14.34 -27.16 -18.46
C1B HEA F . 13.02 -26.91 -18.16
C2B HEA F . 12.25 -27.14 -19.37
C3B HEA F . 13.08 -27.51 -20.35
C4B HEA F . 14.43 -27.50 -19.81
CMB HEA F . 10.71 -27.01 -19.52
NC HEA F . 17.34 -27.41 -18.78
C1C HEA F . 16.92 -27.59 -20.07
C2C HEA F . 18.11 -27.51 -20.89
C3C HEA F . 19.17 -27.31 -20.06
C4C HEA F . 18.70 -27.23 -18.69
CMC HEA F . 18.11 -27.65 -22.43
CAC HEA F . 20.63 -27.16 -20.45
CBC HEA F . 21.15 -28.11 -21.24
ND HEA F . 17.61 -26.82 -15.87
C1D HEA F . 18.96 -26.83 -16.21
C2D HEA F . 19.71 -26.57 -14.97
C3D HEA F . 18.83 -26.41 -13.96
C4D HEA F . 17.49 -26.56 -14.50
CMD HEA F . 21.25 -26.51 -14.86
CAD HEA F . 19.04 -26.15 -12.44
CBD HEA F . 20.28 -25.37 -12.01
CGD HEA F . 20.42 -25.36 -10.48
O1D HEA F . 19.43 -25.13 -9.76
O2D HEA F . 21.55 -25.59 -9.99
C11 HEA F . 12.67 -27.75 -21.84
O11 HEA F . 13.28 -26.73 -22.62
C12 HEA F . 13.10 -29.13 -22.38
C13 HEA F . 12.59 -29.41 -23.82
C14 HEA F . 11.99 -30.79 -23.84
C15 HEA F . 12.61 -31.89 -24.31
C16 HEA F . 11.87 -33.20 -24.21
C17 HEA F . 11.78 -33.97 -25.54
C18 HEA F . 10.75 -33.30 -26.44
C19 HEA F . 10.51 -33.73 -27.68
C20 HEA F . 9.48 -33.04 -28.56
C21 HEA F . 8.93 -31.74 -27.97
C22 HEA F . 7.68 -32.08 -27.18
C23 HEA F . 7.19 -31.28 -26.20
C24 HEA F . 7.85 -29.99 -25.83
C25 HEA F . 5.94 -31.70 -25.49
C26 HEA F . 14.00 -31.83 -24.87
C27 HEA F . 11.26 -34.92 -28.23
CU CU1 G . 16.88 -22.10 -16.69
MG MG H . 15.53 -22.87 -3.66
CA CA I . 27.11 -41.50 4.52
C CYN J . 16.34 -24.83 -17.52
N CYN J . 16.23 -23.76 -17.08
C1 DMU K . 45.74 -53.36 -28.16
C2 DMU K . 46.42 -53.74 -29.48
C3 DMU K . 45.43 -53.61 -30.64
C4 DMU K . 44.86 -52.18 -30.64
O5 DMU K . 44.25 -51.91 -29.37
C6 DMU K . 45.21 -51.93 -28.29
O7 DMU K . 46.11 -53.87 -31.87
O16 DMU K . 44.54 -51.56 -27.10
C18 DMU K . 44.47 -50.16 -26.85
C19 DMU K . 44.30 -49.96 -25.35
C22 DMU K . 43.84 -48.57 -24.97
C25 DMU K . 43.10 -48.58 -23.62
C28 DMU K . 44.03 -48.55 -22.42
C31 DMU K . 43.22 -48.26 -21.16
C34 DMU K . 43.96 -48.71 -19.90
C37 DMU K . 43.13 -48.47 -18.65
C40 DMU K . 43.66 -47.26 -17.88
C43 DMU K . 43.17 -47.28 -16.44
O49 DMU K . 46.69 -53.42 -27.12
O55 DMU K . 46.95 -55.07 -29.40
C57 DMU K . 43.91 -51.81 -31.78
O61 DMU K . 42.73 -52.57 -31.70
C5 DMU K . 47.14 -55.88 -32.82
C7 DMU K . 47.71 -55.18 -34.07
C8 DMU K . 46.67 -55.21 -35.18
C9 DMU K . 45.41 -54.47 -34.64
O1 DMU K . 44.93 -55.15 -33.45
C10 DMU K . 45.87 -55.18 -32.36
O2 DMU K . 47.18 -54.69 -36.42
O3 DMU K . 48.10 -55.81 -31.78
O4 DMU K . 48.91 -55.81 -34.47
C11 DMU K . 44.25 -54.31 -35.61
O6 DMU K . 43.91 -55.62 -36.05
C1 DMU L . 41.99 -56.76 -24.89
C2 DMU L . 42.08 -56.31 -26.35
C3 DMU L . 40.83 -56.70 -27.12
C4 DMU L . 39.61 -56.11 -26.40
O5 DMU L . 39.57 -56.57 -25.03
C6 DMU L . 40.72 -56.17 -24.26
O7 DMU L . 40.92 -56.18 -28.46
O16 DMU L . 40.54 -56.55 -22.89
C18 DMU L . 40.78 -55.47 -21.98
C19 DMU L . 39.52 -55.08 -21.21
C22 DMU L . 39.70 -53.72 -20.55
C25 DMU L . 38.97 -53.61 -19.20
C28 DMU L . 38.54 -52.17 -18.93
C31 DMU L . 38.34 -51.85 -17.46
C34 DMU L . 39.29 -50.75 -17.01
C37 DMU L . 38.71 -49.89 -15.89
C40 DMU L . 39.54 -48.63 -15.67
C43 DMU L . 39.99 -48.47 -14.24
O49 DMU L . 43.14 -56.32 -24.19
O55 DMU L . 43.22 -56.85 -26.99
C57 DMU L . 38.29 -56.40 -27.10
O61 DMU L . 38.15 -57.79 -27.35
C5 DMU L . 41.96 -56.87 -30.56
C7 DMU L . 41.40 -55.78 -31.47
C8 DMU L . 40.00 -56.14 -31.98
C9 DMU L . 39.06 -56.51 -30.84
O1 DMU L . 39.65 -57.51 -29.97
C10 DMU L . 40.98 -57.23 -29.45
O2 DMU L . 39.46 -55.04 -32.71
O3 DMU L . 43.18 -56.44 -29.98
O4 DMU L . 42.25 -55.57 -32.58
C11 DMU L . 37.74 -57.07 -31.37
O6 DMU L . 36.73 -56.87 -30.40
C1 DMU M . 49.29 -30.71 -31.58
C2 DMU M . 50.06 -30.51 -32.90
C3 DMU M . 51.15 -31.55 -33.05
C4 DMU M . 50.53 -32.94 -32.97
O5 DMU M . 49.81 -33.08 -31.71
C6 DMU M . 48.74 -32.14 -31.52
O7 DMU M . 51.85 -31.36 -34.31
O16 DMU M . 48.07 -32.41 -30.28
C18 DMU M . 46.66 -32.57 -30.49
C19 DMU M . 46.00 -33.36 -29.36
C22 DMU M . 44.49 -33.10 -29.42
C25 DMU M . 43.69 -34.12 -28.63
C28 DMU M . 42.96 -33.48 -27.46
C31 DMU M . 42.18 -34.51 -26.66
C34 DMU M . 41.60 -33.93 -25.38
C37 DMU M . 42.11 -34.67 -24.15
C40 DMU M . 41.22 -34.46 -22.94
C43 DMU M . 41.95 -34.84 -21.66
O49 DMU M . 48.24 -29.77 -31.52
O55 DMU M . 50.63 -29.21 -32.93
C57 DMU M . 51.57 -34.05 -33.06
O61 DMU M . 50.97 -35.27 -32.68
C1 DMU N . 32.21 -49.80 3.64
C2 DMU N . 30.95 -50.02 4.47
C3 DMU N . 30.38 -48.70 5.00
C4 DMU N . 30.28 -47.64 3.90
O5 DMU N . 31.51 -47.54 3.15
C6 DMU N . 31.95 -48.77 2.53
O7 DMU N . 29.06 -48.89 5.54
O16 DMU N . 33.15 -48.52 1.81
C18 DMU N . 33.01 -47.54 0.79
C19 DMU N . 33.59 -48.06 -0.52
C22 DMU N . 33.45 -46.99 -1.61
C25 DMU N . 34.70 -46.92 -2.48
C28 DMU N . 34.38 -46.45 -3.89
C31 DMU N . 35.56 -45.70 -4.49
C34 DMU N . 35.33 -45.32 -5.94
C37 DMU N . 35.67 -46.45 -6.90
C40 DMU N . 35.89 -45.95 -8.32
C43 DMU N . 36.44 -47.04 -9.21
O49 DMU N . 32.58 -51.04 3.07
O55 DMU N . 31.30 -50.88 5.56
C57 DMU N . 29.92 -46.25 4.44
O61 DMU N . 29.19 -45.56 3.44
C5 DMU N . 27.52 -49.55 7.32
C7 DMU N . 27.13 -48.14 7.72
C8 DMU N . 28.05 -47.68 8.84
C9 DMU N . 29.49 -47.66 8.34
O1 DMU N . 29.85 -48.97 7.83
C10 DMU N . 28.97 -49.55 6.83
O2 DMU N . 27.66 -46.43 9.39
O3 DMU N . 26.65 -50.04 6.31
O4 DMU N . 25.77 -48.11 8.13
C11 DMU N . 30.48 -47.23 9.42
O6 DMU N . 31.74 -46.95 8.81
C1 TRD O . 36.18 -51.97 7.81
C2 TRD O . 36.44 -50.93 6.73
C3 TRD O . 35.66 -51.22 5.46
C4 TRD O . 36.53 -51.06 4.22
C5 TRD O . 36.00 -50.02 3.24
C6 TRD O . 37.06 -49.62 2.22
C7 TRD O . 36.90 -48.19 1.71
C8 TRD O . 37.63 -47.98 0.39
C9 TRD O . 37.69 -46.50 0.02
C10 TRD O . 38.80 -46.21 -0.99
C11 TRD O . 38.35 -45.16 -2.00
C12 TRD O . 39.52 -44.34 -2.55
C13 TRD O . 39.06 -43.42 -3.65
C1 TRD P . 3.75 -44.72 -7.77
C2 TRD P . 4.47 -43.73 -8.69
C3 TRD P . 5.80 -44.32 -9.17
C4 TRD P . 6.34 -43.60 -10.41
C5 TRD P . 7.86 -43.71 -10.51
C6 TRD P . 8.40 -43.29 -11.88
C7 TRD P . 8.95 -41.87 -11.85
C8 TRD P . 10.09 -41.67 -12.83
C9 TRD P . 10.13 -40.22 -13.30
C10 TRD P . 11.22 -40.05 -14.36
C11 TRD P . 10.62 -39.72 -15.73
C12 TRD P . 11.61 -39.90 -16.87
C13 TRD P . 10.91 -40.22 -18.18
C1 TRD Q . -3.50 -22.54 -21.39
C2 TRD Q . -2.00 -22.71 -21.26
C3 TRD Q . -1.27 -22.36 -22.56
C4 TRD Q . 0.25 -22.46 -22.41
C5 TRD Q . 0.87 -23.21 -23.59
C6 TRD Q . 2.04 -22.45 -24.20
C7 TRD Q . 2.64 -23.20 -25.38
C1 TRD R . 12.57 -49.76 -10.67
C2 TRD R . 13.42 -49.28 -11.83
C3 TRD R . 14.91 -49.39 -11.51
C4 TRD R . 15.69 -48.32 -12.28
C5 TRD R . 17.20 -48.48 -12.14
C6 TRD R . 17.92 -47.28 -12.72
C7 TRD R . 18.12 -47.39 -14.23
C1 TRD S . 28.07 -52.49 -34.75
C2 TRD S . 27.05 -53.39 -34.08
C3 TRD S . 27.18 -53.36 -32.56
C4 TRD S . 25.83 -53.31 -31.87
C5 TRD S . 25.42 -51.87 -31.58
C6 TRD S . 24.14 -51.77 -30.74
C7 TRD S . 23.31 -50.54 -31.09
C8 TRD S . 23.76 -49.31 -30.31
C9 TRD S . 22.62 -48.30 -30.13
C10 TRD S . 23.04 -47.13 -29.26
C11 TRD S . 21.81 -46.36 -28.81
C12 TRD S . 22.02 -45.58 -27.51
C13 TRD S . 20.71 -44.94 -27.11
C1 TRD T . 28.77 -52.07 -18.22
C2 TRD T . 29.59 -52.09 -19.49
C3 TRD T . 28.94 -52.92 -20.59
C4 TRD T . 30.02 -53.61 -21.42
C5 TRD T . 29.76 -53.54 -22.93
C6 TRD T . 31.06 -53.78 -23.70
C7 TRD T . 30.88 -53.80 -25.22
C8 TRD T . 32.20 -53.46 -25.90
C9 TRD T . 32.05 -53.38 -27.42
C10 TRD T . 33.38 -53.63 -28.13
C11 TRD T . 33.16 -53.95 -29.62
C12 TRD T . 34.47 -54.32 -30.31
C13 TRD T . 34.64 -53.59 -31.63
C1 HTO U . -5.02 -17.32 24.19
O1 HTO U . -3.89 -16.80 24.91
C2 HTO U . -5.21 -18.80 24.48
O2 HTO U . -4.81 -19.59 23.33
C3 HTO U . -6.65 -19.12 24.89
O3 HTO U . -7.19 -18.11 25.75
C4 HTO U . -6.74 -20.46 25.62
C5 HTO U . -7.77 -21.36 24.97
C6 HTO U . -7.44 -22.81 25.25
C7 HTO U . -8.04 -23.70 24.19
CU CU1 V . 18.59 -25.07 4.91
CU CU1 W . 17.81 -23.81 7.03
CD CD X . -6.31 -21.30 30.27
CD CD Y . 11.53 -28.44 -44.23
C1 DMU Z . 9.34 -40.40 -46.70
C2 DMU Z . 9.76 -40.39 -48.17
C3 DMU Z . 10.07 -38.97 -48.66
C4 DMU Z . 10.98 -38.21 -47.68
O5 DMU Z . 10.52 -38.32 -46.31
C6 DMU Z . 10.36 -39.67 -45.83
O7 DMU Z . 10.74 -39.04 -49.93
O16 DMU Z . 9.86 -39.65 -44.49
C18 DMU Z . 10.87 -39.36 -43.52
C19 DMU Z . 10.43 -39.98 -42.20
C22 DMU Z . 11.30 -39.52 -41.04
C25 DMU Z . 10.66 -39.95 -39.72
C28 DMU Z . 11.66 -39.92 -38.58
C31 DMU Z . 11.41 -38.72 -37.67
C34 DMU Z . 10.52 -39.12 -36.51
C37 DMU Z . 9.88 -37.89 -35.87
C40 DMU Z . 8.46 -38.18 -35.41
C43 DMU Z . 7.75 -36.91 -35.00
O49 DMU Z . 9.19 -41.75 -46.26
O55 DMU Z . 8.72 -40.96 -48.94
C57 DMU Z . 11.10 -36.74 -48.07
O61 DMU Z . 9.94 -36.03 -47.69
C5 DMU Z . 10.05 -39.63 -52.19
C7 DMU Z . 11.43 -39.61 -52.85
C8 DMU Z . 11.91 -38.19 -53.18
C9 DMU Z . 11.71 -37.22 -52.02
O1 DMU Z . 10.36 -37.29 -51.50
C10 DMU Z . 9.93 -38.61 -51.05
O2 DMU Z . 13.28 -38.25 -53.52
O3 DMU Z . 9.81 -40.94 -51.68
O4 DMU Z . 11.39 -40.39 -54.05
C11 DMU Z . 12.00 -35.79 -52.47
O6 DMU Z . 12.37 -34.99 -51.35
C1 DMU AA . -8.24 -16.43 -15.05
C2 DMU AA . -8.60 -16.84 -13.62
C3 DMU AA . -8.86 -18.34 -13.49
C4 DMU AA . -7.72 -19.15 -14.12
O5 DMU AA . -7.42 -18.70 -15.46
C6 DMU AA . -7.08 -17.30 -15.57
O7 DMU AA . -8.95 -18.67 -12.09
O16 DMU AA . -6.80 -16.98 -16.92
O49 DMU AA . -7.83 -15.07 -15.07
O55 DMU AA . -9.74 -16.10 -13.20
C57 DMU AA . -8.03 -20.64 -14.17
O61 DMU AA . -6.85 -21.30 -14.56
C5 DMU AA . -10.57 -18.44 -10.30
C7 DMU AA . -9.73 -19.08 -9.20
C8 DMU AA . -9.80 -20.60 -9.22
C9 DMU AA . -9.55 -21.17 -10.62
O1 DMU AA . -10.37 -20.51 -11.60
C10 DMU AA . -10.28 -19.07 -11.66
O2 DMU AA . -8.85 -21.09 -8.29
O3 DMU AA . -10.33 -17.04 -10.33
O4 DMU AA . -10.19 -18.62 -7.94
C11 DMU AA . -9.92 -22.65 -10.69
O6 DMU AA . -8.96 -23.46 -10.00
FE HEA BA . -19.93 24.83 17.45
CHA HEA BA . -18.09 27.63 17.06
CHB HEA BA . -20.10 25.44 20.83
CHC HEA BA . -21.53 21.90 17.86
CHD HEA BA . -20.00 24.37 14.06
NA HEA BA . -19.20 26.20 18.69
C1A HEA BA . -18.56 27.36 18.31
C2A HEA BA . -18.45 28.26 19.45
C3A HEA BA . -19.02 27.66 20.49
C4A HEA BA . -19.48 26.36 20.05
CMA HEA BA . -19.12 28.22 21.89
OMA HEA BA . -19.73 27.65 22.78
CAA HEA BA . -17.82 29.66 19.42
CBA HEA BA . -16.31 29.64 19.64
CGA HEA BA . -15.76 31.06 19.70
O1A HEA BA . -14.75 31.31 20.41
O2A HEA BA . -16.34 31.96 19.03
NB HEA BA . -20.65 23.89 19.00
C1B HEA BA . -20.61 24.27 20.34
C2B HEA BA . -21.21 23.24 21.16
C3B HEA BA . -21.60 22.27 20.34
C4B HEA BA . -21.26 22.65 18.99
CMB HEA BA . -21.36 23.31 22.69
NC HEA BA . -20.57 23.42 16.22
C1C HEA BA . -21.32 22.31 16.58
C2C HEA BA . -21.84 21.66 15.38
C3C HEA BA . -21.43 22.36 14.32
C4C HEA BA . -20.63 23.45 14.83
CMC HEA BA . -22.74 20.39 15.41
CAC HEA BA . -21.69 22.12 12.82
CBC HEA BA . -22.34 21.07 12.33
ND HEA BA . -19.23 25.78 15.90
C1D HEA BA . -19.27 25.41 14.56
C2D HEA BA . -18.45 26.31 13.78
C3D HEA BA . -17.92 27.21 14.60
C4D HEA BA . -18.40 26.90 15.93
CMD HEA BA . -18.23 26.23 12.24
CAD HEA BA . -16.97 28.37 14.20
CBD HEA BA . -15.49 28.09 14.50
CGD HEA BA . -14.70 29.37 14.27
O1D HEA BA . -14.82 30.27 15.12
O2D HEA BA . -13.98 29.50 13.25
C11 HEA BA . -22.21 20.90 20.76
O11 HEA BA . -21.58 20.43 21.96
C12 HEA BA . -23.72 21.03 20.95
C13 HEA BA . -24.34 19.71 21.44
C14 HEA BA . -24.50 18.69 20.32
C15 HEA BA . -24.24 17.37 20.49
C16 HEA BA . -24.45 16.40 19.35
C17 HEA BA . -23.19 16.13 18.54
C18 HEA BA . -23.53 15.21 17.38
C19 HEA BA . -22.98 15.31 16.16
C20 HEA BA . -23.39 14.32 15.09
C21 HEA BA . -22.38 13.15 15.10
C22 HEA BA . -22.50 12.25 13.89
C23 HEA BA . -23.11 11.04 13.96
C24 HEA BA . -23.17 10.19 12.72
C25 HEA BA . -23.72 10.53 15.23
C26 HEA BA . -23.76 16.81 21.81
C27 HEA BA . -21.95 16.36 15.81
FE HEA CA . -27.33 32.07 8.05
CHA HEA CA . -24.54 33.49 9.24
CHB HEA CA . -28.69 35.20 7.25
CHC HEA CA . -30.44 30.61 7.20
CHD HEA CA . -25.99 28.87 8.39
NA HEA CA . -26.76 34.08 8.31
C1A HEA CA . -25.45 34.37 8.64
C2A HEA CA . -25.23 35.75 8.25
C3A HEA CA . -26.38 36.22 7.71
C4A HEA CA . -27.38 35.16 7.73
CMA HEA CA . -26.62 37.60 7.17
OMA HEA CA . -27.52 37.78 6.36
CAA HEA CA . -23.92 36.50 8.45
CBA HEA CA . -23.91 36.96 9.91
CGA HEA CA . -22.59 37.60 10.30
O1A HEA CA . -22.58 38.82 10.61
O2A HEA CA . -21.56 36.88 10.30
NB HEA CA . -29.27 32.79 7.34
C1B HEA CA . -29.58 34.13 7.11
C2B HEA CA . -30.98 34.15 6.70
C3B HEA CA . -31.47 32.90 6.70
C4B HEA CA . -30.40 32.00 7.09
CMB HEA CA . -31.76 35.42 6.33
NC HEA CA . -28.13 30.02 7.89
C1C HEA CA . -29.38 29.73 7.36
C2C HEA CA . -29.34 28.32 7.02
C3C HEA CA . -28.12 27.84 7.36
C4C HEA CA . -27.31 28.91 7.92
CMC HEA CA . -30.53 27.57 6.40
CAC HEA CA . -27.65 26.40 7.17
CBC HEA CA . -28.38 25.41 7.68
ND HEA CA . -25.59 31.28 8.75
C1D HEA CA . -25.17 29.96 8.73
C2D HEA CA . -23.76 29.97 9.13
C3D HEA CA . -23.38 31.25 9.35
C4D HEA CA . -24.52 32.10 9.13
CMD HEA CA . -22.87 28.71 9.26
CAD HEA CA . -22.03 31.85 9.80
CBD HEA CA . -20.78 31.00 9.59
CGD HEA CA . -19.55 31.65 10.23
O1D HEA CA . -19.41 32.89 10.19
O2D HEA CA . -18.70 30.91 10.77
C11 HEA CA . -32.89 32.48 6.15
O11 HEA CA . -32.71 31.79 4.91
C12 HEA CA . -33.68 31.59 7.12
C13 HEA CA . -35.13 31.30 6.64
C14 HEA CA . -36.08 31.61 7.76
C15 HEA CA . -36.60 30.70 8.60
C16 HEA CA . -37.52 31.20 9.69
C17 HEA CA . -38.89 30.56 9.68
C18 HEA CA . -39.73 31.20 8.61
C19 HEA CA . -40.99 30.79 8.39
C20 HEA CA . -41.84 31.42 7.30
C21 HEA CA . -41.03 32.29 6.34
C22 HEA CA . -41.19 33.74 6.78
C23 HEA CA . -40.38 34.73 6.37
C24 HEA CA . -39.25 34.48 5.41
C25 HEA CA . -40.64 36.12 6.89
C26 HEA CA . -36.29 29.23 8.50
C27 HEA CA . -41.57 29.71 9.25
CU CU1 DA . -24.36 32.21 4.06
MG MG EA . -15.68 39.45 10.65
CA CA FA . -12.66 31.00 32.24
C CYN GA . -26.58 31.91 5.99
N CYN GA . -25.69 32.19 5.33
C1 TRD HA . -33.54 -3.22 29.76
C2 TRD HA . -33.24 -2.14 28.74
C3 TRD HA . -31.88 -1.49 29.04
C4 TRD HA . -31.45 -0.59 27.88
C5 TRD HA . -30.21 0.21 28.24
C6 TRD HA . -30.07 1.45 27.37
C7 TRD HA . -28.61 1.81 27.13
C8 TRD HA . -28.12 2.92 28.07
C9 TRD HA . -26.59 2.97 28.07
C10 TRD HA . -26.06 4.17 28.86
C11 TRD HA . -24.54 4.10 28.99
C12 TRD HA . -23.92 5.47 29.29
C13 TRD HA . -22.42 5.43 29.13
C1 DMU IA . -34.63 1.49 33.46
C2 DMU IA . -35.37 0.65 32.42
C3 DMU IA . -36.77 1.20 32.16
C4 DMU IA . -36.73 2.70 31.86
O5 DMU IA . -35.98 3.41 32.88
C6 DMU IA . -34.62 2.96 33.03
O7 DMU IA . -37.37 0.50 31.05
O16 DMU IA . -33.95 3.74 34.01
O49 DMU IA . -33.29 1.02 33.60
O55 DMU IA . -35.44 -0.69 32.87
C57 DMU IA . -38.11 3.31 31.71
O61 DMU IA . -38.72 3.52 32.97
C5 DMU IA . -38.35 -1.66 30.56
C7 DMU IA . -38.84 -1.33 29.15
C8 DMU IA . -40.21 -0.67 29.18
C9 DMU IA . -40.22 0.54 30.11
O1 DMU IA . -39.70 0.21 31.42
C10 DMU IA . -38.39 -0.42 31.46
O2 DMU IA . -40.57 -0.27 27.86
O3 DMU IA . -37.02 -2.17 30.50
O4 DMU IA . -38.89 -2.52 28.37
C11 DMU IA . -41.64 1.09 30.30
O6 DMU IA . -41.97 1.96 29.22
C1 DMU JA . -14.77 24.88 39.70
C2 DMU JA . -14.94 26.32 40.19
C3 DMU JA . -14.19 27.33 39.30
C4 DMU JA . -14.47 27.05 37.81
O5 DMU JA . -14.30 25.66 37.45
C6 DMU JA . -15.09 24.73 38.21
O7 DMU JA . -14.59 28.68 39.56
O16 DMU JA . -14.78 23.39 37.80
C18 DMU JA . -15.26 23.07 36.49
C19 DMU JA . -16.15 21.84 36.56
C22 DMU JA . -17.01 21.69 35.32
C25 DMU JA . -16.47 20.60 34.39
C28 DMU JA . -17.62 19.92 33.64
C31 DMU JA . -17.16 18.58 33.07
C34 DMU JA . -17.95 18.22 31.82
C37 DMU JA . -19.22 17.45 32.17
C40 DMU JA . -19.43 16.30 31.20
C43 DMU JA . -20.81 15.70 31.35
O49 DMU JA . -15.68 24.06 40.44
O55 DMU JA . -14.43 26.37 41.51
C57 DMU JA . -13.61 27.92 36.90
O61 DMU JA . -14.30 28.05 35.67
C5 DMU JA . -14.35 30.83 40.78
C7 DMU JA . -13.60 31.70 39.77
C8 DMU JA . -12.09 31.47 39.86
C9 DMU JA . -11.75 29.98 39.75
O1 DMU JA . -12.51 29.19 40.69
C10 DMU JA . -13.95 29.35 40.68
O2 DMU JA . -11.42 32.24 38.87
O3 DMU JA . -15.75 30.98 40.55
O4 DMU JA . -13.87 33.07 40.04
C11 DMU JA . -10.27 29.70 39.97
O6 DMU JA . -9.98 28.39 39.50
C1 TRD KA . -11.74 23.61 44.53
C2 TRD KA . -12.75 23.17 43.47
C3 TRD KA . -12.06 22.43 42.33
C4 TRD KA . -13.12 21.83 41.39
C5 TRD KA . -12.48 21.13 40.19
C6 TRD KA . -13.53 20.40 39.34
C7 TRD KA . -13.01 20.19 37.91
C8 TRD KA . -13.70 19.02 37.20
C9 TRD KA . -12.89 18.57 35.98
C10 TRD KA . -13.74 17.70 35.08
C11 TRD KA . -13.13 17.49 33.69
C12 TRD KA . -13.95 16.48 32.89
C13 TRD KA . -13.66 16.56 31.40
C1 TRD LA . -34.85 35.23 30.75
C2 TRD LA . -35.00 33.73 30.56
C3 TRD LA . -34.12 33.25 29.42
C4 TRD LA . -34.47 31.84 28.96
C5 TRD LA . -33.39 30.84 29.38
C6 TRD LA . -32.77 30.09 28.19
C7 TRD LA . -33.49 28.79 27.89
C1 TRD MA . -45.16 13.42 24.84
C2 TRD MA . -44.82 14.87 24.58
C3 TRD MA . -44.25 15.10 23.18
C4 TRD MA . -44.29 16.58 22.81
C5 TRD MA . -43.79 16.82 21.37
C6 TRD MA . -42.35 17.30 21.34
C7 TRD MA . -42.11 18.33 20.24
C8 TRD MA . -40.94 19.26 20.57
C9 TRD MA . -41.05 20.59 19.85
CU CU1 NA . -8.88 40.72 16.99
CU CU1 OA . -7.12 42.59 16.78
CD CD PA . -0.93 75.56 22.20
CD CD QA . -49.98 22.43 -4.18
C1 DMU RA . -58.18 21.36 5.44
C2 DMU RA . -58.99 20.25 4.79
C3 DMU RA . -58.85 20.24 3.27
C4 DMU RA . -57.37 20.20 2.89
O5 DMU RA . -56.63 21.27 3.53
C6 DMU RA . -56.71 21.30 4.97
O7 DMU RA . -59.50 19.08 2.73
O16 DMU RA . -56.03 22.46 5.44
C18 DMU RA . -54.66 22.23 5.75
C19 DMU RA . -54.32 22.98 7.02
C22 DMU RA . -52.83 22.98 7.30
C25 DMU RA . -52.48 24.16 8.20
C28 DMU RA . -51.13 23.96 8.88
C31 DMU RA . -50.05 24.78 8.21
C34 DMU RA . -49.90 26.13 8.90
C37 DMU RA . -49.50 27.22 7.91
C40 DMU RA . -49.82 28.60 8.48
C43 DMU RA . -49.41 29.71 7.52
O49 DMU RA . -58.22 21.22 6.85
O55 DMU RA . -60.36 20.43 5.14
C57 DMU RA . -57.12 20.22 1.38
O61 DMU RA . -57.33 21.52 0.84
C5 DMU RA . -61.72 18.28 2.29
C7 DMU RA . -61.30 16.91 1.76
C8 DMU RA . -60.90 16.96 0.28
C9 DMU RA . -59.90 18.09 0.00
O1 DMU RA . -60.37 19.35 0.54
C10 DMU RA . -60.68 19.35 1.95
O2 DMU RA . -60.33 15.71 -0.08
O3 DMU RA . -61.91 18.20 3.69
O4 DMU RA . -62.35 15.98 1.93
C11 DMU RA . -59.65 18.27 -1.49
O6 DMU RA . -58.29 17.97 -1.79
C1 TRD SA . -34.24 43.46 27.13
C2 TRD SA . -34.38 42.93 25.72
C3 TRD SA . -34.25 41.40 25.77
C4 TRD SA . -34.93 40.70 24.60
C5 TRD SA . -34.26 39.35 24.38
C6 TRD SA . -34.72 38.71 23.08
C7 TRD SA . -33.54 38.23 22.23
C8 TRD SA . -33.80 36.85 21.65
C9 TRD SA . -33.64 36.83 20.14
C10 TRD SA . -33.95 35.45 19.59
C11 TRD SA . -35.33 35.38 18.92
C12 TRD SA . -35.78 33.94 18.67
C13 TRD SA . -37.21 33.73 19.16
C1 TRD TA . -37.56 46.25 0.02
C2 TRD TA . -37.37 45.01 -0.83
C3 TRD TA . -37.29 43.73 0.00
C4 TRD TA . -37.11 42.49 -0.88
C5 TRD TA . -38.13 41.41 -0.52
C6 TRD TA . -37.75 40.06 -1.11
C7 TRD TA . -38.74 39.00 -0.70
C1 DMU UA . -32.99 54.86 -3.11
C2 DMU UA . -32.32 55.86 -2.16
C3 DMU UA . -33.11 56.03 -0.86
C4 DMU UA . -33.63 54.70 -0.28
O5 DMU UA . -34.17 53.83 -1.30
C6 DMU UA . -33.28 53.56 -2.39
O7 DMU UA . -32.26 56.66 0.12
O16 DMU UA . -33.89 52.63 -3.28
O49 DMU UA . -32.12 54.63 -4.22
O55 DMU UA . -32.22 57.11 -2.82
C57 DMU UA . -34.75 54.94 0.73
O61 DMU UA . -34.20 55.35 1.96
C5 DMU UA . -31.34 58.93 0.21
C7 DMU UA . -30.38 58.78 1.37
C8 DMU UA . -31.07 58.90 2.73
C9 DMU UA . -32.33 58.03 2.81
O1 DMU UA . -33.19 58.23 1.67
C10 DMU UA . -32.59 58.05 0.36
O2 DMU UA . -30.14 58.50 3.73
O3 DMU UA . -30.65 58.60 -1.00
O4 DMU UA . -29.40 59.80 1.27
C11 DMU UA . -33.15 58.37 4.06
O6 DMU UA . -32.55 57.83 5.22
#